data_1SYL
# 
_entry.id   1SYL 
# 
_audit_conform.dict_name       mmcif_pdbx.dic 
_audit_conform.dict_version    5.380 
_audit_conform.dict_location   http://mmcif.pdb.org/dictionaries/ascii/mmcif_pdbx.dic 
# 
loop_
_database_2.database_id 
_database_2.database_code 
_database_2.pdbx_database_accession 
_database_2.pdbx_DOI 
PDB   1SYL         pdb_00001syl 10.2210/pdb1syl/pdb 
RCSB  RCSB022095   ?            ?                   
WWPDB D_1000022095 ?            ?                   
# 
loop_
_pdbx_database_related.db_name 
_pdbx_database_related.db_id 
_pdbx_database_related.details 
_pdbx_database_related.content_type 
PDB 1RN8 'wild type dUTPase complexed with substrate analogue imido-dUTP'                      unspecified 
PDB 1RNJ 'mutant dUTPase complexed with substrate analogue imido-dUTP'                         unspecified 
PDB 1RO1 'dUTPase complexed with the high-energy intermediate alfa,beta-aminophosphorane-dUTP' unspecified 
PDB 1SEH 'dUTPase complexed with the product dUMP'                                             unspecified 
# 
_pdbx_database_status.status_code                     REL 
_pdbx_database_status.entry_id                        1SYL 
_pdbx_database_status.recvd_initial_deposition_date   2004-04-01 
_pdbx_database_status.deposit_site                    RCSB 
_pdbx_database_status.process_site                    PDBJ 
_pdbx_database_status.status_code_sf                  REL 
_pdbx_database_status.status_code_mr                  ? 
_pdbx_database_status.SG_entry                        ? 
_pdbx_database_status.status_code_cs                  ? 
_pdbx_database_status.methods_development_category    ? 
_pdbx_database_status.pdb_format_compatible           Y 
_pdbx_database_status.status_code_nmr_data            ? 
# 
loop_
_audit_author.name 
_audit_author.pdbx_ordinal 
'Barabas, O.'    1 
'Kovari, J.'     2 
'Pongracz, V.'   3 
'Wilmanns, M.'   4 
'Vertessy, B.G.' 5 
# 
loop_
_citation.id 
_citation.title 
_citation.journal_abbrev 
_citation.journal_volume 
_citation.page_first 
_citation.page_last 
_citation.year 
_citation.journal_id_ASTM 
_citation.country 
_citation.journal_id_ISSN 
_citation.journal_id_CSD 
_citation.book_publisher 
_citation.pdbx_database_id_PubMed 
_citation.pdbx_database_id_DOI 
primary 'Structural Insights into the Catalytic Mechanism of Phosphate Ester Hydrolysis by dUTPase' J.Biol.Chem.               279 
42907 42915 2004 JBCHA3 US 0021-9258 0071 ? 15208312 10.1074/jbc.M406135200    
1       'Atomic resolution structure of Escherichia coli dUTpase determined ab initio'              'Acta Crystallogr.,Sect.D' 57  
767   774   2001 ABCRE6 DK 0907-4449 0766 ? 11375495 10.1107/S0907444901004255 
# 
loop_
_citation_author.citation_id 
_citation_author.name 
_citation_author.ordinal 
_citation_author.identifier_ORCID 
primary 'Barabas, O.'              1 ? 
primary 'Pongracz, V.'             2 ? 
primary 'Kovari, J.'               3 ? 
primary 'Wilmanns, M.'             4 ? 
primary 'Vertessy, B.G.'           5 ? 
1       'Gonzalez, A.'             6 ? 
1       'Larsson, G.'              7 ? 
1       'Persson, R.'              8 ? 
1       'Cedergren-Zeppezauer, E.' 9 ? 
# 
_cell.entry_id           1SYL 
_cell.length_a           76.421 
_cell.length_b           76.421 
_cell.length_c           100.259 
_cell.angle_alpha        90.00 
_cell.angle_beta         90.00 
_cell.angle_gamma        120.00 
_cell.Z_PDB              12 
_cell.pdbx_unique_axis   ? 
_cell.length_a_esd       ? 
_cell.length_b_esd       ? 
_cell.length_c_esd       ? 
_cell.angle_alpha_esd    ? 
_cell.angle_beta_esd     ? 
_cell.angle_gamma_esd    ? 
# 
_symmetry.entry_id                         1SYL 
_symmetry.space_group_name_H-M             'P 63 2 2' 
_symmetry.pdbx_full_space_group_name_H-M   ? 
_symmetry.cell_setting                     ? 
_symmetry.Int_Tables_number                182 
_symmetry.space_group_name_Hall            ? 
# 
loop_
_entity.id 
_entity.type 
_entity.src_method 
_entity.pdbx_description 
_entity.formula_weight 
_entity.pdbx_number_of_molecules 
_entity.pdbx_ec 
_entity.pdbx_mutation 
_entity.pdbx_fragment 
_entity.details 
1 polymer     man 
;Deoxyuridine 5'-triphosphate nucleotidohydrolase
;
16301.631 1   3.6.1.23 D90N ? ? 
2 non-polymer syn 'MAGNESIUM ION'                                    24.305    1   ?        ?    ? ? 
3 non-polymer syn "DEOXYURIDINE-5'-TRIPHOSPHATE"                     468.142   1   ?        ?    ? ? 
4 non-polymer syn 2-AMINO-2-HYDROXYMETHYL-PROPANE-1,3-DIOL           122.143   2   ?        ?    ? ? 
5 water       nat water                                              18.015    167 ?        ?    ? ? 
# 
_entity_name_com.entity_id   1 
_entity_name_com.name        'dUTPase, dUTP pyrophosphatase' 
# 
_entity_poly.entity_id                      1 
_entity_poly.type                           'polypeptide(L)' 
_entity_poly.nstd_linkage                   no 
_entity_poly.nstd_monomer                   no 
_entity_poly.pdbx_seq_one_letter_code       
;MMKKIDVKILDPRVGKEFPLPTYATSGSAGLDLRACLNDAVELAPGDTTLVPTGLAIHIADPSLAAMMLPRSGLGHKHGI
VLGNLVGLINSDYQGQLMISVWNRGQDSFTIQPGERIAQMIFVPVVQAEFNLVEDFDATDRGEGGFGHSGRQ
;
_entity_poly.pdbx_seq_one_letter_code_can   
;MMKKIDVKILDPRVGKEFPLPTYATSGSAGLDLRACLNDAVELAPGDTTLVPTGLAIHIADPSLAAMMLPRSGLGHKHGI
VLGNLVGLINSDYQGQLMISVWNRGQDSFTIQPGERIAQMIFVPVVQAEFNLVEDFDATDRGEGGFGHSGRQ
;
_entity_poly.pdbx_strand_id                 A 
_entity_poly.pdbx_target_identifier         ? 
# 
loop_
_entity_poly_seq.entity_id 
_entity_poly_seq.num 
_entity_poly_seq.mon_id 
_entity_poly_seq.hetero 
1 1   MET n 
1 2   MET n 
1 3   LYS n 
1 4   LYS n 
1 5   ILE n 
1 6   ASP n 
1 7   VAL n 
1 8   LYS n 
1 9   ILE n 
1 10  LEU n 
1 11  ASP n 
1 12  PRO n 
1 13  ARG n 
1 14  VAL n 
1 15  GLY n 
1 16  LYS n 
1 17  GLU n 
1 18  PHE n 
1 19  PRO n 
1 20  LEU n 
1 21  PRO n 
1 22  THR n 
1 23  TYR n 
1 24  ALA n 
1 25  THR n 
1 26  SER n 
1 27  GLY n 
1 28  SER n 
1 29  ALA n 
1 30  GLY n 
1 31  LEU n 
1 32  ASP n 
1 33  LEU n 
1 34  ARG n 
1 35  ALA n 
1 36  CYS n 
1 37  LEU n 
1 38  ASN n 
1 39  ASP n 
1 40  ALA n 
1 41  VAL n 
1 42  GLU n 
1 43  LEU n 
1 44  ALA n 
1 45  PRO n 
1 46  GLY n 
1 47  ASP n 
1 48  THR n 
1 49  THR n 
1 50  LEU n 
1 51  VAL n 
1 52  PRO n 
1 53  THR n 
1 54  GLY n 
1 55  LEU n 
1 56  ALA n 
1 57  ILE n 
1 58  HIS n 
1 59  ILE n 
1 60  ALA n 
1 61  ASP n 
1 62  PRO n 
1 63  SER n 
1 64  LEU n 
1 65  ALA n 
1 66  ALA n 
1 67  MET n 
1 68  MET n 
1 69  LEU n 
1 70  PRO n 
1 71  ARG n 
1 72  SER n 
1 73  GLY n 
1 74  LEU n 
1 75  GLY n 
1 76  HIS n 
1 77  LYS n 
1 78  HIS n 
1 79  GLY n 
1 80  ILE n 
1 81  VAL n 
1 82  LEU n 
1 83  GLY n 
1 84  ASN n 
1 85  LEU n 
1 86  VAL n 
1 87  GLY n 
1 88  LEU n 
1 89  ILE n 
1 90  ASN n 
1 91  SER n 
1 92  ASP n 
1 93  TYR n 
1 94  GLN n 
1 95  GLY n 
1 96  GLN n 
1 97  LEU n 
1 98  MET n 
1 99  ILE n 
1 100 SER n 
1 101 VAL n 
1 102 TRP n 
1 103 ASN n 
1 104 ARG n 
1 105 GLY n 
1 106 GLN n 
1 107 ASP n 
1 108 SER n 
1 109 PHE n 
1 110 THR n 
1 111 ILE n 
1 112 GLN n 
1 113 PRO n 
1 114 GLY n 
1 115 GLU n 
1 116 ARG n 
1 117 ILE n 
1 118 ALA n 
1 119 GLN n 
1 120 MET n 
1 121 ILE n 
1 122 PHE n 
1 123 VAL n 
1 124 PRO n 
1 125 VAL n 
1 126 VAL n 
1 127 GLN n 
1 128 ALA n 
1 129 GLU n 
1 130 PHE n 
1 131 ASN n 
1 132 LEU n 
1 133 VAL n 
1 134 GLU n 
1 135 ASP n 
1 136 PHE n 
1 137 ASP n 
1 138 ALA n 
1 139 THR n 
1 140 ASP n 
1 141 ARG n 
1 142 GLY n 
1 143 GLU n 
1 144 GLY n 
1 145 GLY n 
1 146 PHE n 
1 147 GLY n 
1 148 HIS n 
1 149 SER n 
1 150 GLY n 
1 151 ARG n 
1 152 GLN n 
# 
_entity_src_gen.entity_id                          1 
_entity_src_gen.pdbx_src_id                        1 
_entity_src_gen.pdbx_alt_source_flag               sample 
_entity_src_gen.pdbx_seq_type                      ? 
_entity_src_gen.pdbx_beg_seq_num                   ? 
_entity_src_gen.pdbx_end_seq_num                   ? 
_entity_src_gen.gene_src_common_name               ? 
_entity_src_gen.gene_src_genus                     Escherichia 
_entity_src_gen.pdbx_gene_src_gene                 DUT 
_entity_src_gen.gene_src_species                   ? 
_entity_src_gen.gene_src_strain                    ? 
_entity_src_gen.gene_src_tissue                    ? 
_entity_src_gen.gene_src_tissue_fraction           ? 
_entity_src_gen.gene_src_details                   ? 
_entity_src_gen.pdbx_gene_src_fragment             ? 
_entity_src_gen.pdbx_gene_src_scientific_name      'Escherichia coli' 
_entity_src_gen.pdbx_gene_src_ncbi_taxonomy_id     562 
_entity_src_gen.pdbx_gene_src_variant              ? 
_entity_src_gen.pdbx_gene_src_cell_line            ? 
_entity_src_gen.pdbx_gene_src_atcc                 ? 
_entity_src_gen.pdbx_gene_src_organ                ? 
_entity_src_gen.pdbx_gene_src_organelle            ? 
_entity_src_gen.pdbx_gene_src_cell                 ? 
_entity_src_gen.pdbx_gene_src_cellular_location    ? 
_entity_src_gen.host_org_common_name               ? 
_entity_src_gen.pdbx_host_org_scientific_name      'Escherichia coli BL21(DE3)' 
_entity_src_gen.pdbx_host_org_ncbi_taxonomy_id     469008 
_entity_src_gen.host_org_genus                     Escherichia 
_entity_src_gen.pdbx_host_org_gene                 ? 
_entity_src_gen.pdbx_host_org_organ                ? 
_entity_src_gen.host_org_species                   'Escherichia coli' 
_entity_src_gen.pdbx_host_org_tissue               ? 
_entity_src_gen.pdbx_host_org_tissue_fraction      ? 
_entity_src_gen.pdbx_host_org_strain               'BL21(DE3)' 
_entity_src_gen.pdbx_host_org_variant              ? 
_entity_src_gen.pdbx_host_org_cell_line            ? 
_entity_src_gen.pdbx_host_org_atcc                 ? 
_entity_src_gen.pdbx_host_org_culture_collection   ? 
_entity_src_gen.pdbx_host_org_cell                 ? 
_entity_src_gen.pdbx_host_org_organelle            ? 
_entity_src_gen.pdbx_host_org_cellular_location    ? 
_entity_src_gen.pdbx_host_org_vector_type          PLASMID 
_entity_src_gen.pdbx_host_org_vector               ? 
_entity_src_gen.host_org_details                   ? 
_entity_src_gen.expression_system_id               ? 
_entity_src_gen.plasmid_name                       PET22B 
_entity_src_gen.plasmid_details                    ? 
_entity_src_gen.pdbx_description                   ? 
# 
_struct_ref.id                         1 
_struct_ref.db_name                    UNP 
_struct_ref.db_code                    DUT_ECOLI 
_struct_ref.pdbx_db_accession          P06968 
_struct_ref.entity_id                  1 
_struct_ref.pdbx_seq_one_letter_code   
;MKKIDVKILDPRVGKEFPLPTYATSGSAGLDLRACLNDAVELAPGDTTLVPTGLAIHIADPSLAAMMLPRSGLGHKHGIV
LGNLVGLIDSDYQGQLMISVWNRGQDSFTIQPGERIAQMIFVPVVQAEFNLVEDFDATDRGEGGFGHSGRQ
;
_struct_ref.pdbx_align_begin           1 
_struct_ref.pdbx_db_isoform            ? 
# 
_struct_ref_seq.align_id                      1 
_struct_ref_seq.ref_id                        1 
_struct_ref_seq.pdbx_PDB_id_code              1SYL 
_struct_ref_seq.pdbx_strand_id                A 
_struct_ref_seq.seq_align_beg                 2 
_struct_ref_seq.pdbx_seq_align_beg_ins_code   ? 
_struct_ref_seq.seq_align_end                 152 
_struct_ref_seq.pdbx_seq_align_end_ins_code   ? 
_struct_ref_seq.pdbx_db_accession             P06968 
_struct_ref_seq.db_align_beg                  1 
_struct_ref_seq.pdbx_db_align_beg_ins_code    ? 
_struct_ref_seq.db_align_end                  151 
_struct_ref_seq.pdbx_db_align_end_ins_code    ? 
_struct_ref_seq.pdbx_auth_seq_align_beg       2 
_struct_ref_seq.pdbx_auth_seq_align_end       152 
# 
loop_
_struct_ref_seq_dif.align_id 
_struct_ref_seq_dif.pdbx_pdb_id_code 
_struct_ref_seq_dif.mon_id 
_struct_ref_seq_dif.pdbx_pdb_strand_id 
_struct_ref_seq_dif.seq_num 
_struct_ref_seq_dif.pdbx_pdb_ins_code 
_struct_ref_seq_dif.pdbx_seq_db_name 
_struct_ref_seq_dif.pdbx_seq_db_accession_code 
_struct_ref_seq_dif.db_mon_id 
_struct_ref_seq_dif.pdbx_seq_db_seq_num 
_struct_ref_seq_dif.details 
_struct_ref_seq_dif.pdbx_auth_seq_num 
_struct_ref_seq_dif.pdbx_ordinal 
1 1SYL MET A 1  ? UNP P06968 ?   ?  'initiating methionine' 1  1 
1 1SYL ASN A 90 ? UNP P06968 ASP 89 'engineered mutation'   90 2 
# 
loop_
_chem_comp.id 
_chem_comp.type 
_chem_comp.mon_nstd_flag 
_chem_comp.name 
_chem_comp.pdbx_synonyms 
_chem_comp.formula 
_chem_comp.formula_weight 
ALA 'L-peptide linking' y ALANINE                                  ?             'C3 H7 N O2'       89.093  
ARG 'L-peptide linking' y ARGININE                                 ?             'C6 H15 N4 O2 1'   175.209 
ASN 'L-peptide linking' y ASPARAGINE                               ?             'C4 H8 N2 O3'      132.118 
ASP 'L-peptide linking' y 'ASPARTIC ACID'                          ?             'C4 H7 N O4'       133.103 
CYS 'L-peptide linking' y CYSTEINE                                 ?             'C3 H7 N O2 S'     121.158 
DUT non-polymer         . "DEOXYURIDINE-5'-TRIPHOSPHATE"           ?             'C9 H15 N2 O14 P3' 468.142 
GLN 'L-peptide linking' y GLUTAMINE                                ?             'C5 H10 N2 O3'     146.144 
GLU 'L-peptide linking' y 'GLUTAMIC ACID'                          ?             'C5 H9 N O4'       147.129 
GLY 'peptide linking'   y GLYCINE                                  ?             'C2 H5 N O2'       75.067  
HIS 'L-peptide linking' y HISTIDINE                                ?             'C6 H10 N3 O2 1'   156.162 
HOH non-polymer         . WATER                                    ?             'H2 O'             18.015  
ILE 'L-peptide linking' y ISOLEUCINE                               ?             'C6 H13 N O2'      131.173 
LEU 'L-peptide linking' y LEUCINE                                  ?             'C6 H13 N O2'      131.173 
LYS 'L-peptide linking' y LYSINE                                   ?             'C6 H15 N2 O2 1'   147.195 
MET 'L-peptide linking' y METHIONINE                               ?             'C5 H11 N O2 S'    149.211 
MG  non-polymer         . 'MAGNESIUM ION'                          ?             'Mg 2'             24.305  
PHE 'L-peptide linking' y PHENYLALANINE                            ?             'C9 H11 N O2'      165.189 
PRO 'L-peptide linking' y PROLINE                                  ?             'C5 H9 N O2'       115.130 
SER 'L-peptide linking' y SERINE                                   ?             'C3 H7 N O3'       105.093 
THR 'L-peptide linking' y THREONINE                                ?             'C4 H9 N O3'       119.119 
TRP 'L-peptide linking' y TRYPTOPHAN                               ?             'C11 H12 N2 O2'    204.225 
TRS non-polymer         . 2-AMINO-2-HYDROXYMETHYL-PROPANE-1,3-DIOL 'TRIS BUFFER' 'C4 H12 N O3 1'    122.143 
TYR 'L-peptide linking' y TYROSINE                                 ?             'C9 H11 N O3'      181.189 
VAL 'L-peptide linking' y VALINE                                   ?             'C5 H11 N O2'      117.146 
# 
_exptl.entry_id          1SYL 
_exptl.method            'X-RAY DIFFRACTION' 
_exptl.crystals_number   1 
# 
_exptl_crystal.id                    1 
_exptl_crystal.density_meas          ? 
_exptl_crystal.density_Matthews      2.6 
_exptl_crystal.density_percent_sol   52.2 
_exptl_crystal.description           ? 
_exptl_crystal.F_000                 ? 
_exptl_crystal.preparation           ? 
# 
_exptl_crystal_grow.crystal_id      1 
_exptl_crystal_grow.method          'VAPOR DIFFUSION, HANGING DROP' 
_exptl_crystal_grow.temp            293 
_exptl_crystal_grow.temp_details    ? 
_exptl_crystal_grow.pH              7.8 
_exptl_crystal_grow.pdbx_details    'PEG 3350, SODIUM ACETATE, TRIS, pH 7.8, VAPOR DIFFUSION, HANGING DROP, temperature 293K' 
_exptl_crystal_grow.pdbx_pH_range   . 
# 
_diffrn.id                     1 
_diffrn.ambient_temp           100 
_diffrn.ambient_temp_details   ? 
_diffrn.crystal_id             1 
# 
_diffrn_detector.diffrn_id              1 
_diffrn_detector.detector               'IMAGE PLATE' 
_diffrn_detector.type                   MARRESEARCH 
_diffrn_detector.pdbx_collection_date   2004-03-15 
_diffrn_detector.details                mirror 
# 
_diffrn_radiation.diffrn_id                        1 
_diffrn_radiation.wavelength_id                    1 
_diffrn_radiation.pdbx_monochromatic_or_laue_m_l   M 
_diffrn_radiation.monochromator                    'TRIANGULAR MONOCHROMATOR' 
_diffrn_radiation.pdbx_diffrn_protocol             'SINGLE WAVELENGTH' 
_diffrn_radiation.pdbx_scattering_type             x-ray 
# 
_diffrn_radiation_wavelength.id           1 
_diffrn_radiation_wavelength.wavelength   0.8414 
_diffrn_radiation_wavelength.wt           1.0 
# 
_diffrn_source.diffrn_id                   1 
_diffrn_source.source                      SYNCHROTRON 
_diffrn_source.type                        'EMBL/DESY, HAMBURG BEAMLINE BW7B' 
_diffrn_source.pdbx_synchrotron_site       'EMBL/DESY, HAMBURG' 
_diffrn_source.pdbx_synchrotron_beamline   BW7B 
_diffrn_source.pdbx_wavelength             ? 
_diffrn_source.pdbx_wavelength_list        0.8414 
# 
_reflns.entry_id                     1SYL 
_reflns.observed_criterion_sigma_F   ? 
_reflns.observed_criterion_sigma_I   -3.0 
_reflns.d_resolution_high            1.90 
_reflns.d_resolution_low             20.0 
_reflns.number_all                   13413 
_reflns.number_obs                   13413 
_reflns.percent_possible_obs         98.3 
_reflns.pdbx_Rmerge_I_obs            ? 
_reflns.pdbx_Rsym_value              0.063 
_reflns.pdbx_netI_over_sigmaI        14.97 
_reflns.B_iso_Wilson_estimate        32.959 
_reflns.pdbx_redundancy              2.88 
_reflns.R_free_details               ? 
_reflns.limit_h_max                  ? 
_reflns.limit_h_min                  ? 
_reflns.limit_k_max                  ? 
_reflns.limit_k_min                  ? 
_reflns.limit_l_max                  ? 
_reflns.limit_l_min                  ? 
_reflns.observed_criterion_F_max     ? 
_reflns.observed_criterion_F_min     ? 
_reflns.pdbx_chi_squared             ? 
_reflns.pdbx_scaling_rejects         ? 
_reflns.pdbx_ordinal                 1 
_reflns.pdbx_diffrn_id               1 
# 
_reflns_shell.d_res_high             1.91 
_reflns_shell.d_res_low              2.03 
_reflns_shell.percent_possible_all   98.5 
_reflns_shell.Rmerge_I_obs           ? 
_reflns_shell.pdbx_Rsym_value        0.484 
_reflns_shell.meanI_over_sigI_obs    2.54 
_reflns_shell.pdbx_redundancy        2.91 
_reflns_shell.percent_possible_obs   ? 
_reflns_shell.number_unique_all      2085 
_reflns_shell.number_measured_all    ? 
_reflns_shell.number_measured_obs    ? 
_reflns_shell.number_unique_obs      ? 
_reflns_shell.pdbx_chi_squared       ? 
_reflns_shell.pdbx_ordinal           1 
_reflns_shell.pdbx_diffrn_id         1 
# 
_refine.entry_id                                 1SYL 
_refine.ls_number_reflns_obs                     12350 
_refine.ls_number_reflns_all                     12350 
_refine.pdbx_ls_sigma_I                          ? 
_refine.pdbx_ls_sigma_F                          ? 
_refine.pdbx_data_cutoff_high_absF               ? 
_refine.pdbx_data_cutoff_low_absF                ? 
_refine.pdbx_data_cutoff_high_rms_absF           ? 
_refine.ls_d_res_low                             20.00 
_refine.ls_d_res_high                            1.95 
_refine.ls_percent_reflns_obs                    98.62 
_refine.ls_R_factor_obs                          0.15971 
_refine.ls_R_factor_all                          0.15971 
_refine.ls_R_factor_R_work                       0.15821 
_refine.ls_R_factor_R_free                       0.1886 
_refine.ls_R_factor_R_free_error                 ? 
_refine.ls_R_factor_R_free_error_details         ? 
_refine.ls_percent_reflns_R_free                 5.0 
_refine.ls_number_reflns_R_free                  645 
_refine.ls_number_parameters                     ? 
_refine.ls_number_restraints                     ? 
_refine.occupancy_min                            ? 
_refine.occupancy_max                            ? 
_refine.correlation_coeff_Fo_to_Fc               0.970 
_refine.correlation_coeff_Fo_to_Fc_free          0.962 
_refine.B_iso_mean                               29.501 
_refine.aniso_B[1][1]                            -0.80 
_refine.aniso_B[2][2]                            -0.80 
_refine.aniso_B[3][3]                            1.21 
_refine.aniso_B[1][2]                            -0.40 
_refine.aniso_B[1][3]                            0.00 
_refine.aniso_B[2][3]                            0.00 
_refine.solvent_model_details                    'BABINET MODEL WITH MASK' 
_refine.solvent_model_param_ksol                 ? 
_refine.solvent_model_param_bsol                 ? 
_refine.pdbx_solvent_vdw_probe_radii             1.40 
_refine.pdbx_solvent_ion_probe_radii             0.80 
_refine.pdbx_solvent_shrinkage_radii             0.80 
_refine.pdbx_ls_cross_valid_method               THROUGHOUT 
_refine.details                                  
;HYDROGENS HAVE BEEN ADDED IN THE RIDING POSITIONS.
The water molecule HOH107 is only partially occupied as indicated by its weak electron density and relatively high refined B-factor. However, the resolution of the structure did not allow sophisticated refinement of water occupancy.
;
_refine.pdbx_starting_model                      'PDB ENTRY 1EUW' 
_refine.pdbx_method_to_determine_struct          'MOLECULAR REPLACEMENT' 
_refine.pdbx_isotropic_thermal_model             ? 
_refine.pdbx_stereochemistry_target_values       'MAXIMUM LIKELIHOOD' 
_refine.pdbx_stereochem_target_val_spec_case     ? 
_refine.pdbx_R_Free_selection_details            RANDOM 
_refine.pdbx_overall_ESU_R                       0.130 
_refine.pdbx_overall_ESU_R_Free                  0.120 
_refine.overall_SU_ML                            0.089 
_refine.overall_SU_B                             3.296 
_refine.ls_redundancy_reflns_obs                 ? 
_refine.B_iso_min                                ? 
_refine.B_iso_max                                ? 
_refine.overall_SU_R_Cruickshank_DPI             ? 
_refine.overall_SU_R_free                        ? 
_refine.ls_wR_factor_R_free                      ? 
_refine.ls_wR_factor_R_work                      ? 
_refine.overall_FOM_free_R_set                   ? 
_refine.overall_FOM_work_R_set                   ? 
_refine.pdbx_refine_id                           'X-RAY DIFFRACTION' 
_refine.pdbx_diffrn_id                           1 
_refine.pdbx_overall_phase_error                 ? 
_refine.pdbx_TLS_residual_ADP_flag               ? 
_refine.pdbx_overall_SU_R_free_Cruickshank_DPI   ? 
_refine.pdbx_overall_SU_R_Blow_DPI               ? 
_refine.pdbx_overall_SU_R_free_Blow_DPI          ? 
# 
_refine_hist.pdbx_refine_id                   'X-RAY DIFFRACTION' 
_refine_hist.cycle_id                         LAST 
_refine_hist.pdbx_number_atoms_protein        1035 
_refine_hist.pdbx_number_atoms_nucleic_acid   0 
_refine_hist.pdbx_number_atoms_ligand         37 
_refine_hist.number_atoms_solvent             167 
_refine_hist.number_atoms_total               1239 
_refine_hist.d_res_high                       1.95 
_refine_hist.d_res_low                        20.00 
# 
loop_
_refine_ls_restr.type 
_refine_ls_restr.dev_ideal 
_refine_ls_restr.dev_ideal_target 
_refine_ls_restr.weight 
_refine_ls_restr.number 
_refine_ls_restr.pdbx_refine_id 
_refine_ls_restr.pdbx_restraint_function 
r_bond_refined_d         0.021  0.022  ? 1101 'X-RAY DIFFRACTION' ? 
r_bond_other_d           0.002  0.020  ? 1029 'X-RAY DIFFRACTION' ? 
r_angle_refined_deg      1.686  2.013  ? 1497 'X-RAY DIFFRACTION' ? 
r_angle_other_deg        0.838  3.000  ? 2401 'X-RAY DIFFRACTION' ? 
r_dihedral_angle_1_deg   6.457  5.000  ? 136  'X-RAY DIFFRACTION' ? 
r_chiral_restr           0.104  0.200  ? 174  'X-RAY DIFFRACTION' ? 
r_gen_planes_refined     0.007  0.020  ? 1178 'X-RAY DIFFRACTION' ? 
r_gen_planes_other       0.004  0.020  ? 194  'X-RAY DIFFRACTION' ? 
r_nbd_refined            0.198  0.200  ? 154  'X-RAY DIFFRACTION' ? 
r_nbd_other              0.257  0.200  ? 1162 'X-RAY DIFFRACTION' ? 
r_nbtor_other            0.087  0.200  ? 691  'X-RAY DIFFRACTION' ? 
r_xyhbond_nbd_refined    0.240  0.200  ? 108  'X-RAY DIFFRACTION' ? 
r_symmetry_vdw_refined   0.160  0.200  ? 12   'X-RAY DIFFRACTION' ? 
r_symmetry_vdw_other     0.275  0.200  ? 129  'X-RAY DIFFRACTION' ? 
r_symmetry_hbond_refined 0.366  0.200  ? 20   'X-RAY DIFFRACTION' ? 
r_mcbond_it              1.466  2.000  ? 686  'X-RAY DIFFRACTION' ? 
r_mcangle_it             3.137  4.000  ? 1109 'X-RAY DIFFRACTION' ? 
r_scbond_it              10.344 20.000 ? 415  'X-RAY DIFFRACTION' ? 
r_scangle_it             13.550 50.000 ? 388  'X-RAY DIFFRACTION' ? 
# 
_refine_ls_shell.pdbx_total_number_of_bins_used   20 
_refine_ls_shell.d_res_high                       1.950 
_refine_ls_shell.d_res_low                        2.000 
_refine_ls_shell.number_reflns_R_work             884 
_refine_ls_shell.R_factor_R_work                  0.277 
_refine_ls_shell.percent_reflns_obs               ? 
_refine_ls_shell.R_factor_R_free                  0.298 
_refine_ls_shell.R_factor_R_free_error            ? 
_refine_ls_shell.percent_reflns_R_free            ? 
_refine_ls_shell.number_reflns_R_free             53 
_refine_ls_shell.number_reflns_obs                ? 
_refine_ls_shell.redundancy_reflns_obs            ? 
_refine_ls_shell.number_reflns_all                ? 
_refine_ls_shell.R_factor_all                     ? 
_refine_ls_shell.pdbx_refine_id                   'X-RAY DIFFRACTION' 
# 
_struct.entry_id                  1SYL 
_struct.title                     'Crystal structure of inactive mutant dUTPase complexed with substrate dUTP' 
_struct.pdbx_model_details        ? 
_struct.pdbx_CASP_flag            ? 
_struct.pdbx_model_type_details   ? 
# 
_struct_keywords.entry_id        1SYL 
_struct_keywords.pdbx_keywords   HYDROLASE 
_struct_keywords.text            'enzyme-ligand complex, jelly roll, HYDROLASE' 
# 
loop_
_struct_asym.id 
_struct_asym.pdbx_blank_PDB_chainid_flag 
_struct_asym.pdbx_modified 
_struct_asym.entity_id 
_struct_asym.details 
A N N 1 ? 
B N N 2 ? 
C N N 3 ? 
D N N 4 ? 
E N N 4 ? 
F N N 5 ? 
# 
_struct_biol.id                    1 
_struct_biol.details               
;The biological assembly is a hexamer generated from the monomer in the asymmetric unit by the operations: 1-y,1+x-y,z and -x+y,1-x,z.
;
_struct_biol.pdbx_parent_biol_id   ? 
# 
_struct_conf.conf_type_id            HELX_P 
_struct_conf.id                      HELX_P1 
_struct_conf.pdbx_PDB_helix_id       1 
_struct_conf.beg_label_comp_id       ARG 
_struct_conf.beg_label_asym_id       A 
_struct_conf.beg_label_seq_id        71 
_struct_conf.pdbx_beg_PDB_ins_code   ? 
_struct_conf.end_label_comp_id       GLY 
_struct_conf.end_label_asym_id       A 
_struct_conf.end_label_seq_id        79 
_struct_conf.pdbx_end_PDB_ins_code   ? 
_struct_conf.beg_auth_comp_id        ARG 
_struct_conf.beg_auth_asym_id        A 
_struct_conf.beg_auth_seq_id         71 
_struct_conf.end_auth_comp_id        GLY 
_struct_conf.end_auth_asym_id        A 
_struct_conf.end_auth_seq_id         79 
_struct_conf.pdbx_PDB_helix_class    1 
_struct_conf.details                 ? 
_struct_conf.pdbx_PDB_helix_length   9 
# 
_struct_conf_type.id          HELX_P 
_struct_conf_type.criteria    ? 
_struct_conf_type.reference   ? 
# 
loop_
_struct_conn.id 
_struct_conn.conn_type_id 
_struct_conn.pdbx_leaving_atom_flag 
_struct_conn.pdbx_PDB_id 
_struct_conn.ptnr1_label_asym_id 
_struct_conn.ptnr1_label_comp_id 
_struct_conn.ptnr1_label_seq_id 
_struct_conn.ptnr1_label_atom_id 
_struct_conn.pdbx_ptnr1_label_alt_id 
_struct_conn.pdbx_ptnr1_PDB_ins_code 
_struct_conn.pdbx_ptnr1_standard_comp_id 
_struct_conn.ptnr1_symmetry 
_struct_conn.ptnr2_label_asym_id 
_struct_conn.ptnr2_label_comp_id 
_struct_conn.ptnr2_label_seq_id 
_struct_conn.ptnr2_label_atom_id 
_struct_conn.pdbx_ptnr2_label_alt_id 
_struct_conn.pdbx_ptnr2_PDB_ins_code 
_struct_conn.ptnr1_auth_asym_id 
_struct_conn.ptnr1_auth_comp_id 
_struct_conn.ptnr1_auth_seq_id 
_struct_conn.ptnr2_auth_asym_id 
_struct_conn.ptnr2_auth_comp_id 
_struct_conn.ptnr2_auth_seq_id 
_struct_conn.ptnr2_symmetry 
_struct_conn.pdbx_ptnr3_label_atom_id 
_struct_conn.pdbx_ptnr3_label_seq_id 
_struct_conn.pdbx_ptnr3_label_comp_id 
_struct_conn.pdbx_ptnr3_label_asym_id 
_struct_conn.pdbx_ptnr3_label_alt_id 
_struct_conn.pdbx_ptnr3_PDB_ins_code 
_struct_conn.details 
_struct_conn.pdbx_dist_value 
_struct_conn.pdbx_value_order 
_struct_conn.pdbx_role 
metalc1 metalc ? ? C DUT . O1A ? ? ? 1_555 B MG  . MG ? ? A DUT 777 A MG  997  1_555 ? ? ? ? ? ? ? 2.075 ? ? 
metalc2 metalc ? ? C DUT . O1B ? ? ? 1_555 B MG  . MG ? ? A DUT 777 A MG  997  1_555 ? ? ? ? ? ? ? 2.077 ? ? 
metalc3 metalc ? ? C DUT . O2G ? ? ? 1_555 B MG  . MG ? ? A DUT 777 A MG  997  1_555 ? ? ? ? ? ? ? 2.181 ? ? 
metalc4 metalc ? ? B MG  . MG  ? ? ? 1_555 F HOH . O  ? ? A MG  997 A HOH 1010 1_555 ? ? ? ? ? ? ? 2.020 ? ? 
metalc5 metalc ? ? B MG  . MG  ? ? ? 1_555 F HOH . O  ? ? A MG  997 A HOH 1033 1_555 ? ? ? ? ? ? ? 2.174 ? ? 
metalc6 metalc ? ? B MG  . MG  ? ? ? 1_555 F HOH . O  ? ? A MG  997 A HOH 1083 1_555 ? ? ? ? ? ? ? 2.111 ? ? 
# 
_struct_conn_type.id          metalc 
_struct_conn_type.criteria    ? 
_struct_conn_type.reference   ? 
# 
loop_
_struct_sheet.id 
_struct_sheet.type 
_struct_sheet.number_strands 
_struct_sheet.details 
A ? 4 ? 
B ? 4 ? 
C ? 2 ? 
# 
loop_
_struct_sheet_order.sheet_id 
_struct_sheet_order.range_id_1 
_struct_sheet_order.range_id_2 
_struct_sheet_order.offset 
_struct_sheet_order.sense 
A 1 2 ? anti-parallel 
A 2 3 ? anti-parallel 
A 3 4 ? anti-parallel 
B 1 2 ? anti-parallel 
B 2 3 ? anti-parallel 
B 3 4 ? anti-parallel 
C 1 2 ? anti-parallel 
# 
loop_
_struct_sheet_range.sheet_id 
_struct_sheet_range.id 
_struct_sheet_range.beg_label_comp_id 
_struct_sheet_range.beg_label_asym_id 
_struct_sheet_range.beg_label_seq_id 
_struct_sheet_range.pdbx_beg_PDB_ins_code 
_struct_sheet_range.end_label_comp_id 
_struct_sheet_range.end_label_asym_id 
_struct_sheet_range.end_label_seq_id 
_struct_sheet_range.pdbx_end_PDB_ins_code 
_struct_sheet_range.beg_auth_comp_id 
_struct_sheet_range.beg_auth_asym_id 
_struct_sheet_range.beg_auth_seq_id 
_struct_sheet_range.end_auth_comp_id 
_struct_sheet_range.end_auth_asym_id 
_struct_sheet_range.end_auth_seq_id 
A 1 ASP A 6   ? ILE A 9   ? ASP A 6   ILE A 9   
A 2 THR A 48  ? HIS A 58  ? THR A 48  HIS A 58  
A 3 GLN A 96  ? ASN A 103 ? GLN A 96  ASN A 103 
A 4 ILE A 80  ? LEU A 82  ? ILE A 80  LEU A 82  
B 1 LEU A 31  ? ARG A 34  ? LEU A 31  ARG A 34  
B 2 ARG A 116 ? PRO A 124 ? ARG A 116 PRO A 124 
B 3 LEU A 64  ? LEU A 69  ? LEU A 64  LEU A 69  
B 4 GLY A 87  ? ILE A 89  ? GLY A 87  ILE A 89  
C 1 VAL A 41  ? LEU A 43  ? VAL A 41  LEU A 43  
C 2 PHE A 109 ? ILE A 111 ? PHE A 109 ILE A 111 
# 
loop_
_pdbx_struct_sheet_hbond.sheet_id 
_pdbx_struct_sheet_hbond.range_id_1 
_pdbx_struct_sheet_hbond.range_id_2 
_pdbx_struct_sheet_hbond.range_1_label_atom_id 
_pdbx_struct_sheet_hbond.range_1_label_comp_id 
_pdbx_struct_sheet_hbond.range_1_label_asym_id 
_pdbx_struct_sheet_hbond.range_1_label_seq_id 
_pdbx_struct_sheet_hbond.range_1_PDB_ins_code 
_pdbx_struct_sheet_hbond.range_1_auth_atom_id 
_pdbx_struct_sheet_hbond.range_1_auth_comp_id 
_pdbx_struct_sheet_hbond.range_1_auth_asym_id 
_pdbx_struct_sheet_hbond.range_1_auth_seq_id 
_pdbx_struct_sheet_hbond.range_2_label_atom_id 
_pdbx_struct_sheet_hbond.range_2_label_comp_id 
_pdbx_struct_sheet_hbond.range_2_label_asym_id 
_pdbx_struct_sheet_hbond.range_2_label_seq_id 
_pdbx_struct_sheet_hbond.range_2_PDB_ins_code 
_pdbx_struct_sheet_hbond.range_2_auth_atom_id 
_pdbx_struct_sheet_hbond.range_2_auth_comp_id 
_pdbx_struct_sheet_hbond.range_2_auth_asym_id 
_pdbx_struct_sheet_hbond.range_2_auth_seq_id 
A 1 2 N LYS A 8   ? N LYS A 8   O ALA A 56  ? O ALA A 56  
A 2 3 N VAL A 51  ? N VAL A 51  O ILE A 99  ? O ILE A 99  
A 3 4 O TRP A 102 ? O TRP A 102 N VAL A 81  ? N VAL A 81  
B 1 2 N LEU A 31  ? N LEU A 31  O MET A 120 ? O MET A 120 
B 2 3 O GLN A 119 ? O GLN A 119 N LEU A 69  ? N LEU A 69  
B 3 4 N MET A 68  ? N MET A 68  O GLY A 87  ? O GLY A 87  
C 1 2 N LEU A 43  ? N LEU A 43  O PHE A 109 ? O PHE A 109 
# 
loop_
_struct_site.id 
_struct_site.pdbx_evidence_code 
_struct_site.pdbx_auth_asym_id 
_struct_site.pdbx_auth_comp_id 
_struct_site.pdbx_auth_seq_id 
_struct_site.pdbx_auth_ins_code 
_struct_site.pdbx_num_residues 
_struct_site.details 
AC1 Software A MG  997 ? 4  'BINDING SITE FOR RESIDUE MG A 997'  
AC2 Software A DUT 777 ? 24 'BINDING SITE FOR RESIDUE DUT A 777' 
AC3 Software A TRS 501 ? 6  'BINDING SITE FOR RESIDUE TRS A 501' 
AC4 Software A TRS 502 ? 4  'BINDING SITE FOR RESIDUE TRS A 502' 
# 
loop_
_struct_site_gen.id 
_struct_site_gen.site_id 
_struct_site_gen.pdbx_num_res 
_struct_site_gen.label_comp_id 
_struct_site_gen.label_asym_id 
_struct_site_gen.label_seq_id 
_struct_site_gen.pdbx_auth_ins_code 
_struct_site_gen.auth_comp_id 
_struct_site_gen.auth_asym_id 
_struct_site_gen.auth_seq_id 
_struct_site_gen.label_atom_id 
_struct_site_gen.label_alt_id 
_struct_site_gen.symmetry 
_struct_site_gen.details 
1  AC1 4  DUT C .   ? DUT A 777  . ? 1_555 ? 
2  AC1 4  HOH F .   ? HOH A 1010 . ? 1_555 ? 
3  AC1 4  HOH F .   ? HOH A 1033 . ? 1_555 ? 
4  AC1 4  HOH F .   ? HOH A 1083 . ? 1_555 ? 
5  AC2 24 MET A 68  ? MET A 68   . ? 1_555 ? 
6  AC2 24 ARG A 71  ? ARG A 71   . ? 2_655 ? 
7  AC2 24 SER A 72  ? SER A 72   . ? 2_655 ? 
8  AC2 24 GLY A 73  ? GLY A 73   . ? 2_655 ? 
9  AC2 24 ASN A 84  ? ASN A 84   . ? 1_555 ? 
10 AC2 24 GLY A 87  ? GLY A 87   . ? 1_555 ? 
11 AC2 24 LEU A 88  ? LEU A 88   . ? 1_555 ? 
12 AC2 24 ILE A 89  ? ILE A 89   . ? 1_555 ? 
13 AC2 24 ASN A 90  ? ASN A 90   . ? 1_555 ? 
14 AC2 24 TYR A 93  ? TYR A 93   . ? 1_555 ? 
15 AC2 24 MET A 98  ? MET A 98   . ? 1_555 ? 
16 AC2 24 GLN A 119 ? GLN A 119  . ? 2_655 ? 
17 AC2 24 MG  B .   ? MG  A 997  . ? 1_555 ? 
18 AC2 24 HOH F .   ? HOH A 1004 . ? 1_555 ? 
19 AC2 24 HOH F .   ? HOH A 1005 . ? 1_555 ? 
20 AC2 24 HOH F .   ? HOH A 1006 . ? 1_555 ? 
21 AC2 24 HOH F .   ? HOH A 1010 . ? 1_555 ? 
22 AC2 24 HOH F .   ? HOH A 1012 . ? 1_555 ? 
23 AC2 24 HOH F .   ? HOH A 1033 . ? 1_555 ? 
24 AC2 24 HOH F .   ? HOH A 1038 . ? 1_555 ? 
25 AC2 24 HOH F .   ? HOH A 1058 . ? 1_555 ? 
26 AC2 24 HOH F .   ? HOH A 1083 . ? 1_555 ? 
27 AC2 24 HOH F .   ? HOH A 1084 . ? 1_555 ? 
28 AC2 24 HOH F .   ? HOH A 1095 . ? 1_555 ? 
29 AC3 6  TRP A 102 ? TRP A 102  . ? 3_665 ? 
30 AC3 6  TRP A 102 ? TRP A 102  . ? 1_555 ? 
31 AC3 6  TRP A 102 ? TRP A 102  . ? 2_655 ? 
32 AC3 6  ARG A 104 ? ARG A 104  . ? 1_555 ? 
33 AC3 6  HOH F .   ? HOH A 1048 . ? 2_655 ? 
34 AC3 6  HOH F .   ? HOH A 1102 . ? 1_555 ? 
35 AC4 4  PRO A 124 ? PRO A 124  . ? 2_655 ? 
36 AC4 4  HOH F .   ? HOH A 1110 . ? 1_555 ? 
37 AC4 4  HOH F .   ? HOH A 1110 . ? 2_655 ? 
38 AC4 4  HOH F .   ? HOH A 1140 . ? 3_665 ? 
# 
_atom_sites.entry_id                    1SYL 
_atom_sites.fract_transf_matrix[1][1]   0.00259945 
_atom_sites.fract_transf_matrix[1][2]   -0.01291581 
_atom_sites.fract_transf_matrix[1][3]   -0.00739730 
_atom_sites.fract_transf_matrix[2][1]   -0.00379936 
_atom_sites.fract_transf_matrix[2][2]   -0.01320406 
_atom_sites.fract_transf_matrix[2][3]   0.00628727 
_atom_sites.fract_transf_matrix[3][1]   -0.00902385 
_atom_sites.fract_transf_matrix[3][2]   0.00059333 
_atom_sites.fract_transf_matrix[3][3]   -0.00420699 
_atom_sites.fract_transf_vector[1]      0.744083 
_atom_sites.fract_transf_vector[2]      0.236700 
_atom_sites.fract_transf_vector[3]      0.450716 
# 
loop_
_atom_type.symbol 
C  
MG 
N  
O  
P  
S  
# 
loop_
_atom_site.group_PDB 
_atom_site.id 
_atom_site.type_symbol 
_atom_site.label_atom_id 
_atom_site.label_alt_id 
_atom_site.label_comp_id 
_atom_site.label_asym_id 
_atom_site.label_entity_id 
_atom_site.label_seq_id 
_atom_site.pdbx_PDB_ins_code 
_atom_site.Cartn_x 
_atom_site.Cartn_y 
_atom_site.Cartn_z 
_atom_site.occupancy 
_atom_site.B_iso_or_equiv 
_atom_site.pdbx_formal_charge 
_atom_site.auth_seq_id 
_atom_site.auth_comp_id 
_atom_site.auth_asym_id 
_atom_site.auth_atom_id 
_atom_site.pdbx_PDB_model_num 
ATOM   1    N  N     . MET A 1 1   ? 14.564  4.528   12.814  1.00 54.10  ? 1    MET A N     1 
ATOM   2    C  CA    . MET A 1 1   ? 15.452  3.466   12.256  1.00 51.37  ? 1    MET A CA    1 
ATOM   3    C  C     . MET A 1 1   ? 15.289  3.355   10.752  1.00 47.68  ? 1    MET A C     1 
ATOM   4    O  O     . MET A 1 1   ? 14.188  3.516   10.221  1.00 45.91  ? 1    MET A O     1 
ATOM   5    C  CB    . MET A 1 1   ? 15.154  2.131   12.883  1.00 52.43  ? 1    MET A CB    1 
ATOM   6    C  CG    . MET A 1 1   ? 16.265  1.145   12.689  1.00 59.26  ? 1    MET A CG    1 
ATOM   7    S  SD    . MET A 1 1   ? 15.868  -0.326  11.725  1.00 133.54 ? 1    MET A SD    1 
ATOM   8    C  CE    . MET A 1 1   ? 14.671  -1.138  12.848  1.00 112.48 ? 1    MET A CE    1 
ATOM   9    N  N     . MET A 1 2   ? 16.400  3.087   10.081  1.00 44.08  ? 2    MET A N     1 
ATOM   10   C  CA    . MET A 1 2   ? 16.477  3.116   8.630   1.00 43.35  ? 2    MET A CA    1 
ATOM   11   C  C     . MET A 1 2   ? 16.722  1.716   8.113   1.00 41.50  ? 2    MET A C     1 
ATOM   12   O  O     . MET A 1 2   ? 17.406  0.894   8.743   1.00 40.45  ? 2    MET A O     1 
ATOM   13   C  CB    . MET A 1 2   ? 17.601  4.058   8.165   1.00 43.58  ? 2    MET A CB    1 
ATOM   14   C  CG    . MET A 1 2   ? 17.276  5.553   8.422   1.00 54.09  ? 2    MET A CG    1 
ATOM   15   S  SD    . MET A 1 2   ? 18.710  6.687   8.623   1.00 67.40  ? 2    MET A SD    1 
ATOM   16   C  CE    . MET A 1 2   ? 17.887  8.159   9.526   1.00 85.85  ? 2    MET A CE    1 
ATOM   17   N  N     . LYS A 1 3   ? 16.165  1.443   6.946   1.00 37.26  ? 3    LYS A N     1 
ATOM   18   C  CA    . LYS A 1 3   ? 16.347  0.147   6.308   1.00 36.44  ? 3    LYS A CA    1 
ATOM   19   C  C     . LYS A 1 3   ? 16.344  0.325   4.797   1.00 35.67  ? 3    LYS A C     1 
ATOM   20   O  O     . LYS A 1 3   ? 15.494  1.020   4.284   1.00 35.67  ? 3    LYS A O     1 
ATOM   21   C  CB    . LYS A 1 3   ? 15.238  -0.823  6.717   1.00 36.37  ? 3    LYS A CB    1 
ATOM   22   C  CG    . LYS A 1 3   ? 15.708  -2.104  7.332   1.00 50.31  ? 3    LYS A CG    1 
ATOM   23   C  CD    . LYS A 1 3   ? 15.471  -3.289  6.445   1.00 58.65  ? 3    LYS A CD    1 
ATOM   24   C  CE    . LYS A 1 3   ? 15.848  -4.554  7.182   1.00 44.35  ? 3    LYS A CE    1 
ATOM   25   N  NZ    . LYS A 1 3   ? 16.817  -5.375  6.418   1.00 51.80  ? 3    LYS A NZ    1 
ATOM   26   N  N     . LYS A 1 4   ? 17.313  -0.278  4.101   1.00 33.88  ? 4    LYS A N     1 
ATOM   27   C  CA    . LYS A 1 4   ? 17.303  -0.332  2.642   1.00 33.54  ? 4    LYS A CA    1 
ATOM   28   C  C     . LYS A 1 4   ? 16.445  -1.510  2.279   1.00 33.07  ? 4    LYS A C     1 
ATOM   29   O  O     . LYS A 1 4   ? 16.601  -2.582  2.850   1.00 32.94  ? 4    LYS A O     1 
ATOM   30   C  CB    . LYS A 1 4   ? 18.684  -0.582  2.063   1.00 34.33  ? 4    LYS A CB    1 
ATOM   31   C  CG    . LYS A 1 4   ? 19.664  0.556   2.123   1.00 41.53  ? 4    LYS A CG    1 
ATOM   32   C  CD    . LYS A 1 4   ? 20.960  0.164   1.359   1.00 66.12  ? 4    LYS A CD    1 
ATOM   33   C  CE    . LYS A 1 4   ? 21.887  1.346   1.096   1.00 80.22  ? 4    LYS A CE    1 
ATOM   34   N  NZ    . LYS A 1 4   ? 21.254  2.383   0.239   1.00 90.92  ? 4    LYS A NZ    1 
ATOM   35   N  N     . ILE A 1 5   ? 15.510  -1.277  1.363   1.00 30.33  ? 5    ILE A N     1 
ATOM   36   C  CA    . ILE A 1 5   ? 14.593  -2.280  0.876   1.00 31.22  ? 5    ILE A CA    1 
ATOM   37   C  C     . ILE A 1 5   ? 14.854  -2.403  -0.623  1.00 29.85  ? 5    ILE A C     1 
ATOM   38   O  O     . ILE A 1 5   ? 14.671  -1.445  -1.356  1.00 27.20  ? 5    ILE A O     1 
ATOM   39   C  CB    . ILE A 1 5   ? 13.119  -1.821  1.063   1.00 30.33  ? 5    ILE A CB    1 
ATOM   40   C  CG1   . ILE A 1 5   ? 12.808  -1.460  2.531   1.00 41.41  ? 5    ILE A CG1   1 
ATOM   41   C  CG2   . ILE A 1 5   ? 12.143  -2.840  0.505   1.00 32.26  ? 5    ILE A CG2   1 
ATOM   42   C  CD1   . ILE A 1 5   ? 12.810  -2.607  3.440   1.00 35.03  ? 5    ILE A CD1   1 
ATOM   43   N  N     . ASP A 1 6   ? 15.204  -3.600  -1.051  1.00 27.92  ? 6    ASP A N     1 
ATOM   44   C  CA    . ASP A 1 6   ? 15.261  -3.953  -2.473  1.00 30.28  ? 6    ASP A CA    1 
ATOM   45   C  C     . ASP A 1 6   ? 13.909  -3.762  -3.196  1.00 28.69  ? 6    ASP A C     1 
ATOM   46   O  O     . ASP A 1 6   ? 12.846  -4.182  -2.715  1.00 30.88  ? 6    ASP A O     1 
ATOM   47   C  CB    . ASP A 1 6   ? 15.689  -5.417  -2.626  1.00 30.68  ? 6    ASP A CB    1 
ATOM   48   C  CG    . ASP A 1 6   ? 17.189  -5.660  -2.413  1.00 34.30  ? 6    ASP A CG    1 
ATOM   49   O  OD1   . ASP A 1 6   ? 18.008  -4.702  -2.144  1.00 35.03  ? 6    ASP A OD1   1 
ATOM   50   O  OD2   . ASP A 1 6   ? 17.615  -6.835  -2.537  1.00 53.05  ? 6    ASP A OD2   1 
ATOM   51   N  N     . VAL A 1 7   ? 13.966  -3.088  -4.340  1.00 29.00  ? 7    VAL A N     1 
ATOM   52   C  CA    . VAL A 1 7   ? 12.814  -2.819  -5.174  1.00 29.25  ? 7    VAL A CA    1 
ATOM   53   C  C     . VAL A 1 7   ? 13.164  -3.181  -6.615  1.00 28.98  ? 7    VAL A C     1 
ATOM   54   O  O     . VAL A 1 7   ? 14.257  -2.854  -7.108  1.00 30.98  ? 7    VAL A O     1 
ATOM   55   C  CB    A VAL A 1 7   ? 12.282  -1.335  -5.015  0.70 29.86  ? 7    VAL A CB    1 
ATOM   56   C  CB    B VAL A 1 7   ? 12.297  -1.356  -5.044  0.30 29.43  ? 7    VAL A CB    1 
ATOM   57   C  CG1   A VAL A 1 7   ? 13.354  -0.322  -5.171  0.70 36.81  ? 7    VAL A CG1   1 
ATOM   58   C  CG1   B VAL A 1 7   ? 12.069  -0.997  -3.570  0.30 28.30  ? 7    VAL A CG1   1 
ATOM   59   C  CG2   A VAL A 1 7   ? 11.092  -1.032  -5.968  0.70 31.07  ? 7    VAL A CG2   1 
ATOM   60   C  CG2   B VAL A 1 7   ? 13.221  -0.365  -5.710  0.30 34.46  ? 7    VAL A CG2   1 
ATOM   61   N  N     . LYS A 1 8   ? 12.246  -3.895  -7.251  1.00 28.17  ? 8    LYS A N     1 
ATOM   62   C  CA    . LYS A 1 8   ? 12.303  -4.186  -8.666  1.00 30.66  ? 8    LYS A CA    1 
ATOM   63   C  C     . LYS A 1 8   ? 11.198  -3.379  -9.362  1.00 31.73  ? 8    LYS A C     1 
ATOM   64   O  O     . LYS A 1 8   ? 10.031  -3.538  -9.068  1.00 30.74  ? 8    LYS A O     1 
ATOM   65   C  CB    . LYS A 1 8   ? 12.134  -5.704  -8.892  1.00 29.35  ? 8    LYS A CB    1 
ATOM   66   C  CG    . LYS A 1 8   ? 12.490  -6.266  -10.279 1.00 33.01  ? 8    LYS A CG    1 
ATOM   67   C  CD    A LYS A 1 8   ? 11.973  -7.700  -10.470 0.70 41.02  ? 8    LYS A CD    1 
ATOM   68   C  CD    B LYS A 1 8   ? 11.933  -7.674  -10.476 0.30 37.17  ? 8    LYS A CD    1 
ATOM   69   C  CE    A LYS A 1 8   ? 12.041  -8.139  -11.956 0.70 32.72  ? 8    LYS A CE    1 
ATOM   70   C  CE    B LYS A 1 8   ? 12.267  -8.602  -9.325  0.30 38.49  ? 8    LYS A CE    1 
ATOM   71   N  NZ    A LYS A 1 8   ? 12.222  -9.617  -12.109 0.70 59.11  ? 8    LYS A NZ    1 
ATOM   72   N  NZ    B LYS A 1 8   ? 12.228  -10.028 -9.735  0.30 31.79  ? 8    LYS A NZ    1 
ATOM   73   N  N     . ILE A 1 9   ? 11.607  -2.504  -10.281 1.00 32.69  ? 9    ILE A N     1 
ATOM   74   C  CA    . ILE A 1 9   ? 10.692  -1.836  -11.201 1.00 32.70  ? 9    ILE A CA    1 
ATOM   75   C  C     . ILE A 1 9   ? 10.188  -2.785  -12.275 1.00 31.39  ? 9    ILE A C     1 
ATOM   76   O  O     . ILE A 1 9   ? 10.936  -3.316  -13.069 1.00 33.14  ? 9    ILE A O     1 
ATOM   77   C  CB    . ILE A 1 9   ? 11.358  -0.633  -11.838 1.00 31.91  ? 9    ILE A CB    1 
ATOM   78   C  CG1   . ILE A 1 9   ? 11.596  0.396   -10.734 1.00 35.84  ? 9    ILE A CG1   1 
ATOM   79   C  CG2   . ILE A 1 9   ? 10.479  -0.081  -12.998 1.00 35.07  ? 9    ILE A CG2   1 
ATOM   80   C  CD1   . ILE A 1 9   ? 12.520  1.539   -11.137 1.00 39.36  ? 9    ILE A CD1   1 
ATOM   81   N  N     . LEU A 1 10  ? 8.889   -2.965  -12.295 1.00 28.56  ? 10   LEU A N     1 
ATOM   82   C  CA    . LEU A 1 10  ? 8.214   -3.863  -13.213 1.00 28.45  ? 10   LEU A CA    1 
ATOM   83   C  C     . LEU A 1 10  ? 7.618   -3.168  -14.441 1.00 31.24  ? 10   LEU A C     1 
ATOM   84   O  O     . LEU A 1 10  ? 7.446   -3.800  -15.476 1.00 33.64  ? 10   LEU A O     1 
ATOM   85   C  CB    . LEU A 1 10  ? 7.082   -4.566  -12.473 1.00 28.82  ? 10   LEU A CB    1 
ATOM   86   C  CG    . LEU A 1 10  ? 7.413   -5.326  -11.164 1.00 29.74  ? 10   LEU A CG    1 
ATOM   87   C  CD1   . LEU A 1 10  ? 6.167   -5.968  -10.645 1.00 30.34  ? 10   LEU A CD1   1 
ATOM   88   C  CD2   . LEU A 1 10  ? 8.512   -6.396  -11.407 1.00 31.63  ? 10   LEU A CD2   1 
ATOM   89   N  N     . ASP A 1 11  ? 7.266   -1.896  -14.285 1.00 31.44  ? 11   ASP A N     1 
ATOM   90   C  CA    . ASP A 1 11  ? 6.740   -1.046  -15.352 1.00 30.05  ? 11   ASP A CA    1 
ATOM   91   C  C     . ASP A 1 11  ? 7.732   0.101   -15.555 1.00 29.13  ? 11   ASP A C     1 
ATOM   92   O  O     . ASP A 1 11  ? 8.095   0.784   -14.647 1.00 31.50  ? 11   ASP A O     1 
ATOM   93   C  CB    . ASP A 1 11  ? 5.363   -0.521  -14.967 1.00 30.45  ? 11   ASP A CB    1 
ATOM   94   C  CG    . ASP A 1 11  ? 4.683   0.232   -16.102 1.00 29.04  ? 11   ASP A CG    1 
ATOM   95   O  OD1   . ASP A 1 11  ? 5.253   1.230   -16.615 1.00 28.88  ? 11   ASP A OD1   1 
ATOM   96   O  OD2   . ASP A 1 11  ? 3.585   -0.129  -16.531 1.00 34.46  ? 11   ASP A OD2   1 
ATOM   97   N  N     . PRO A 1 12  ? 8.232   0.292   -16.767 1.00 33.07  ? 12   PRO A N     1 
ATOM   98   C  CA    . PRO A 1 12  ? 9.295   1.276   -17.002 1.00 33.10  ? 12   PRO A CA    1 
ATOM   99   C  C     . PRO A 1 12  ? 8.846   2.739   -16.797 1.00 31.40  ? 12   PRO A C     1 
ATOM   100  O  O     . PRO A 1 12  ? 9.673   3.626   -16.737 1.00 31.63  ? 12   PRO A O     1 
ATOM   101  C  CB    . PRO A 1 12  ? 9.676   1.016   -18.450 1.00 34.35  ? 12   PRO A CB    1 
ATOM   102  C  CG    . PRO A 1 12  ? 8.491   0.376   -19.058 1.00 37.04  ? 12   PRO A CG    1 
ATOM   103  C  CD    . PRO A 1 12  ? 7.856   -0.438  -17.989 1.00 33.75  ? 12   PRO A CD    1 
ATOM   104  N  N     . ARG A 1 13  ? 7.548   2.985   -16.657 1.00 30.24  ? 13   ARG A N     1 
ATOM   105  C  CA    . ARG A 1 13  ? 7.102   4.329   -16.268 1.00 28.23  ? 13   ARG A CA    1 
ATOM   106  C  C     . ARG A 1 13  ? 7.314   4.634   -14.793 1.00 28.87  ? 13   ARG A C     1 
ATOM   107  O  O     . ARG A 1 13  ? 7.290   5.809   -14.393 1.00 28.96  ? 13   ARG A O     1 
ATOM   108  C  CB    . ARG A 1 13  ? 5.630   4.522   -16.569 1.00 28.21  ? 13   ARG A CB    1 
ATOM   109  C  CG    . ARG A 1 13  ? 5.268   4.243   -18.034 1.00 29.97  ? 13   ARG A CG    1 
ATOM   110  C  CD    . ARG A 1 13  ? 3.787   4.230   -18.279 1.00 31.94  ? 13   ARG A CD    1 
ATOM   111  N  NE    . ARG A 1 13  ? 3.246   2.944   -17.895 1.00 31.25  ? 13   ARG A NE    1 
ATOM   112  C  CZ    . ARG A 1 13  ? 2.010   2.584   -18.110 1.00 33.98  ? 13   ARG A CZ    1 
ATOM   113  N  NH1   . ARG A 1 13  ? 1.174   3.408   -18.706 1.00 27.40  ? 13   ARG A NH1   1 
ATOM   114  N  NH2   . ARG A 1 13  ? 1.595   1.406   -17.710 1.00 30.36  ? 13   ARG A NH2   1 
ATOM   115  N  N     . VAL A 1 14  ? 7.484   3.598   -13.973 1.00 28.13  ? 14   VAL A N     1 
ATOM   116  C  CA    . VAL A 1 14  ? 7.772   3.793   -12.546 1.00 27.71  ? 14   VAL A CA    1 
ATOM   117  C  C     . VAL A 1 14  ? 9.207   4.277   -12.382 1.00 28.97  ? 14   VAL A C     1 
ATOM   118  O  O     . VAL A 1 14  ? 10.142  3.661   -12.878 1.00 32.28  ? 14   VAL A O     1 
ATOM   119  C  CB    . VAL A 1 14  ? 7.496   2.509   -11.747 1.00 27.24  ? 14   VAL A CB    1 
ATOM   120  C  CG1   . VAL A 1 14  ? 7.879   2.670   -10.314 1.00 37.01  ? 14   VAL A CG1   1 
ATOM   121  C  CG2   . VAL A 1 14  ? 6.001   2.141   -11.888 1.00 29.59  ? 14   VAL A CG2   1 
ATOM   122  N  N     . GLY A 1 15  ? 9.365   5.414   -11.704 1.00 28.80  ? 15   GLY A N     1 
ATOM   123  C  CA    . GLY A 1 15  ? 10.631  6.111   -11.661 1.00 28.91  ? 15   GLY A CA    1 
ATOM   124  C  C     . GLY A 1 15  ? 10.765  7.143   -12.771 1.00 29.33  ? 15   GLY A C     1 
ATOM   125  O  O     . GLY A 1 15  ? 11.731  7.900   -12.813 1.00 28.94  ? 15   GLY A O     1 
ATOM   126  N  N     . LYS A 1 16  ? 9.786   7.181   -13.684 1.00 30.37  ? 16   LYS A N     1 
ATOM   127  C  CA    . LYS A 1 16  ? 9.806   8.160   -14.767 1.00 29.04  ? 16   LYS A CA    1 
ATOM   128  C  C     . LYS A 1 16  ? 8.470   8.962   -14.725 1.00 28.32  ? 16   LYS A C     1 
ATOM   129  O  O     . LYS A 1 16  ? 8.348   9.905   -13.937 1.00 29.05  ? 16   LYS A O     1 
ATOM   130  C  CB    . LYS A 1 16  ? 10.055  7.416   -16.103 1.00 30.91  ? 16   LYS A CB    1 
ATOM   131  C  CG    . LYS A 1 16  ? 11.491  6.786   -16.312 1.00 33.45  ? 16   LYS A CG    1 
ATOM   132  C  CD    . LYS A 1 16  ? 12.566  7.836   -16.223 1.00 44.73  ? 16   LYS A CD    1 
ATOM   133  C  CE    . LYS A 1 16  ? 13.923  7.299   -16.603 1.00 62.74  ? 16   LYS A CE    1 
ATOM   134  N  NZ    . LYS A 1 16  ? 14.792  8.418   -17.030 1.00 54.68  ? 16   LYS A NZ    1 
ATOM   135  N  N     . GLU A 1 17  ? 7.480   8.566   -15.534 1.00 28.05  ? 17   GLU A N     1 
ATOM   136  C  CA    . GLU A 1 17  ? 6.174   9.240   -15.573 1.00 29.44  ? 17   GLU A CA    1 
ATOM   137  C  C     . GLU A 1 17  ? 5.438   9.067   -14.268 1.00 29.99  ? 17   GLU A C     1 
ATOM   138  O  O     . GLU A 1 17  ? 4.719   9.950   -13.875 1.00 30.70  ? 17   GLU A O     1 
ATOM   139  C  CB    . GLU A 1 17  ? 5.277   8.671   -16.647 1.00 29.74  ? 17   GLU A CB    1 
ATOM   140  C  CG    . GLU A 1 17  ? 5.714   9.053   -18.038 1.00 39.03  ? 17   GLU A CG    1 
ATOM   141  C  CD    . GLU A 1 17  ? 6.833   8.182   -18.589 1.00 52.06  ? 17   GLU A CD    1 
ATOM   142  O  OE1   . GLU A 1 17  ? 7.253   7.195   -17.955 1.00 33.32  ? 17   GLU A OE1   1 
ATOM   143  O  OE2   . GLU A 1 17  ? 7.298   8.496   -19.685 1.00 31.78  ? 17   GLU A OE2   1 
ATOM   144  N  N     . PHE A 1 18  ? 5.631   7.914   -13.618 1.00 28.27  ? 18   PHE A N     1 
ATOM   145  C  CA    . PHE A 1 18  ? 5.068   7.643   -12.290 1.00 29.44  ? 18   PHE A CA    1 
ATOM   146  C  C     . PHE A 1 18  ? 6.223   7.566   -11.281 1.00 30.24  ? 18   PHE A C     1 
ATOM   147  O  O     . PHE A 1 18  ? 6.955   6.581   -11.244 1.00 30.23  ? 18   PHE A O     1 
ATOM   148  C  CB    . PHE A 1 18  ? 4.338   6.317   -12.306 1.00 28.19  ? 18   PHE A CB    1 
ATOM   149  C  CG    . PHE A 1 18  ? 3.244   6.228   -13.332 1.00 28.64  ? 18   PHE A CG    1 
ATOM   150  C  CD1   . PHE A 1 18  ? 2.964   5.016   -13.929 1.00 27.81  ? 18   PHE A CD1   1 
ATOM   151  C  CD2   . PHE A 1 18  ? 2.449   7.331   -13.651 1.00 30.90  ? 18   PHE A CD2   1 
ATOM   152  C  CE1   . PHE A 1 18  ? 1.937   4.887   -14.868 1.00 36.36  ? 18   PHE A CE1   1 
ATOM   153  C  CE2   . PHE A 1 18  ? 1.435   7.222   -14.583 1.00 30.58  ? 18   PHE A CE2   1 
ATOM   154  C  CZ    . PHE A 1 18  ? 1.182   5.986   -15.203 1.00 28.31  ? 18   PHE A CZ    1 
ATOM   155  N  N     . PRO A 1 19  ? 6.441   8.629   -10.529 1.00 31.11  ? 19   PRO A N     1 
ATOM   156  C  CA    . PRO A 1 19  ? 7.544   8.651   -9.584  1.00 32.37  ? 19   PRO A CA    1 
ATOM   157  C  C     . PRO A 1 19  ? 7.499   7.488   -8.621  1.00 31.29  ? 19   PRO A C     1 
ATOM   158  O  O     . PRO A 1 19  ? 6.408   7.067   -8.202  1.00 28.13  ? 19   PRO A O     1 
ATOM   159  C  CB    . PRO A 1 19  ? 7.328   9.957   -8.828  1.00 33.60  ? 19   PRO A CB    1 
ATOM   160  C  CG    . PRO A 1 19  ? 6.558   10.819  -9.802  1.00 32.66  ? 19   PRO A CG    1 
ATOM   161  C  CD    . PRO A 1 19  ? 5.677   9.898   -10.511 1.00 31.98  ? 19   PRO A CD    1 
ATOM   162  N  N     . LEU A 1 20  ? 8.680   6.982   -8.276  1.00 30.78  ? 20   LEU A N     1 
ATOM   163  C  CA    . LEU A 1 20  ? 8.807   6.045   -7.152  1.00 32.39  ? 20   LEU A CA    1 
ATOM   164  C  C     . LEU A 1 20  ? 8.126   6.610   -5.896  1.00 30.95  ? 20   LEU A C     1 
ATOM   165  O  O     . LEU A 1 20  ? 8.085   7.834   -5.671  1.00 31.38  ? 20   LEU A O     1 
ATOM   166  C  CB    . LEU A 1 20  ? 10.305  5.812   -6.831  1.00 34.75  ? 20   LEU A CB    1 
ATOM   167  C  CG    . LEU A 1 20  ? 11.038  4.503   -7.215  1.00 42.80  ? 20   LEU A CG    1 
ATOM   168  C  CD1   . LEU A 1 20  ? 10.165  3.416   -7.667  1.00 33.93  ? 20   LEU A CD1   1 
ATOM   169  C  CD2   . LEU A 1 20  ? 12.128  4.742   -8.240  1.00 49.34  ? 20   LEU A CD2   1 
ATOM   170  N  N     . PRO A 1 21  ? 7.621   5.727   -5.044  1.00 32.13  ? 21   PRO A N     1 
ATOM   171  C  CA    . PRO A 1 21  ? 7.041   6.168   -3.782  1.00 31.75  ? 21   PRO A CA    1 
ATOM   172  C  C     . PRO A 1 21  ? 8.006   6.992   -2.971  1.00 32.72  ? 21   PRO A C     1 
ATOM   173  O  O     . PRO A 1 21  ? 9.214   6.725   -2.858  1.00 30.72  ? 21   PRO A O     1 
ATOM   174  C  CB    . PRO A 1 21  ? 6.739   4.858   -3.077  1.00 32.87  ? 21   PRO A CB    1 
ATOM   175  C  CG    . PRO A 1 21  ? 6.508   3.950   -4.169  1.00 34.18  ? 21   PRO A CG    1 
ATOM   176  C  CD    . PRO A 1 21  ? 7.537   4.268   -5.195  1.00 31.28  ? 21   PRO A CD    1 
ATOM   177  N  N     . THR A 1 22  ? 7.442   7.997   -2.337  1.00 34.76  ? 22   THR A N     1 
ATOM   178  C  CA    . THR A 1 22  ? 8.240   8.858   -1.531  1.00 36.89  ? 22   THR A CA    1 
ATOM   179  C  C     . THR A 1 22  ? 7.532   9.273   -0.199  1.00 34.75  ? 22   THR A C     1 
ATOM   180  O  O     . THR A 1 22  ? 6.299   9.256   -0.077  1.00 35.32  ? 22   THR A O     1 
ATOM   181  C  CB    . THR A 1 22  ? 8.625   10.010  -2.444  1.00 39.91  ? 22   THR A CB    1 
ATOM   182  O  OG1   . THR A 1 22  ? 9.932   10.476  -2.101  1.00 52.14  ? 22   THR A OG1   1 
ATOM   183  C  CG2   . THR A 1 22  ? 7.648   11.163  -2.307  1.00 39.34  ? 22   THR A CG2   1 
ATOM   184  N  N     . TYR A 1 23  ? 8.358   9.576   0.790   1.00 35.79  ? 23   TYR A N     1 
ATOM   185  C  CA    . TYR A 1 23  ? 7.921   10.184  2.036   1.00 35.75  ? 23   TYR A CA    1 
ATOM   186  C  C     . TYR A 1 23  ? 7.644   11.655  1.722   1.00 37.47  ? 23   TYR A C     1 
ATOM   187  O  O     . TYR A 1 23  ? 8.533   12.380  1.341   1.00 36.36  ? 23   TYR A O     1 
ATOM   188  C  CB    . TYR A 1 23  ? 9.001   10.053  3.122   1.00 33.95  ? 23   TYR A CB    1 
ATOM   189  C  CG    . TYR A 1 23  ? 9.188   8.650   3.581   1.00 32.83  ? 23   TYR A CG    1 
ATOM   190  C  CD1   . TYR A 1 23  ? 10.292  7.893   3.169   1.00 34.34  ? 23   TYR A CD1   1 
ATOM   191  C  CD2   . TYR A 1 23  ? 8.255   8.040   4.416   1.00 28.86  ? 23   TYR A CD2   1 
ATOM   192  C  CE1   . TYR A 1 23  ? 10.424  6.572   3.544   1.00 32.07  ? 23   TYR A CE1   1 
ATOM   193  C  CE2   . TYR A 1 23  ? 8.393   6.700   4.816   1.00 28.47  ? 23   TYR A CE2   1 
ATOM   194  C  CZ    . TYR A 1 23  ? 9.482   5.983   4.375   1.00 33.69  ? 23   TYR A CZ    1 
ATOM   195  O  OH    . TYR A 1 23  ? 9.597   4.681   4.763   1.00 30.50  ? 23   TYR A OH    1 
ATOM   196  N  N     . ALA A 1 24  ? 6.395   12.095  1.849   1.00 39.28  ? 24   ALA A N     1 
ATOM   197  C  CA    . ALA A 1 24  ? 6.060   13.498  1.531   1.00 39.20  ? 24   ALA A CA    1 
ATOM   198  C  C     . ALA A 1 24  ? 6.937   14.485  2.296   1.00 40.64  ? 24   ALA A C     1 
ATOM   199  O  O     . ALA A 1 24  ? 7.351   15.503  1.758   1.00 43.12  ? 24   ALA A O     1 
ATOM   200  C  CB    . ALA A 1 24  ? 4.614   13.774  1.789   1.00 38.75  ? 24   ALA A CB    1 
ATOM   201  N  N     . THR A 1 25  ? 7.227   14.189  3.553   1.00 40.63  ? 25   THR A N     1 
ATOM   202  C  CA    . THR A 1 25  ? 8.202   14.959  4.339   1.00 41.12  ? 25   THR A CA    1 
ATOM   203  C  C     . THR A 1 25  ? 9.119   14.009  5.073   1.00 40.61  ? 25   THR A C     1 
ATOM   204  O  O     . THR A 1 25  ? 8.904   12.805  5.104   1.00 41.10  ? 25   THR A O     1 
ATOM   205  C  CB    . THR A 1 25  ? 7.513   15.863  5.412   1.00 41.22  ? 25   THR A CB    1 
ATOM   206  O  OG1   . THR A 1 25  ? 6.973   15.054  6.480   1.00 36.79  ? 25   THR A OG1   1 
ATOM   207  C  CG2   . THR A 1 25  ? 6.292   16.626  4.847   1.00 48.09  ? 25   THR A CG2   1 
ATOM   208  N  N     . SER A 1 26  ? 10.113  14.583  5.721   1.00 38.81  ? 26   SER A N     1 
ATOM   209  C  CA    . SER A 1 26  ? 11.145  13.814  6.391   1.00 39.27  ? 26   SER A CA    1 
ATOM   210  C  C     . SER A 1 26  ? 10.645  13.163  7.698   1.00 38.26  ? 26   SER A C     1 
ATOM   211  O  O     . SER A 1 26  ? 11.280  12.235  8.237   1.00 40.63  ? 26   SER A O     1 
ATOM   212  C  CB    . SER A 1 26  ? 12.310  14.758  6.717   1.00 37.72  ? 26   SER A CB    1 
ATOM   213  O  OG    . SER A 1 26  ? 11.944  15.616  7.773   1.00 54.90  ? 26   SER A OG    1 
ATOM   214  N  N     . GLY A 1 27  ? 9.545   13.694  8.251   1.00 35.53  ? 27   GLY A N     1 
ATOM   215  C  CA    . GLY A 1 27  ? 8.916   13.098  9.420   1.00 33.97  ? 27   GLY A CA    1 
ATOM   216  C  C     . GLY A 1 27  ? 7.692   12.272  9.085   1.00 31.18  ? 27   GLY A C     1 
ATOM   217  O  O     . GLY A 1 27  ? 6.965   11.898  9.994   1.00 29.59  ? 27   GLY A O     1 
ATOM   218  N  N     . SER A 1 28  ? 7.472   12.017  7.789   1.00 31.52  ? 28   SER A N     1 
ATOM   219  C  CA    . SER A 1 28  ? 6.305   11.285  7.319   1.00 32.19  ? 28   SER A CA    1 
ATOM   220  C  C     . SER A 1 28  ? 6.519   9.797   7.643   1.00 30.26  ? 28   SER A C     1 
ATOM   221  O  O     . SER A 1 28  ? 7.620   9.265   7.485   1.00 30.62  ? 28   SER A O     1 
ATOM   222  C  CB    . SER A 1 28  ? 6.052   11.554  5.824   1.00 33.16  ? 28   SER A CB    1 
ATOM   223  O  OG    . SER A 1 28  ? 5.226   12.728  5.590   1.00 35.33  ? 28   SER A OG    1 
ATOM   224  N  N     . ALA A 1 29  ? 5.482   9.151   8.168   1.00 28.28  ? 29   ALA A N     1 
ATOM   225  C  CA    . ALA A 1 29  ? 5.558   7.728   8.513   1.00 27.13  ? 29   ALA A CA    1 
ATOM   226  C  C     . ALA A 1 29  ? 5.453   6.811   7.288   1.00 27.06  ? 29   ALA A C     1 
ATOM   227  O  O     . ALA A 1 29  ? 5.997   5.689   7.263   1.00 26.17  ? 29   ALA A O     1 
ATOM   228  C  CB    . ALA A 1 29  ? 4.447   7.382   9.539   1.00 27.57  ? 29   ALA A CB    1 
ATOM   229  N  N     . GLY A 1 30  ? 4.693   7.283   6.302   1.00 26.97  ? 30   GLY A N     1 
ATOM   230  C  CA    . GLY A 1 30  ? 4.283   6.477   5.170   1.00 27.56  ? 30   GLY A CA    1 
ATOM   231  C  C     . GLY A 1 30  ? 4.839   7.022   3.871   1.00 27.99  ? 30   GLY A C     1 
ATOM   232  O  O     . GLY A 1 30  ? 5.169   8.204   3.783   1.00 29.02  ? 30   GLY A O     1 
ATOM   233  N  N     . LEU A 1 31  ? 5.014   6.118   2.910   1.00 27.23  ? 31   LEU A N     1 
ATOM   234  C  CA    . LEU A 1 31  ? 5.333   6.460   1.547   1.00 29.60  ? 31   LEU A CA    1 
ATOM   235  C  C     . LEU A 1 31  ? 4.032   6.392   0.777   1.00 25.65  ? 31   LEU A C     1 
ATOM   236  O  O     . LEU A 1 31  ? 3.279   5.448   0.913   1.00 26.73  ? 31   LEU A O     1 
ATOM   237  C  CB    . LEU A 1 31  ? 6.220   5.399   0.901   1.00 32.28  ? 31   LEU A CB    1 
ATOM   238  C  CG    . LEU A 1 31  ? 7.641   5.163   1.397   1.00 36.26  ? 31   LEU A CG    1 
ATOM   239  C  CD1   . LEU A 1 31  ? 7.926   3.731   1.382   1.00 51.32  ? 31   LEU A CD1   1 
ATOM   240  C  CD2   . LEU A 1 31  ? 8.592   5.848   0.483   1.00 44.18  ? 31   LEU A CD2   1 
ATOM   241  N  N     . ASP A 1 32  ? 3.798   7.393   -0.039  1.00 25.16  ? 32   ASP A N     1 
ATOM   242  C  CA    . ASP A 1 32  ? 2.645   7.435   -0.902  1.00 26.62  ? 32   ASP A CA    1 
ATOM   243  C  C     . ASP A 1 32  ? 2.884   6.618   -2.166  1.00 25.78  ? 32   ASP A C     1 
ATOM   244  O  O     . ASP A 1 32  ? 3.874   6.811   -2.887  1.00 27.65  ? 32   ASP A O     1 
ATOM   245  C  CB    . ASP A 1 32  ? 2.295   8.881   -1.261  1.00 27.11  ? 32   ASP A CB    1 
ATOM   246  C  CG    . ASP A 1 32  ? 2.031   9.704   -0.037  1.00 37.07  ? 32   ASP A CG    1 
ATOM   247  O  OD1   . ASP A 1 32  ? 1.270   9.195   0.794   1.00 35.41  ? 32   ASP A OD1   1 
ATOM   248  O  OD2   . ASP A 1 32  ? 2.567   10.816  0.202   1.00 37.19  ? 32   ASP A OD2   1 
ATOM   249  N  N     . LEU A 1 33  ? 1.972   5.685   -2.384  1.00 25.76  ? 33   LEU A N     1 
ATOM   250  C  CA    . LEU A 1 33  ? 1.964   4.815   -3.565  1.00 25.67  ? 33   LEU A CA    1 
ATOM   251  C  C     . LEU A 1 33  ? 1.137   5.432   -4.703  1.00 27.95  ? 33   LEU A C     1 
ATOM   252  O  O     . LEU A 1 33  ? 0.050   5.952   -4.466  1.00 27.50  ? 33   LEU A O     1 
ATOM   253  C  CB    . LEU A 1 33  ? 1.357   3.455   -3.209  1.00 25.15  ? 33   LEU A CB    1 
ATOM   254  C  CG    . LEU A 1 33  ? 2.036   2.646   -2.078  1.00 31.95  ? 33   LEU A CG    1 
ATOM   255  C  CD1   . LEU A 1 33  ? 1.330   1.318   -1.754  1.00 28.76  ? 33   LEU A CD1   1 
ATOM   256  C  CD2   . LEU A 1 33  ? 3.522   2.390   -2.344  1.00 30.91  ? 33   LEU A CD2   1 
ATOM   257  N  N     . ARG A 1 34  ? 1.660   5.291   -5.923  1.00 27.95  ? 34   ARG A N     1 
ATOM   258  C  CA    . ARG A 1 34  ? 1.059   5.773   -7.141  1.00 27.19  ? 34   ARG A CA    1 
ATOM   259  C  C     . ARG A 1 34  ? 0.423   4.658   -7.989  1.00 26.14  ? 34   ARG A C     1 
ATOM   260  O  O     . ARG A 1 34  ? 0.912   3.517   -8.062  1.00 25.00  ? 34   ARG A O     1 
ATOM   261  C  CB    . ARG A 1 34  ? 2.143   6.505   -7.915  1.00 29.43  ? 34   ARG A CB    1 
ATOM   262  C  CG    . ARG A 1 34  ? 2.609   7.743   -7.188  1.00 32.26  ? 34   ARG A CG    1 
ATOM   263  C  CD    . ARG A 1 34  ? 3.458   8.597   -8.018  1.00 34.44  ? 34   ARG A CD    1 
ATOM   264  N  NE    . ARG A 1 34  ? 4.006   9.765   -7.312  1.00 36.24  ? 34   ARG A NE    1 
ATOM   265  C  CZ    . ARG A 1 34  ? 3.599   11.021  -7.469  1.00 47.15  ? 34   ARG A CZ    1 
ATOM   266  N  NH1   . ARG A 1 34  ? 2.570   11.334  -8.257  1.00 36.92  ? 34   ARG A NH1   1 
ATOM   267  N  NH2   . ARG A 1 34  ? 4.208   11.978  -6.788  1.00 44.13  ? 34   ARG A NH2   1 
ATOM   268  N  N     . ALA A 1 35  ? -0.718  4.992   -8.580  1.00 26.98  ? 35   ALA A N     1 
ATOM   269  C  CA    . ALA A 1 35  ? -1.473  4.116   -9.422  1.00 26.87  ? 35   ALA A CA    1 
ATOM   270  C  C     . ALA A 1 35  ? -0.728  4.008   -10.774 1.00 28.61  ? 35   ALA A C     1 
ATOM   271  O  O     . ALA A 1 35  ? -0.543  4.991   -11.498 1.00 28.21  ? 35   ALA A O     1 
ATOM   272  C  CB    . ALA A 1 35  ? -2.840  4.693   -9.596  1.00 28.07  ? 35   ALA A CB    1 
ATOM   273  N  N     . CYS A 1 36  ? -0.237  2.818   -11.069 1.00 27.48  ? 36   CYS A N     1 
ATOM   274  C  CA    . CYS A 1 36  ? 0.414   2.553   -12.340 1.00 28.48  ? 36   CYS A CA    1 
ATOM   275  C  C     . CYS A 1 36  ? -0.677  2.080   -13.280 1.00 29.34  ? 36   CYS A C     1 
ATOM   276  O  O     . CYS A 1 36  ? -1.046  0.906   -13.291 1.00 30.47  ? 36   CYS A O     1 
ATOM   277  C  CB    . CYS A 1 36  ? 1.495   1.522   -12.169 1.00 33.51  ? 36   CYS A CB    1 
ATOM   278  S  SG    . CYS A 1 36  ? 2.413   1.162   -13.654 1.00 29.32  ? 36   CYS A SG    1 
ATOM   279  N  N     . LEU A 1 37  ? -1.265  3.034   -14.003 1.00 29.36  ? 37   LEU A N     1 
ATOM   280  C  CA    . LEU A 1 37  ? -2.431  2.761   -14.875 1.00 30.62  ? 37   LEU A CA    1 
ATOM   281  C  C     . LEU A 1 37  ? -2.153  3.377   -16.252 1.00 31.46  ? 37   LEU A C     1 
ATOM   282  O  O     . LEU A 1 37  ? -1.484  4.408   -16.375 1.00 29.78  ? 37   LEU A O     1 
ATOM   283  C  CB    . LEU A 1 37  ? -3.702  3.387   -14.324 1.00 31.22  ? 37   LEU A CB    1 
ATOM   284  C  CG    . LEU A 1 37  ? -4.194  2.901   -12.972 1.00 33.84  ? 37   LEU A CG    1 
ATOM   285  C  CD1   . LEU A 1 37  ? -5.234  3.871   -12.396 1.00 28.91  ? 37   LEU A CD1   1 
ATOM   286  C  CD2   . LEU A 1 37  ? -4.738  1.502   -13.117 1.00 35.37  ? 37   LEU A CD2   1 
ATOM   287  N  N     . ASN A 1 38  ? -2.694  2.730   -17.270 1.00 33.91  ? 38   ASN A N     1 
ATOM   288  C  CA    . ASN A 1 38  ? -2.600  3.208   -18.651 1.00 35.35  ? 38   ASN A CA    1 
ATOM   289  C  C     . ASN A 1 38  ? -3.573  4.349   -18.931 1.00 36.38  ? 38   ASN A C     1 
ATOM   290  O  O     . ASN A 1 38  ? -3.263  5.274   -19.689 1.00 36.69  ? 38   ASN A O     1 
ATOM   291  C  CB    . ASN A 1 38  ? -2.901  2.051   -19.613 1.00 36.21  ? 38   ASN A CB    1 
ATOM   292  C  CG    . ASN A 1 38  ? -1.834  0.990   -19.596 1.00 39.34  ? 38   ASN A CG    1 
ATOM   293  O  OD1   . ASN A 1 38  ? -0.644  1.294   -19.541 1.00 39.27  ? 38   ASN A OD1   1 
ATOM   294  N  ND2   . ASN A 1 38  ? -2.248  -0.258  -19.700 1.00 45.34  ? 38   ASN A ND2   1 
ATOM   295  N  N     . ASP A 1 39  ? -4.744  4.231   -18.303 1.00 39.22  ? 39   ASP A N     1 
ATOM   296  C  CA    . ASP A 1 39  ? -5.867  5.182   -18.368 1.00 39.86  ? 39   ASP A CA    1 
ATOM   297  C  C     . ASP A 1 39  ? -6.554  5.270   -16.998 1.00 38.33  ? 39   ASP A C     1 
ATOM   298  O  O     . ASP A 1 39  ? -6.545  4.323   -16.205 1.00 35.34  ? 39   ASP A O     1 
ATOM   299  C  CB    . ASP A 1 39  ? -7.007  4.666   -19.281 1.00 40.55  ? 39   ASP A CB    1 
ATOM   300  C  CG    . ASP A 1 39  ? -6.526  4.082   -20.631 1.00 56.57  ? 39   ASP A CG    1 
ATOM   301  O  OD1   . ASP A 1 39  ? -6.356  2.820   -20.726 1.00 56.87  ? 39   ASP A OD1   1 
ATOM   302  O  OD2   . ASP A 1 39  ? -6.360  4.816   -21.648 1.00 56.40  ? 39   ASP A OD2   1 
ATOM   303  N  N     . ALA A 1 40  ? -7.284  6.346   -16.794 1.00 38.00  ? 40   ALA A N     1 
ATOM   304  C  CA    . ALA A 1 40  ? -8.044  6.514   -15.564 1.00 38.34  ? 40   ALA A CA    1 
ATOM   305  C  C     . ALA A 1 40  ? -9.080  5.416   -15.403 1.00 36.94  ? 40   ALA A C     1 
ATOM   306  O  O     . ALA A 1 40  ? -9.510  4.793   -16.372 1.00 35.78  ? 40   ALA A O     1 
ATOM   307  C  CB    . ALA A 1 40  ? -8.693  7.898   -15.499 1.00 39.32  ? 40   ALA A CB    1 
ATOM   308  N  N     . VAL A 1 41  ? -9.378  5.103   -14.147 1.00 34.50  ? 41   VAL A N     1 
ATOM   309  C  CA    . VAL A 1 41  ? -10.332 4.073   -13.808 1.00 33.05  ? 41   VAL A CA    1 
ATOM   310  C  C     . VAL A 1 41  ? -11.414 4.772   -12.997 1.00 34.95  ? 41   VAL A C     1 
ATOM   311  O  O     . VAL A 1 41  ? -11.144 5.372   -11.965 1.00 33.77  ? 41   VAL A O     1 
ATOM   312  C  CB    . VAL A 1 41  ? -9.671  2.927   -12.971 1.00 30.56  ? 41   VAL A CB    1 
ATOM   313  C  CG1   . VAL A 1 41  ? -10.743 2.053   -12.308 1.00 37.52  ? 41   VAL A CG1   1 
ATOM   314  C  CG2   . VAL A 1 41  ? -8.728  2.085   -13.849 1.00 38.71  ? 41   VAL A CG2   1 
ATOM   315  N  N     . GLU A 1 42  ? -12.653 4.677   -13.472 1.00 39.07  ? 42   GLU A N     1 
ATOM   316  C  CA    . GLU A 1 42  ? -13.806 5.275   -12.777 1.00 39.97  ? 42   GLU A CA    1 
ATOM   317  C  C     . GLU A 1 42  ? -14.327 4.243   -11.794 1.00 39.24  ? 42   GLU A C     1 
ATOM   318  O  O     . GLU A 1 42  ? -14.691 3.140   -12.190 1.00 39.24  ? 42   GLU A O     1 
ATOM   319  C  CB    . GLU A 1 42  ? -14.922 5.682   -13.778 1.00 41.91  ? 42   GLU A CB    1 
ATOM   320  C  CG    . GLU A 1 42  ? -16.037 6.533   -13.152 1.00 45.16  ? 42   GLU A CG    1 
ATOM   321  C  CD    . GLU A 1 42  ? -15.549 7.895   -12.702 1.00 50.85  ? 42   GLU A CD    1 
ATOM   322  O  OE1   . GLU A 1 42  ? -14.514 8.370   -13.235 1.00 51.03  ? 42   GLU A OE1   1 
ATOM   323  O  OE2   . GLU A 1 42  ? -16.215 8.502   -11.825 1.00 51.42  ? 42   GLU A OE2   1 
ATOM   324  N  N     . LEU A 1 43  ? -14.325 4.593   -10.512 1.00 39.07  ? 43   LEU A N     1 
ATOM   325  C  CA    . LEU A 1 43  ? -14.731 3.661   -9.452  1.00 38.94  ? 43   LEU A CA    1 
ATOM   326  C  C     . LEU A 1 43  ? -16.081 4.088   -8.885  1.00 36.61  ? 43   LEU A C     1 
ATOM   327  O  O     . LEU A 1 43  ? -16.173 5.083   -8.171  1.00 33.16  ? 43   LEU A O     1 
ATOM   328  C  CB    . LEU A 1 43  ? -13.680 3.642   -8.314  1.00 40.55  ? 43   LEU A CB    1 
ATOM   329  C  CG    . LEU A 1 43  ? -13.139 2.301   -7.734  1.00 39.03  ? 43   LEU A CG    1 
ATOM   330  C  CD1   . LEU A 1 43  ? -12.885 2.416   -6.282  1.00 37.93  ? 43   LEU A CD1   1 
ATOM   331  C  CD2   . LEU A 1 43  ? -13.966 1.086   -8.017  1.00 34.04  ? 43   LEU A CD2   1 
ATOM   332  N  N     . ALA A 1 44  ? -17.110 3.305   -9.172  1.00 38.25  ? 44   ALA A N     1 
ATOM   333  C  CA    . ALA A 1 44  ? -18.462 3.642   -8.782  1.00 38.33  ? 44   ALA A CA    1 
ATOM   334  C  C     . ALA A 1 44  ? -18.599 3.396   -7.288  1.00 37.37  ? 44   ALA A C     1 
ATOM   335  O  O     . ALA A 1 44  ? -17.816 2.643   -6.708  1.00 35.40  ? 44   ALA A O     1 
ATOM   336  C  CB    . ALA A 1 44  ? -19.463 2.804   -9.599  1.00 38.95  ? 44   ALA A CB    1 
ATOM   337  N  N     . PRO A 1 45  ? -19.548 4.063   -6.645  1.00 39.37  ? 45   PRO A N     1 
ATOM   338  C  CA    . PRO A 1 45  ? -19.799 3.802   -5.225  1.00 39.28  ? 45   PRO A CA    1 
ATOM   339  C  C     . PRO A 1 45  ? -19.951 2.310   -4.941  1.00 38.94  ? 45   PRO A C     1 
ATOM   340  O  O     . PRO A 1 45  ? -20.637 1.553   -5.663  1.00 38.97  ? 45   PRO A O     1 
ATOM   341  C  CB    . PRO A 1 45  ? -21.100 4.572   -4.942  1.00 39.81  ? 45   PRO A CB    1 
ATOM   342  C  CG    . PRO A 1 45  ? -21.172 5.608   -6.006  1.00 38.32  ? 45   PRO A CG    1 
ATOM   343  C  CD    . PRO A 1 45  ? -20.424 5.134   -7.180  1.00 38.82  ? 45   PRO A CD    1 
ATOM   344  N  N     . GLY A 1 46  ? -19.288 1.868   -3.879  1.00 35.62  ? 46   GLY A N     1 
ATOM   345  C  CA    . GLY A 1 46  ? -19.403 0.497   -3.443  1.00 34.47  ? 46   GLY A CA    1 
ATOM   346  C  C     . GLY A 1 46  ? -18.480 -0.453  -4.179  1.00 34.11  ? 46   GLY A C     1 
ATOM   347  O  O     . GLY A 1 46  ? -18.334 -1.582  -3.768  1.00 34.93  ? 46   GLY A O     1 
ATOM   348  N  N     . ASP A 1 47  ? -17.885 -0.020  -5.286  1.00 33.16  ? 47   ASP A N     1 
ATOM   349  C  CA    . ASP A 1 47  ? -17.030 -0.891  -6.084  1.00 34.10  ? 47   ASP A CA    1 
ATOM   350  C  C     . ASP A 1 47  ? -15.557 -0.934  -5.602  1.00 32.25  ? 47   ASP A C     1 
ATOM   351  O  O     . ASP A 1 47  ? -15.081 0.013   -4.958  1.00 30.87  ? 47   ASP A O     1 
ATOM   352  C  CB    . ASP A 1 47  ? -17.091 -0.439  -7.562  1.00 35.58  ? 47   ASP A CB    1 
ATOM   353  C  CG    . ASP A 1 47  ? -18.389 -0.887  -8.269  1.00 42.99  ? 47   ASP A CG    1 
ATOM   354  O  OD1   . ASP A 1 47  ? -18.515 -0.616  -9.481  1.00 43.70  ? 47   ASP A OD1   1 
ATOM   355  O  OD2   . ASP A 1 47  ? -19.300 -1.523  -7.686  1.00 45.34  ? 47   ASP A OD2   1 
ATOM   356  N  N     . THR A 1 48  ? -14.872 -2.023  -5.975  1.00 31.76  ? 48   THR A N     1 
ATOM   357  C  CA    . THR A 1 48  ? -13.449 -2.270  -5.678  1.00 32.54  ? 48   THR A CA    1 
ATOM   358  C  C     . THR A 1 48  ? -12.719 -2.503  -6.986  1.00 33.94  ? 48   THR A C     1 
ATOM   359  O  O     . THR A 1 48  ? -13.258 -3.119  -7.898  1.00 36.17  ? 48   THR A O     1 
ATOM   360  C  CB    . THR A 1 48  ? -13.318 -3.509  -4.751  1.00 31.42  ? 48   THR A CB    1 
ATOM   361  O  OG1   . THR A 1 48  ? -13.875 -3.200  -3.480  1.00 31.80  ? 48   THR A OG1   1 
ATOM   362  C  CG2   . THR A 1 48  ? -11.843 -3.885  -4.438  1.00 36.87  ? 48   THR A CG2   1 
ATOM   363  N  N     . THR A 1 49  ? -11.514 -1.981  -7.095  1.00 32.90  ? 49   THR A N     1 
ATOM   364  C  CA    . THR A 1 49  ? -10.644 -2.215  -8.241  1.00 30.95  ? 49   THR A CA    1 
ATOM   365  C  C     . THR A 1 49  ? -9.205  -2.453  -7.762  1.00 29.12  ? 49   THR A C     1 
ATOM   366  O  O     . THR A 1 49  ? -8.755  -1.829  -6.820  1.00 29.05  ? 49   THR A O     1 
ATOM   367  C  CB    . THR A 1 49  ? -10.728 -1.029  -9.233  1.00 30.01  ? 49   THR A CB    1 
ATOM   368  O  OG1   . THR A 1 49  ? -10.051 -1.358  -10.437 1.00 29.61  ? 49   THR A OG1   1 
ATOM   369  C  CG2   . THR A 1 49  ? -10.013 0.207   -8.700  1.00 33.56  ? 49   THR A CG2   1 
ATOM   370  N  N     . LEU A 1 50  ? -8.526  -3.389  -8.419  1.00 28.81  ? 50   LEU A N     1 
ATOM   371  C  CA    . LEU A 1 50  ? -7.123  -3.713  -8.140  1.00 30.93  ? 50   LEU A CA    1 
ATOM   372  C  C     . LEU A 1 50  ? -6.208  -2.830  -8.965  1.00 29.29  ? 50   LEU A C     1 
ATOM   373  O  O     . LEU A 1 50  ? -6.224  -2.855  -10.187 1.00 30.13  ? 50   LEU A O     1 
ATOM   374  C  CB    . LEU A 1 50  ? -6.859  -5.196  -8.412  1.00 31.19  ? 50   LEU A CB    1 
ATOM   375  C  CG    . LEU A 1 50  ? -5.579  -5.764  -7.752  1.00 28.94  ? 50   LEU A CG    1 
ATOM   376  C  CD1   . LEU A 1 50  ? -5.624  -5.788  -6.225  1.00 30.41  ? 50   LEU A CD1   1 
ATOM   377  C  CD2   . LEU A 1 50  ? -5.303  -7.185  -8.288  1.00 47.36  ? 50   LEU A CD2   1 
ATOM   378  N  N     . VAL A 1 51  ? -5.440  -2.007  -8.287  1.00 27.35  ? 51   VAL A N     1 
ATOM   379  C  CA    . VAL A 1 51  ? -4.560  -1.067  -8.922  1.00 27.80  ? 51   VAL A CA    1 
ATOM   380  C  C     . VAL A 1 51  ? -3.108  -1.577  -8.819  1.00 28.13  ? 51   VAL A C     1 
ATOM   381  O  O     . VAL A 1 51  ? -2.603  -1.777  -7.738  1.00 28.24  ? 51   VAL A O     1 
ATOM   382  C  CB    . VAL A 1 51  ? -4.702  0.338   -8.297  1.00 26.27  ? 51   VAL A CB    1 
ATOM   383  C  CG1   . VAL A 1 51  ? -3.709  1.324   -8.933  1.00 30.44  ? 51   VAL A CG1   1 
ATOM   384  C  CG2   . VAL A 1 51  ? -6.140  0.856   -8.435  1.00 33.07  ? 51   VAL A CG2   1 
ATOM   385  N  N     . PRO A 1 52  ? -2.443  -1.765  -9.946  1.00 28.12  ? 52   PRO A N     1 
ATOM   386  C  CA    . PRO A 1 52  ? -0.991  -2.026  -9.965  1.00 27.85  ? 52   PRO A CA    1 
ATOM   387  C  C     . PRO A 1 52  ? -0.145  -0.843  -9.480  1.00 28.13  ? 52   PRO A C     1 
ATOM   388  O  O     . PRO A 1 52  ? -0.579  0.318   -9.655  1.00 27.77  ? 52   PRO A O     1 
ATOM   389  C  CB    . PRO A 1 52  ? -0.691  -2.256  -11.469 1.00 29.55  ? 52   PRO A CB    1 
ATOM   390  C  CG    . PRO A 1 52  ? -2.060  -2.490  -12.103 1.00 25.79  ? 52   PRO A CG    1 
ATOM   391  C  CD    . PRO A 1 52  ? -3.027  -1.680  -11.309 1.00 27.38  ? 52   PRO A CD    1 
ATOM   392  N  N     . THR A 1 53  ? 1.015   -1.142  -8.871  1.00 25.26  ? 53   THR A N     1 
ATOM   393  C  CA    . THR A 1 53  ? 2.025   -0.144  -8.562  1.00 25.23  ? 53   THR A CA    1 
ATOM   394  C  C     . THR A 1 53  ? 3.134   -0.087  -9.590  1.00 24.79  ? 53   THR A C     1 
ATOM   395  O  O     . THR A 1 53  ? 3.929   0.846   -9.585  1.00 26.11  ? 53   THR A O     1 
ATOM   396  C  CB    . THR A 1 53  ? 2.708   -0.378  -7.165  1.00 27.36  ? 53   THR A CB    1 
ATOM   397  O  OG1   . THR A 1 53  ? 3.274   -1.708  -7.057  1.00 26.53  ? 53   THR A OG1   1 
ATOM   398  C  CG2   . THR A 1 53  ? 1.661   -0.221  -6.021  1.00 29.44  ? 53   THR A CG2   1 
ATOM   399  N  N     . GLY A 1 54  ? 3.222   -1.122  -10.409 1.00 25.81  ? 54   GLY A N     1 
ATOM   400  C  CA    . GLY A 1 54  ? 4.359   -1.322  -11.284 1.00 27.82  ? 54   GLY A CA    1 
ATOM   401  C  C     . GLY A 1 54  ? 5.678   -1.587  -10.594 1.00 28.23  ? 54   GLY A C     1 
ATOM   402  O  O     . GLY A 1 54  ? 6.747   -1.506  -11.222 1.00 25.17  ? 54   GLY A O     1 
ATOM   403  N  N     . LEU A 1 55  ? 5.618   -1.918  -9.308  1.00 28.90  ? 55   LEU A N     1 
ATOM   404  C  CA    . LEU A 1 55  ? 6.828   -2.296  -8.595  1.00 29.30  ? 55   LEU A CA    1 
ATOM   405  C  C     . LEU A 1 55  ? 6.620   -3.499  -7.657  1.00 27.02  ? 55   LEU A C     1 
ATOM   406  O  O     . LEU A 1 55  ? 5.501   -3.874  -7.321  1.00 25.62  ? 55   LEU A O     1 
ATOM   407  C  CB    . LEU A 1 55  ? 7.440   -1.094  -7.908  1.00 31.47  ? 55   LEU A CB    1 
ATOM   408  C  CG    . LEU A 1 55  ? 6.663   -0.454  -6.779  1.00 35.21  ? 55   LEU A CG    1 
ATOM   409  C  CD1   . LEU A 1 55  ? 6.968   -1.161  -5.482  1.00 40.79  ? 55   LEU A CD1   1 
ATOM   410  C  CD2   . LEU A 1 55  ? 7.026   0.978   -6.674  1.00 31.00  ? 55   LEU A CD2   1 
ATOM   411  N  N     . ALA A 1 56  ? 7.751   -4.112  -7.314  1.00 26.13  ? 56   ALA A N     1 
ATOM   412  C  CA    . ALA A 1 56  ? 7.846   -5.220  -6.383  1.00 27.07  ? 56   ALA A CA    1 
ATOM   413  C  C     . ALA A 1 56  ? 8.930   -4.850  -5.380  1.00 26.74  ? 56   ALA A C     1 
ATOM   414  O  O     . ALA A 1 56  ? 9.963   -4.288  -5.737  1.00 26.79  ? 56   ALA A O     1 
ATOM   415  C  CB    . ALA A 1 56  ? 8.220   -6.494  -7.100  1.00 26.25  ? 56   ALA A CB    1 
ATOM   416  N  N     . ILE A 1 57  ? 8.668   -5.114  -4.119  1.00 27.17  ? 57   ILE A N     1 
ATOM   417  C  CA    . ILE A 1 57  ? 9.694   -4.988  -3.116  1.00 26.11  ? 57   ILE A CA    1 
ATOM   418  C  C     . ILE A 1 57  ? 10.005  -6.363  -2.480  1.00 28.12  ? 57   ILE A C     1 
ATOM   419  O  O     . ILE A 1 57  ? 9.200   -7.328  -2.520  1.00 28.54  ? 57   ILE A O     1 
ATOM   420  C  CB    . ILE A 1 57  ? 9.299   -3.989  -2.008  1.00 27.91  ? 57   ILE A CB    1 
ATOM   421  C  CG1   . ILE A 1 57  ? 8.158   -4.547  -1.178  1.00 27.51  ? 57   ILE A CG1   1 
ATOM   422  C  CG2   . ILE A 1 57  ? 8.923   -2.599  -2.602  1.00 29.33  ? 57   ILE A CG2   1 
ATOM   423  C  CD1   . ILE A 1 57  ? 7.796   -3.662  0.026   1.00 37.38  ? 57   ILE A CD1   1 
ATOM   424  N  N     . HIS A 1 58  ? 11.178  -6.428  -1.864  1.00 26.58  ? 58   HIS A N     1 
ATOM   425  C  CA    . HIS A 1 58  ? 11.515  -7.588  -1.073  1.00 29.15  ? 58   HIS A CA    1 
ATOM   426  C  C     . HIS A 1 58  ? 12.099  -7.145  0.271   1.00 27.70  ? 58   HIS A C     1 
ATOM   427  O  O     . HIS A 1 58  ? 13.241  -6.717  0.373   1.00 27.45  ? 58   HIS A O     1 
ATOM   428  C  CB    . HIS A 1 58  ? 12.445  -8.524  -1.831  1.00 29.49  ? 58   HIS A CB    1 
ATOM   429  C  CG    . HIS A 1 58  ? 12.749  -9.799  -1.092  1.00 38.57  ? 58   HIS A CG    1 
ATOM   430  N  ND1   . HIS A 1 58  ? 13.997  -10.381 -1.113  1.00 31.09  ? 58   HIS A ND1   1 
ATOM   431  C  CD2   . HIS A 1 58  ? 11.981  -10.579 -0.284  1.00 33.04  ? 58   HIS A CD2   1 
ATOM   432  C  CE1   . HIS A 1 58  ? 13.985  -11.471 -0.355  1.00 38.35  ? 58   HIS A CE1   1 
ATOM   433  N  NE2   . HIS A 1 58  ? 12.769  -11.623 0.140   1.00 35.51  ? 58   HIS A NE2   1 
ATOM   434  N  N     . ILE A 1 59  ? 11.242  -7.171  1.279   1.00 25.47  ? 59   ILE A N     1 
ATOM   435  C  CA    . ILE A 1 59  ? 11.610  -6.692  2.579   1.00 27.79  ? 59   ILE A CA    1 
ATOM   436  C  C     . ILE A 1 59  ? 12.718  -7.579  3.146   1.00 29.04  ? 59   ILE A C     1 
ATOM   437  O  O     . ILE A 1 59  ? 13.690  -7.069  3.669   1.00 27.83  ? 59   ILE A O     1 
ATOM   438  C  CB    . ILE A 1 59  ? 10.377  -6.627  3.512   1.00 28.82  ? 59   ILE A CB    1 
ATOM   439  C  CG1   . ILE A 1 59  ? 9.465   -5.465  3.093   1.00 28.80  ? 59   ILE A CG1   1 
ATOM   440  C  CG2   . ILE A 1 59  ? 10.826  -6.481  4.968   1.00 32.32  ? 59   ILE A CG2   1 
ATOM   441  C  CD1   . ILE A 1 59  ? 8.017   -5.561  3.706   1.00 28.09  ? 59   ILE A CD1   1 
ATOM   442  N  N     . ALA A 1 60  ? 12.498  -8.888  3.061   1.00 30.78  ? 60   ALA A N     1 
ATOM   443  C  CA    . ALA A 1 60  ? 13.483  -9.921  3.316   1.00 34.16  ? 60   ALA A CA    1 
ATOM   444  C  C     . ALA A 1 60  ? 13.757  -10.261 4.810   1.00 35.77  ? 60   ALA A C     1 
ATOM   445  O  O     . ALA A 1 60  ? 13.959  -11.422 5.154   1.00 41.29  ? 60   ALA A O     1 
ATOM   446  C  CB    . ALA A 1 60  ? 14.783  -9.610  2.537   1.00 36.11  ? 60   ALA A CB    1 
ATOM   447  N  N     . ASP A 1 61  ? 13.713  -9.268  5.681   1.00 31.33  ? 61   ASP A N     1 
ATOM   448  C  CA    . ASP A 1 61  ? 13.946  -9.385  7.102   1.00 29.60  ? 61   ASP A CA    1 
ATOM   449  C  C     . ASP A 1 61  ? 12.618  -9.722  7.733   1.00 30.61  ? 61   ASP A C     1 
ATOM   450  O  O     . ASP A 1 61  ? 11.689  -8.932  7.686   1.00 29.54  ? 61   ASP A O     1 
ATOM   451  C  CB    . ASP A 1 61  ? 14.478  -8.027  7.533   1.00 29.86  ? 61   ASP A CB    1 
ATOM   452  C  CG    . ASP A 1 61  ? 14.869  -7.939  8.966   1.00 32.07  ? 61   ASP A CG    1 
ATOM   453  O  OD1   . ASP A 1 61  ? 14.554  -8.855  9.782   1.00 31.92  ? 61   ASP A OD1   1 
ATOM   454  O  OD2   . ASP A 1 61  ? 15.478  -6.897  9.347   1.00 31.18  ? 61   ASP A OD2   1 
ATOM   455  N  N     . PRO A 1 62  ? 12.522  -10.924 8.298   1.00 31.82  ? 62   PRO A N     1 
ATOM   456  C  CA    . PRO A 1 62  ? 11.311  -11.396 8.946   1.00 30.35  ? 62   PRO A CA    1 
ATOM   457  C  C     . PRO A 1 62  ? 10.929  -10.628 10.220  1.00 28.65  ? 62   PRO A C     1 
ATOM   458  O  O     . PRO A 1 62  ? 9.848   -10.908 10.774  1.00 30.54  ? 62   PRO A O     1 
ATOM   459  C  CB    . PRO A 1 62  ? 11.645  -12.877 9.244   1.00 32.36  ? 62   PRO A CB    1 
ATOM   460  C  CG    . PRO A 1 62  ? 13.141  -12.896 9.403   1.00 35.95  ? 62   PRO A CG    1 
ATOM   461  C  CD    . PRO A 1 62  ? 13.598  -11.958 8.307   1.00 34.39  ? 62   PRO A CD    1 
ATOM   462  N  N     . SER A 1 63  ? 11.789  -9.717  10.678  1.00 28.21  ? 63   SER A N     1 
ATOM   463  C  CA    . SER A 1 63  ? 11.462  -8.798  11.780  1.00 28.34  ? 63   SER A CA    1 
ATOM   464  C  C     . SER A 1 63  ? 10.736  -7.526  11.311  1.00 27.38  ? 63   SER A C     1 
ATOM   465  O  O     . SER A 1 63  ? 10.521  -6.597  12.087  1.00 24.25  ? 63   SER A O     1 
ATOM   466  C  CB    A SER A 1 63  ? 12.726  -8.408  12.554  0.50 28.99  ? 63   SER A CB    1 
ATOM   467  C  CB    B SER A 1 63  ? 12.722  -8.443  12.605  0.50 29.04  ? 63   SER A CB    1 
ATOM   468  O  OG    A SER A 1 63  ? 13.149  -9.469  13.387  0.50 31.37  ? 63   SER A OG    1 
ATOM   469  O  OG    B SER A 1 63  ? 13.647  -7.597  11.926  0.50 26.99  ? 63   SER A OG    1 
ATOM   470  N  N     . LEU A 1 64  ? 10.379  -7.497  10.021  1.00 29.02  ? 64   LEU A N     1 
ATOM   471  C  CA    . LEU A 1 64  ? 9.794   -6.319  9.385   1.00 26.52  ? 64   LEU A CA    1 
ATOM   472  C  C     . LEU A 1 64  ? 8.639   -6.706  8.442   1.00 25.92  ? 64   LEU A C     1 
ATOM   473  O  O     . LEU A 1 64  ? 8.660   -7.752  7.783   1.00 25.60  ? 64   LEU A O     1 
ATOM   474  C  CB    . LEU A 1 64  ? 10.864  -5.535  8.631   1.00 26.15  ? 64   LEU A CB    1 
ATOM   475  C  CG    . LEU A 1 64  ? 10.610  -4.029  8.500   1.00 34.15  ? 64   LEU A CG    1 
ATOM   476  C  CD1   . LEU A 1 64  ? 10.815  -3.315  9.839   1.00 41.98  ? 64   LEU A CD1   1 
ATOM   477  C  CD2   . LEU A 1 64  ? 11.521  -3.444  7.438   1.00 43.38  ? 64   LEU A CD2   1 
ATOM   478  N  N     . ALA A 1 65  ? 7.610   -5.871  8.450   1.00 24.33  ? 65   ALA A N     1 
ATOM   479  C  CA    . ALA A 1 65  ? 6.478   -5.995  7.523   1.00 24.68  ? 65   ALA A CA    1 
ATOM   480  C  C     . ALA A 1 65  ? 6.113   -4.601  7.058   1.00 23.84  ? 65   ALA A C     1 
ATOM   481  O  O     . ALA A 1 65  ? 6.579   -3.621  7.620   1.00 24.05  ? 65   ALA A O     1 
ATOM   482  C  CB    . ALA A 1 65  ? 5.293   -6.625  8.218   1.00 25.73  ? 65   ALA A CB    1 
ATOM   483  N  N     . ALA A 1 66  ? 5.342   -4.520  5.982   1.00 25.63  ? 66   ALA A N     1 
ATOM   484  C  CA    . ALA A 1 66  ? 4.738   -3.227  5.615   1.00 25.29  ? 66   ALA A CA    1 
ATOM   485  C  C     . ALA A 1 66  ? 3.229   -3.318  5.749   1.00 24.99  ? 66   ALA A C     1 
ATOM   486  O  O     . ALA A 1 66  ? 2.617   -4.389  5.697   1.00 24.34  ? 66   ALA A O     1 
ATOM   487  C  CB    . ALA A 1 66  ? 5.174   -2.781  4.216   1.00 24.74  ? 66   ALA A CB    1 
ATOM   488  N  N     . MET A 1 67  ? 2.618   -2.169  5.980   1.00 26.58  ? 67   MET A N     1 
ATOM   489  C  CA    . MET A 1 67  ? 1.174   -2.087  6.042   1.00 26.09  ? 67   MET A CA    1 
ATOM   490  C  C     . MET A 1 67  ? 0.730   -0.978  5.092   1.00 26.22  ? 67   MET A C     1 
ATOM   491  O  O     . MET A 1 67  ? 1.190   0.171   5.202   1.00 26.80  ? 67   MET A O     1 
ATOM   492  C  CB    . MET A 1 67  ? 0.749   -1.803  7.467   1.00 26.56  ? 67   MET A CB    1 
ATOM   493  C  CG    . MET A 1 67  ? 0.741   -2.997  8.349   1.00 37.50  ? 67   MET A CG    1 
ATOM   494  S  SD    . MET A 1 67  ? 0.520   -2.485  10.098  1.00 42.48  ? 67   MET A SD    1 
ATOM   495  C  CE    . MET A 1 67  ? -0.991  -2.591  10.086  1.00 35.52  ? 67   MET A CE    1 
ATOM   496  N  N     . MET A 1 68  ? -0.119  -1.331  4.125   1.00 26.21  ? 68   MET A N     1 
ATOM   497  C  CA    . MET A 1 68  ? -0.736  -0.339  3.256   1.00 27.43  ? 68   MET A CA    1 
ATOM   498  C  C     . MET A 1 68  ? -2.005  0.184   3.914   1.00 26.25  ? 68   MET A C     1 
ATOM   499  O  O     . MET A 1 68  ? -2.797  -0.584  4.496   1.00 27.47  ? 68   MET A O     1 
ATOM   500  C  CB    . MET A 1 68  ? -1.070  -0.924  1.911   1.00 28.31  ? 68   MET A CB    1 
ATOM   501  C  CG    . MET A 1 68  ? 0.137   -1.422  1.095   1.00 33.95  ? 68   MET A CG    1 
ATOM   502  S  SD    . MET A 1 68  ? -0.466  -1.990  -0.592  1.00 46.37  ? 68   MET A SD    1 
ATOM   503  C  CE    . MET A 1 68  ? -1.744  -1.026  -0.783  1.00 29.72  ? 68   MET A CE    1 
ATOM   504  N  N     . LEU A 1 69  ? -2.159  1.494   3.878   1.00 27.15  ? 69   LEU A N     1 
ATOM   505  C  CA    . LEU A 1 69  ? -3.285  2.193   4.460   1.00 25.51  ? 69   LEU A CA    1 
ATOM   506  C  C     . LEU A 1 69  ? -3.903  3.232   3.496   1.00 24.96  ? 69   LEU A C     1 
ATOM   507  O  O     . LEU A 1 69  ? -3.198  3.737   2.636   1.00 22.29  ? 69   LEU A O     1 
ATOM   508  C  CB    . LEU A 1 69  ? -2.788  2.978   5.683   1.00 24.18  ? 69   LEU A CB    1 
ATOM   509  C  CG    . LEU A 1 69  ? -2.086  2.132   6.759   1.00 30.87  ? 69   LEU A CG    1 
ATOM   510  C  CD1   . LEU A 1 69  ? -1.485  3.038   7.773   1.00 24.08  ? 69   LEU A CD1   1 
ATOM   511  C  CD2   . LEU A 1 69  ? -3.007  1.112   7.421   1.00 28.79  ? 69   LEU A CD2   1 
ATOM   512  N  N     . PRO A 1 70  ? -5.191  3.606   3.679   1.00 23.97  ? 70   PRO A N     1 
ATOM   513  C  CA    . PRO A 1 70  ? -5.751  4.777   2.962   1.00 22.81  ? 70   PRO A CA    1 
ATOM   514  C  C     . PRO A 1 70  ? -4.954  6.002   3.290   1.00 24.67  ? 70   PRO A C     1 
ATOM   515  O  O     . PRO A 1 70  ? -4.288  6.053   4.353   1.00 23.08  ? 70   PRO A O     1 
ATOM   516  C  CB    . PRO A 1 70  ? -7.186  4.886   3.513   1.00 24.20  ? 70   PRO A CB    1 
ATOM   517  C  CG    . PRO A 1 70  ? -7.510  3.462   3.930   1.00 24.68  ? 70   PRO A CG    1 
ATOM   518  C  CD    . PRO A 1 70  ? -6.211  2.919   4.497   1.00 21.97  ? 70   PRO A CD    1 
ATOM   519  N  N     . ARG A 1 71  ? -4.994  7.006   2.414   1.00 26.13  ? 71   ARG A N     1 
ATOM   520  C  CA    . ARG A 1 71  ? -4.529  8.334   2.812   1.00 25.77  ? 71   ARG A CA    1 
ATOM   521  C  C     . ARG A 1 71  ? -5.745  9.028   3.433   1.00 25.92  ? 71   ARG A C     1 
ATOM   522  O  O     . ARG A 1 71  ? -6.882  8.779   3.022   1.00 25.28  ? 71   ARG A O     1 
ATOM   523  C  CB    . ARG A 1 71  ? -4.004  9.126   1.618   1.00 25.98  ? 71   ARG A CB    1 
ATOM   524  C  CG    . ARG A 1 71  ? -2.770  8.502   1.007   1.00 26.55  ? 71   ARG A CG    1 
ATOM   525  C  CD    . ARG A 1 71  ? -2.236  9.245   -0.155  1.00 26.83  ? 71   ARG A CD    1 
ATOM   526  N  NE    . ARG A 1 71  ? -1.898  10.632  0.217   1.00 32.82  ? 71   ARG A NE    1 
ATOM   527  C  CZ    . ARG A 1 71  ? -2.135  11.697  -0.569  1.00 35.84  ? 71   ARG A CZ    1 
ATOM   528  N  NH1   . ARG A 1 71  ? -2.688  11.565  -1.774  1.00 33.86  ? 71   ARG A NH1   1 
ATOM   529  N  NH2   . ARG A 1 71  ? -1.814  12.903  -0.137  1.00 34.93  ? 71   ARG A NH2   1 
ATOM   530  N  N     . SER A 1 72  ? -5.500  9.858   4.424   1.00 24.49  ? 72   SER A N     1 
ATOM   531  C  CA    . SER A 1 72  ? -6.584  10.404  5.232   1.00 26.41  ? 72   SER A CA    1 
ATOM   532  C  C     . SER A 1 72  ? -7.566  11.217  4.392   1.00 27.05  ? 72   SER A C     1 
ATOM   533  O  O     . SER A 1 72  ? -8.768  11.108  4.569   1.00 27.19  ? 72   SER A O     1 
ATOM   534  C  CB    . SER A 1 72  ? -6.042  11.288  6.382   1.00 25.75  ? 72   SER A CB    1 
ATOM   535  O  OG    . SER A 1 72  ? -7.101  11.672  7.293   1.00 26.38  ? 72   SER A OG    1 
ATOM   536  N  N     . GLY A 1 73  ? -7.045  11.999  3.459   1.00 29.25  ? 73   GLY A N     1 
ATOM   537  C  CA    . GLY A 1 73  ? -7.857  12.930  2.689   1.00 30.30  ? 73   GLY A CA    1 
ATOM   538  C  C     . GLY A 1 73  ? -8.773  12.186  1.771   1.00 29.42  ? 73   GLY A C     1 
ATOM   539  O  O     . GLY A 1 73  ? -9.940  12.444  1.732   1.00 27.60  ? 73   GLY A O     1 
ATOM   540  N  N     . LEU A 1 74  ? -8.230  11.229  1.046   1.00 28.22  ? 74   LEU A N     1 
ATOM   541  C  CA    . LEU A 1 74  ? -9.042  10.410  0.183   1.00 28.28  ? 74   LEU A CA    1 
ATOM   542  C  C     . LEU A 1 74  ? -10.057 9.607   0.943   1.00 26.84  ? 74   LEU A C     1 
ATOM   543  O  O     . LEU A 1 74  ? -11.209 9.461   0.508   1.00 27.06  ? 74   LEU A O     1 
ATOM   544  C  CB    . LEU A 1 74  ? -8.138  9.476   -0.615  1.00 28.56  ? 74   LEU A CB    1 
ATOM   545  C  CG    . LEU A 1 74  ? -7.297  10.133  -1.725  1.00 38.29  ? 74   LEU A CG    1 
ATOM   546  C  CD1   . LEU A 1 74  ? -6.170  9.201   -2.162  1.00 39.85  ? 74   LEU A CD1   1 
ATOM   547  C  CD2   . LEU A 1 74  ? -8.178  10.480  -2.891  1.00 34.25  ? 74   LEU A CD2   1 
ATOM   548  N  N     . GLY A 1 75  ? -9.639  9.038   2.072   1.00 25.50  ? 75   GLY A N     1 
ATOM   549  C  CA    . GLY A 1 75  ? -10.546 8.221   2.836   1.00 26.29  ? 75   GLY A CA    1 
ATOM   550  C  C     . GLY A 1 75  ? -11.704 9.055   3.396   1.00 26.98  ? 75   GLY A C     1 
ATOM   551  O  O     . GLY A 1 75  ? -12.874 8.730   3.232   1.00 28.38  ? 75   GLY A O     1 
ATOM   552  N  N     . HIS A 1 76  ? -11.360 10.112  4.112   1.00 26.69  ? 76   HIS A N     1 
ATOM   553  C  CA    . HIS A 1 76  ? -12.336 10.924  4.814   1.00 28.24  ? 76   HIS A CA    1 
ATOM   554  C  C     . HIS A 1 76  ? -13.277 11.661  3.841   1.00 30.04  ? 76   HIS A C     1 
ATOM   555  O  O     . HIS A 1 76  ? -14.522 11.626  3.996   1.00 31.13  ? 76   HIS A O     1 
ATOM   556  C  CB    . HIS A 1 76  ? -11.639 11.952  5.721   1.00 28.12  ? 76   HIS A CB    1 
ATOM   557  C  CG    . HIS A 1 76  ? -12.597 12.934  6.328   1.00 29.85  ? 76   HIS A CG    1 
ATOM   558  N  ND1   . HIS A 1 76  ? -13.647 12.542  7.127   1.00 34.80  ? 76   HIS A ND1   1 
ATOM   559  C  CD2   . HIS A 1 76  ? -12.691 14.276  6.210   1.00 36.94  ? 76   HIS A CD2   1 
ATOM   560  C  CE1   . HIS A 1 76  ? -14.346 13.602  7.479   1.00 33.46  ? 76   HIS A CE1   1 
ATOM   561  N  NE2   . HIS A 1 76  ? -13.784 14.667  6.943   1.00 32.79  ? 76   HIS A NE2   1 
ATOM   562  N  N     . LYS A 1 77  ? -12.642 12.369  2.910   1.00 30.03  ? 77   LYS A N     1 
ATOM   563  C  CA    . LYS A 1 77  ? -13.297 13.339  2.054   1.00 33.81  ? 77   LYS A CA    1 
ATOM   564  C  C     . LYS A 1 77  ? -13.965 12.618  0.888   1.00 33.08  ? 77   LYS A C     1 
ATOM   565  O  O     . LYS A 1 77  ? -15.008 13.055  0.416   1.00 32.62  ? 77   LYS A O     1 
ATOM   566  C  CB    . LYS A 1 77  ? -12.321 14.349  1.427   1.00 33.78  ? 77   LYS A CB    1 
ATOM   567  C  CG    . LYS A 1 77  ? -11.618 15.346  2.309   1.00 48.08  ? 77   LYS A CG    1 
ATOM   568  C  CD    . LYS A 1 77  ? -10.815 16.334  1.409   1.00 66.13  ? 77   LYS A CD    1 
ATOM   569  C  CE    . LYS A 1 77  ? -9.805  17.203  2.193   1.00 73.75  ? 77   LYS A CE    1 
ATOM   570  N  NZ    . LYS A 1 77  ? -8.387  16.693  2.160   1.00 61.68  ? 77   LYS A NZ    1 
ATOM   571  N  N     . HIS A 1 78  ? -13.333 11.566  0.361   1.00 30.58  ? 78   HIS A N     1 
ATOM   572  C  CA    . HIS A 1 78  ? -13.823 10.963  -0.854  1.00 29.04  ? 78   HIS A CA    1 
ATOM   573  C  C     . HIS A 1 78  ? -14.291 9.535   -0.710  1.00 29.39  ? 78   HIS A C     1 
ATOM   574  O  O     . HIS A 1 78  ? -14.794 8.971   -1.683  1.00 28.50  ? 78   HIS A O     1 
ATOM   575  C  CB    . HIS A 1 78  ? -12.756 11.057  -1.962  1.00 30.38  ? 78   HIS A CB    1 
ATOM   576  C  CG    . HIS A 1 78  ? -12.342 12.456  -2.293  1.00 35.10  ? 78   HIS A CG    1 
ATOM   577  N  ND1   . HIS A 1 78  ? -12.924 13.177  -3.316  1.00 40.54  ? 78   HIS A ND1   1 
ATOM   578  C  CD2   . HIS A 1 78  ? -11.459 13.290  -1.701  1.00 46.39  ? 78   HIS A CD2   1 
ATOM   579  C  CE1   . HIS A 1 78  ? -12.377 14.376  -3.365  1.00 39.42  ? 78   HIS A CE1   1 
ATOM   580  N  NE2   . HIS A 1 78  ? -11.499 14.479  -2.387  1.00 34.68  ? 78   HIS A NE2   1 
ATOM   581  N  N     . GLY A 1 79  ? -14.136 8.929   0.480   1.00 27.46  ? 79   GLY A N     1 
ATOM   582  C  CA    . GLY A 1 79  ? -14.482 7.520   0.660   1.00 27.65  ? 79   GLY A CA    1 
ATOM   583  C  C     . GLY A 1 79  ? -13.594 6.565   -0.165  1.00 26.04  ? 79   GLY A C     1 
ATOM   584  O  O     . GLY A 1 79  ? -14.004 5.469   -0.502  1.00 29.45  ? 79   GLY A O     1 
ATOM   585  N  N     . ILE A 1 80  ? -12.400 6.983   -0.509  1.00 25.80  ? 80   ILE A N     1 
ATOM   586  C  CA    . ILE A 1 80  ? -11.463 6.139   -1.261  1.00 26.18  ? 80   ILE A CA    1 
ATOM   587  C  C     . ILE A 1 80  ? -10.448 5.496   -0.280  1.00 26.21  ? 80   ILE A C     1 
ATOM   588  O  O     . ILE A 1 80  ? -9.469  6.132   0.182   1.00 24.61  ? 80   ILE A O     1 
ATOM   589  C  CB    . ILE A 1 80  ? -10.757 6.938   -2.370  1.00 26.06  ? 80   ILE A CB    1 
ATOM   590  C  CG1   . ILE A 1 80  ? -11.775 7.535   -3.372  1.00 31.01  ? 80   ILE A CG1   1 
ATOM   591  C  CG2   . ILE A 1 80  ? -9.781  6.026   -3.153  1.00 27.41  ? 80   ILE A CG2   1 
ATOM   592  C  CD1   . ILE A 1 80  ? -12.722 6.496   -3.995  1.00 35.68  ? 80   ILE A CD1   1 
ATOM   593  N  N     . VAL A 1 81  ? -10.718 4.223   0.001   1.00 25.64  ? 81   VAL A N     1 
ATOM   594  C  CA    . VAL A 1 81  ? -9.994  3.453   0.997   1.00 25.03  ? 81   VAL A CA    1 
ATOM   595  C  C     . VAL A 1 81  ? -9.590  2.127   0.361   1.00 26.19  ? 81   VAL A C     1 
ATOM   596  O  O     . VAL A 1 81  ? -9.553  1.989   -0.885  1.00 25.95  ? 81   VAL A O     1 
ATOM   597  C  CB    . VAL A 1 81  ? -10.825 3.286   2.296   1.00 20.65  ? 81   VAL A CB    1 
ATOM   598  C  CG1   . VAL A 1 81  ? -11.105 4.625   2.922   1.00 26.83  ? 81   VAL A CG1   1 
ATOM   599  C  CG2   . VAL A 1 81  ? -12.118 2.547   2.017   1.00 28.07  ? 81   VAL A CG2   1 
ATOM   600  N  N     . LEU A 1 82  ? -9.227  1.171   1.216   1.00 24.46  ? 82   LEU A N     1 
ATOM   601  C  CA    . LEU A 1 82  ? -8.738  -0.124  0.776   1.00 24.33  ? 82   LEU A CA    1 
ATOM   602  C  C     . LEU A 1 82  ? -9.813  -1.182  0.980   1.00 24.93  ? 82   LEU A C     1 
ATOM   603  O  O     . LEU A 1 82  ? -10.465 -1.236  2.026   1.00 22.72  ? 82   LEU A O     1 
ATOM   604  C  CB    . LEU A 1 82  ? -7.453  -0.470  1.535   1.00 24.01  ? 82   LEU A CB    1 
ATOM   605  C  CG    . LEU A 1 82  ? -6.256  0.507   1.372   1.00 22.73  ? 82   LEU A CG    1 
ATOM   606  C  CD1   . LEU A 1 82  ? -5.009  0.057   2.186   1.00 25.67  ? 82   LEU A CD1   1 
ATOM   607  C  CD2   . LEU A 1 82  ? -5.880  0.635   -0.086  1.00 24.86  ? 82   LEU A CD2   1 
ATOM   608  N  N     . GLY A 1 83  ? -9.991  -2.015  -0.035  1.00 26.74  ? 83   GLY A N     1 
ATOM   609  C  CA    . GLY A 1 83  ? -10.950 -3.107  -0.026  1.00 26.42  ? 83   GLY A CA    1 
ATOM   610  C  C     . GLY A 1 83  ? -10.598 -4.209  0.913   1.00 26.99  ? 83   GLY A C     1 
ATOM   611  O  O     . GLY A 1 83  ? -11.487 -4.928  1.405   1.00 24.48  ? 83   GLY A O     1 
ATOM   612  N  N     . ASN A 1 84  ? -9.294  -4.332  1.185   1.00 25.77  ? 84   ASN A N     1 
ATOM   613  C  CA    . ASN A 1 84  ? -8.818  -5.215  2.247   1.00 23.64  ? 84   ASN A CA    1 
ATOM   614  C  C     . ASN A 1 84  ? -8.572  -4.469  3.588   1.00 23.77  ? 84   ASN A C     1 
ATOM   615  O  O     . ASN A 1 84  ? -8.109  -5.067  4.575   1.00 23.63  ? 84   ASN A O     1 
ATOM   616  C  CB    . ASN A 1 84  ? -7.593  -6.011  1.815   1.00 25.37  ? 84   ASN A CB    1 
ATOM   617  C  CG    . ASN A 1 84  ? -6.446  -5.138  1.294   1.00 24.76  ? 84   ASN A CG    1 
ATOM   618  O  OD1   . ASN A 1 84  ? -6.524  -3.919  1.270   1.00 27.52  ? 84   ASN A OD1   1 
ATOM   619  N  ND2   . ASN A 1 84  ? -5.368  -5.799  0.829   1.00 26.94  ? 84   ASN A ND2   1 
ATOM   620  N  N     . LEU A 1 85  ? -8.916  -3.182  3.597   1.00 23.70  ? 85   LEU A N     1 
ATOM   621  C  CA    . LEU A 1 85  ? -8.866  -2.269  4.741   1.00 24.07  ? 85   LEU A CA    1 
ATOM   622  C  C     . LEU A 1 85  ? -7.428  -1.855  5.105   1.00 25.00  ? 85   LEU A C     1 
ATOM   623  O  O     . LEU A 1 85  ? -7.081  -0.670  5.096   1.00 23.07  ? 85   LEU A O     1 
ATOM   624  C  CB    . LEU A 1 85  ? -9.607  -2.799  5.973   1.00 24.44  ? 85   LEU A CB    1 
ATOM   625  C  CG    . LEU A 1 85  ? -11.079 -3.281  5.869   1.00 27.33  ? 85   LEU A CG    1 
ATOM   626  C  CD1   . LEU A 1 85  ? -11.597 -3.535  7.255   1.00 30.37  ? 85   LEU A CD1   1 
ATOM   627  C  CD2   . LEU A 1 85  ? -11.992 -2.264  5.094   1.00 24.09  ? 85   LEU A CD2   1 
ATOM   628  N  N     . VAL A 1 86  ? -6.596  -2.852  5.387   1.00 25.83  ? 86   VAL A N     1 
ATOM   629  C  CA    . VAL A 1 86  ? -5.159  -2.686  5.577   1.00 26.80  ? 86   VAL A CA    1 
ATOM   630  C  C     . VAL A 1 86  ? -4.480  -3.775  4.764   1.00 25.77  ? 86   VAL A C     1 
ATOM   631  O  O     . VAL A 1 86  ? -4.838  -4.917  4.873   1.00 26.96  ? 86   VAL A O     1 
ATOM   632  C  CB    . VAL A 1 86  ? -4.724  -2.831  7.096   1.00 24.75  ? 86   VAL A CB    1 
ATOM   633  C  CG1   . VAL A 1 86  ? -3.191  -2.843  7.222   1.00 27.11  ? 86   VAL A CG1   1 
ATOM   634  C  CG2   . VAL A 1 86  ? -5.337  -1.707  7.946   1.00 26.19  ? 86   VAL A CG2   1 
ATOM   635  N  N     . GLY A 1 87  ? -3.487  -3.408  3.971   1.00 26.71  ? 87   GLY A N     1 
ATOM   636  C  CA    . GLY A 1 87  ? -2.751  -4.372  3.192   1.00 28.48  ? 87   GLY A CA    1 
ATOM   637  C  C     . GLY A 1 87  ? -1.441  -4.754  3.886   1.00 28.40  ? 87   GLY A C     1 
ATOM   638  O  O     . GLY A 1 87  ? -0.536  -3.954  4.005   1.00 31.65  ? 87   GLY A O     1 
ATOM   639  N  N     . LEU A 1 88  ? -1.317  -6.002  4.307   1.00 25.84  ? 88   LEU A N     1 
ATOM   640  C  CA    . LEU A 1 88  ? -0.133  -6.430  5.016   1.00 23.24  ? 88   LEU A CA    1 
ATOM   641  C  C     . LEU A 1 88  ? 0.822   -7.026  4.031   1.00 23.64  ? 88   LEU A C     1 
ATOM   642  O  O     . LEU A 1 88  ? 0.447   -7.958  3.302   1.00 24.98  ? 88   LEU A O     1 
ATOM   643  C  CB    . LEU A 1 88  ? -0.528  -7.471  6.047   1.00 22.54  ? 88   LEU A CB    1 
ATOM   644  C  CG    . LEU A 1 88  ? 0.587   -8.084  6.916   1.00 25.01  ? 88   LEU A CG    1 
ATOM   645  C  CD1   . LEU A 1 88  ? 1.266   -7.033  7.733   1.00 25.06  ? 88   LEU A CD1   1 
ATOM   646  C  CD2   . LEU A 1 88  ? 0.008   -9.198  7.762   1.00 23.87  ? 88   LEU A CD2   1 
ATOM   647  N  N     . ILE A 1 89  ? 2.049   -6.515  3.984   1.00 24.50  ? 89   ILE A N     1 
ATOM   648  C  CA    . ILE A 1 89  ? 3.042   -7.029  3.041   1.00 24.90  ? 89   ILE A CA    1 
ATOM   649  C  C     . ILE A 1 89  ? 4.086   -7.854  3.806   1.00 26.69  ? 89   ILE A C     1 
ATOM   650  O  O     . ILE A 1 89  ? 4.797   -7.315  4.661   1.00 27.50  ? 89   ILE A O     1 
ATOM   651  C  CB    . ILE A 1 89  ? 3.752   -5.901  2.298   1.00 25.34  ? 89   ILE A CB    1 
ATOM   652  C  CG1   . ILE A 1 89  ? 2.782   -4.828  1.777   1.00 26.92  ? 89   ILE A CG1   1 
ATOM   653  C  CG2   . ILE A 1 89  ? 4.612   -6.468  1.150   1.00 26.68  ? 89   ILE A CG2   1 
ATOM   654  C  CD1   . ILE A 1 89  ? 1.618   -5.370  0.951   1.00 23.53  ? 89   ILE A CD1   1 
ATOM   655  N  N     . ASN A 1 90  ? 4.165   -9.149  3.499   1.00 26.88  ? 90   ASN A N     1 
ATOM   656  C  CA    . ASN A 1 90  ? 5.064   -10.083 4.231   1.00 27.54  ? 90   ASN A CA    1 
ATOM   657  C  C     . ASN A 1 90  ? 6.498   -9.897  3.774   1.00 25.63  ? 90   ASN A C     1 
ATOM   658  O  O     . ASN A 1 90  ? 6.718   -9.595  2.618   1.00 24.33  ? 90   ASN A O     1 
ATOM   659  C  CB    . ASN A 1 90  ? 4.641   -11.544 3.988   1.00 26.98  ? 90   ASN A CB    1 
ATOM   660  C  CG    . ASN A 1 90  ? 3.258   -11.862 4.544   1.00 39.86  ? 90   ASN A CG    1 
ATOM   661  O  OD1   . ASN A 1 90  ? 2.933   -11.447 5.636   1.00 27.60  ? 90   ASN A OD1   1 
ATOM   662  N  ND2   . ASN A 1 90  ? 2.444   -12.602 3.792   1.00 32.75  ? 90   ASN A ND2   1 
ATOM   663  N  N     . SER A 1 91  ? 7.465   -10.151 4.669   1.00 24.92  ? 91   SER A N     1 
ATOM   664  C  CA    . SER A 1 91  ? 8.878   -9.989  4.382   1.00 25.81  ? 91   SER A CA    1 
ATOM   665  C  C     . SER A 1 91  ? 9.348   -10.834 3.206   1.00 25.58  ? 91   SER A C     1 
ATOM   666  O  O     . SER A 1 91  ? 10.295  -10.452 2.514   1.00 25.83  ? 91   SER A O     1 
ATOM   667  C  CB    . SER A 1 91  ? 9.736   -10.309 5.627   1.00 28.88  ? 91   SER A CB    1 
ATOM   668  O  OG    . SER A 1 91  ? 9.611   -11.680 5.955   1.00 26.96  ? 91   SER A OG    1 
ATOM   669  N  N     . ASP A 1 92  ? 8.674   -11.966 2.970   1.00 26.08  ? 92   ASP A N     1 
ATOM   670  C  CA    . ASP A 1 92  ? 9.061   -12.864 1.925   1.00 27.19  ? 92   ASP A CA    1 
ATOM   671  C  C     . ASP A 1 92  ? 8.245   -12.751 0.626   1.00 27.20  ? 92   ASP A C     1 
ATOM   672  O  O     . ASP A 1 92  ? 8.407   -13.555 -0.321  1.00 26.48  ? 92   ASP A O     1 
ATOM   673  C  CB    . ASP A 1 92  ? 9.141   -14.298 2.464   1.00 27.35  ? 92   ASP A CB    1 
ATOM   674  C  CG    . ASP A 1 92  ? 7.811   -14.841 2.914   1.00 36.44  ? 92   ASP A CG    1 
ATOM   675  O  OD1   . ASP A 1 92  ? 6.799   -14.071 2.991   1.00 31.19  ? 92   ASP A OD1   1 
ATOM   676  O  OD2   . ASP A 1 92  ? 7.717   -16.056 3.203   1.00 32.42  ? 92   ASP A OD2   1 
ATOM   677  N  N     . TYR A 1 93  ? 7.377   -11.752 0.570   1.00 26.33  ? 93   TYR A N     1 
ATOM   678  C  CA    . TYR A 1 93  ? 6.635   -11.458 -0.641  1.00 26.91  ? 93   TYR A CA    1 
ATOM   679  C  C     . TYR A 1 93  ? 7.497   -10.712 -1.637  1.00 27.23  ? 93   TYR A C     1 
ATOM   680  O  O     . TYR A 1 93  ? 8.090   -9.671  -1.307  1.00 29.86  ? 93   TYR A O     1 
ATOM   681  C  CB    . TYR A 1 93  ? 5.431   -10.600 -0.332  1.00 26.80  ? 93   TYR A CB    1 
ATOM   682  C  CG    . TYR A 1 93  ? 4.590   -10.330 -1.544  1.00 25.17  ? 93   TYR A CG    1 
ATOM   683  C  CD1   . TYR A 1 93  ? 4.592   -9.078  -2.129  1.00 26.83  ? 93   TYR A CD1   1 
ATOM   684  C  CD2   . TYR A 1 93  ? 3.754   -11.304 -2.074  1.00 31.31  ? 93   TYR A CD2   1 
ATOM   685  C  CE1   . TYR A 1 93  ? 3.815   -8.798  -3.224  1.00 25.78  ? 93   TYR A CE1   1 
ATOM   686  C  CE2   . TYR A 1 93  ? 2.947   -11.025 -3.178  1.00 31.74  ? 93   TYR A CE2   1 
ATOM   687  C  CZ    . TYR A 1 93  ? 2.973   -9.754  -3.740  1.00 24.83  ? 93   TYR A CZ    1 
ATOM   688  O  OH    . TYR A 1 93  ? 2.186   -9.425  -4.854  1.00 31.27  ? 93   TYR A OH    1 
ATOM   689  N  N     . GLN A 1 94  ? 7.526   -11.231 -2.858  1.00 26.40  ? 94   GLN A N     1 
ATOM   690  C  CA    . GLN A 1 94  ? 8.328   -10.666 -3.947  1.00 27.07  ? 94   GLN A CA    1 
ATOM   691  C  C     . GLN A 1 94  ? 7.509   -10.387 -5.219  1.00 27.72  ? 94   GLN A C     1 
ATOM   692  O  O     . GLN A 1 94  ? 8.089   -10.103 -6.280  1.00 29.36  ? 94   GLN A O     1 
ATOM   693  C  CB    . GLN A 1 94  ? 9.446   -11.660 -4.314  1.00 24.27  ? 94   GLN A CB    1 
ATOM   694  C  CG    . GLN A 1 94  ? 10.399  -11.945 -3.181  1.00 27.52  ? 94   GLN A CG    1 
ATOM   695  C  CD    . GLN A 1 94  ? 11.598  -12.752 -3.654  1.00 47.33  ? 94   GLN A CD    1 
ATOM   696  O  OE1   . GLN A 1 94  ? 11.495  -13.470 -4.621  1.00 36.17  ? 94   GLN A OE1   1 
ATOM   697  N  NE2   . GLN A 1 94  ? 12.728  -12.576 -3.015  1.00 36.74  ? 94   GLN A NE2   1 
ATOM   698  N  N     . GLY A 1 95  ? 6.194   -10.473 -5.117  1.00 28.75  ? 95   GLY A N     1 
ATOM   699  C  CA    . GLY A 1 95  ? 5.329   -10.145 -6.235  1.00 27.73  ? 95   GLY A CA    1 
ATOM   700  C  C     . GLY A 1 95  ? 5.160   -8.645  -6.353  1.00 26.92  ? 95   GLY A C     1 
ATOM   701  O  O     . GLY A 1 95  ? 5.676   -7.850  -5.546  1.00 26.08  ? 95   GLY A O     1 
ATOM   702  N  N     . GLN A 1 96  ? 4.447   -8.259  -7.406  1.00 25.39  ? 96   GLN A N     1 
ATOM   703  C  CA    . GLN A 1 96  ? 4.036   -6.900  -7.577  1.00 24.16  ? 96   GLN A CA    1 
ATOM   704  C  C     . GLN A 1 96  ? 3.196   -6.411  -6.397  1.00 23.29  ? 96   GLN A C     1 
ATOM   705  O  O     . GLN A 1 96  ? 2.322   -7.080  -5.949  1.00 23.15  ? 96   GLN A O     1 
ATOM   706  C  CB    . GLN A 1 96  ? 3.242   -6.720  -8.866  1.00 25.37  ? 96   GLN A CB    1 
ATOM   707  C  CG    . GLN A 1 96  ? 2.957   -5.225  -9.116  1.00 23.98  ? 96   GLN A CG    1 
ATOM   708  C  CD    . GLN A 1 96  ? 2.319   -4.906  -10.489 1.00 38.77  ? 96   GLN A CD    1 
ATOM   709  O  OE1   . GLN A 1 96  ? 2.237   -3.749  -10.876 1.00 34.48  ? 96   GLN A OE1   1 
ATOM   710  N  NE2   . GLN A 1 96  ? 1.882   -5.925  -11.204 1.00 24.53  ? 96   GLN A NE2   1 
ATOM   711  N  N     . LEU A 1 97  ? 3.519   -5.248  -5.852  1.00 24.95  ? 97   LEU A N     1 
ATOM   712  C  CA    . LEU A 1 97  ? 2.633   -4.623  -4.860  1.00 26.65  ? 97   LEU A CA    1 
ATOM   713  C  C     . LEU A 1 97  ? 1.355   -4.136  -5.556  1.00 27.10  ? 97   LEU A C     1 
ATOM   714  O  O     . LEU A 1 97  ? 1.444   -3.453  -6.588  1.00 26.06  ? 97   LEU A O     1 
ATOM   715  C  CB    . LEU A 1 97  ? 3.318   -3.441  -4.248  1.00 28.52  ? 97   LEU A CB    1 
ATOM   716  C  CG    . LEU A 1 97  ? 4.423   -3.693  -3.246  1.00 39.42  ? 97   LEU A CG    1 
ATOM   717  C  CD1   . LEU A 1 97  ? 4.850   -2.344  -2.707  1.00 38.78  ? 97   LEU A CD1   1 
ATOM   718  C  CD2   . LEU A 1 97  ? 3.937   -4.604  -2.124  1.00 44.56  ? 97   LEU A CD2   1 
ATOM   719  N  N     . MET A 1 98  ? 0.203   -4.535  -5.033  1.00 26.49  ? 98   MET A N     1 
ATOM   720  C  CA    . MET A 1 98  ? -1.107  -4.221  -5.640  1.00 28.09  ? 98   MET A CA    1 
ATOM   721  C  C     . MET A 1 98  ? -1.922  -3.457  -4.615  1.00 29.04  ? 98   MET A C     1 
ATOM   722  O  O     . MET A 1 98  ? -1.741  -3.693  -3.421  1.00 28.37  ? 98   MET A O     1 
ATOM   723  C  CB    . MET A 1 98  ? -1.846  -5.519  -6.036  1.00 26.58  ? 98   MET A CB    1 
ATOM   724  C  CG    . MET A 1 98  ? -1.077  -6.516  -6.977  1.00 30.80  ? 98   MET A CG    1 
ATOM   725  S  SD    . MET A 1 98  ? -0.634  -5.809  -8.544  1.00 32.12  ? 98   MET A SD    1 
ATOM   726  C  CE    . MET A 1 98  ? -2.248  -5.788  -9.350  1.00 44.32  ? 98   MET A CE    1 
ATOM   727  N  N     . ILE A 1 99  ? -2.794  -2.535  -5.044  1.00 28.21  ? 99   ILE A N     1 
ATOM   728  C  CA    . ILE A 1 99  ? -3.665  -1.806  -4.115  1.00 26.14  ? 99   ILE A CA    1 
ATOM   729  C  C     . ILE A 1 99  ? -5.119  -2.198  -4.388  1.00 26.32  ? 99   ILE A C     1 
ATOM   730  O  O     . ILE A 1 99  ? -5.597  -2.064  -5.526  1.00 26.54  ? 99   ILE A O     1 
ATOM   731  C  CB    . ILE A 1 99  ? -3.443  -0.268  -4.259  1.00 24.33  ? 99   ILE A CB    1 
ATOM   732  C  CG1   . ILE A 1 99  ? -1.950  0.088   -4.333  1.00 34.60  ? 99   ILE A CG1   1 
ATOM   733  C  CG2   . ILE A 1 99  ? -4.162  0.508   -3.146  1.00 29.93  ? 99   ILE A CG2   1 
ATOM   734  C  CD1   . ILE A 1 99  ? -1.637  1.607   -4.728  1.00 26.53  ? 99   ILE A CD1   1 
ATOM   735  N  N     . SER A 1 100 ? -5.804  -2.751  -3.388  1.00 23.18  ? 100  SER A N     1 
ATOM   736  C  CA    . SER A 1 100 ? -7.250  -2.940  -3.474  1.00 23.27  ? 100  SER A CA    1 
ATOM   737  C  C     . SER A 1 100 ? -7.935  -1.613  -3.117  1.00 25.81  ? 100  SER A C     1 
ATOM   738  O  O     . SER A 1 100 ? -7.934  -1.198  -1.948  1.00 25.13  ? 100  SER A O     1 
ATOM   739  C  CB    . SER A 1 100 ? -7.716  -4.003  -2.534  1.00 22.58  ? 100  SER A CB    1 
ATOM   740  O  OG    . SER A 1 100 ? -9.133  -4.131  -2.586  1.00 26.48  ? 100  SER A OG    1 
ATOM   741  N  N     . VAL A 1 101 ? -8.417  -0.924  -4.141  1.00 26.24  ? 101  VAL A N     1 
ATOM   742  C  CA    . VAL A 1 101 ? -9.064  0.382   -3.975  1.00 27.11  ? 101  VAL A CA    1 
ATOM   743  C  C     . VAL A 1 101 ? -10.553 0.175   -3.940  1.00 27.68  ? 101  VAL A C     1 
ATOM   744  O  O     . VAL A 1 101 ? -11.132 -0.467  -4.840  1.00 29.21  ? 101  VAL A O     1 
ATOM   745  C  CB    . VAL A 1 101 ? -8.682  1.418   -5.049  1.00 28.39  ? 101  VAL A CB    1 
ATOM   746  C  CG1   . VAL A 1 101 ? -9.339  2.800   -4.718  1.00 25.25  ? 101  VAL A CG1   1 
ATOM   747  C  CG2   . VAL A 1 101 ? -7.174  1.622   -5.048  1.00 29.68  ? 101  VAL A CG2   1 
ATOM   748  N  N     . TRP A 1 102 ? -11.135 0.618   -2.836  1.00 26.83  ? 102  TRP A N     1 
ATOM   749  C  CA    . TRP A 1 102 ? -12.559 0.475   -2.542  1.00 28.00  ? 102  TRP A CA    1 
ATOM   750  C  C     . TRP A 1 102 ? -13.191 1.847   -2.310  1.00 27.81  ? 102  TRP A C     1 
ATOM   751  O  O     . TRP A 1 102 ? -12.682 2.667   -1.515  1.00 26.70  ? 102  TRP A O     1 
ATOM   752  C  CB    . TRP A 1 102 ? -12.739 -0.380  -1.310  1.00 30.40  ? 102  TRP A CB    1 
ATOM   753  C  CG    . TRP A 1 102 ? -14.130 -0.469  -0.820  1.00 25.93  ? 102  TRP A CG    1 
ATOM   754  C  CD1   . TRP A 1 102 ? -15.293 -0.546  -1.580  1.00 32.33  ? 102  TRP A CD1   1 
ATOM   755  C  CD2   . TRP A 1 102 ? -14.544 -0.509  0.547   1.00 22.51  ? 102  TRP A CD2   1 
ATOM   756  N  NE1   . TRP A 1 102 ? -16.388 -0.618  -0.757  1.00 29.14  ? 102  TRP A NE1   1 
ATOM   757  C  CE2   . TRP A 1 102 ? -15.970 -0.620  0.551   1.00 34.00  ? 102  TRP A CE2   1 
ATOM   758  C  CE3   . TRP A 1 102 ? -13.866 -0.454  1.775   1.00 28.43  ? 102  TRP A CE3   1 
ATOM   759  C  CZ2   . TRP A 1 102 ? -16.710 -0.668  1.721   1.00 28.95  ? 102  TRP A CZ2   1 
ATOM   760  C  CZ3   . TRP A 1 102 ? -14.608 -0.500  2.939   1.00 31.52  ? 102  TRP A CZ3   1 
ATOM   761  C  CH2   . TRP A 1 102 ? -16.008 -0.599  2.912   1.00 26.47  ? 102  TRP A CH2   1 
ATOM   762  N  N     . ASN A 1 103 ? -14.293 2.086   -3.032  1.00 28.68  ? 103  ASN A N     1 
ATOM   763  C  CA    . ASN A 1 103 ? -15.115 3.291   -2.868  1.00 30.30  ? 103  ASN A CA    1 
ATOM   764  C  C     . ASN A 1 103 ? -16.192 2.994   -1.847  1.00 31.65  ? 103  ASN A C     1 
ATOM   765  O  O     . ASN A 1 103 ? -17.185 2.343   -2.146  1.00 31.73  ? 103  ASN A O     1 
ATOM   766  C  CB    . ASN A 1 103 ? -15.704 3.710   -4.226  1.00 31.57  ? 103  ASN A CB    1 
ATOM   767  C  CG    . ASN A 1 103 ? -16.373 5.070   -4.196  1.00 31.14  ? 103  ASN A CG    1 
ATOM   768  O  OD1   . ASN A 1 103 ? -16.676 5.597   -3.137  1.00 25.97  ? 103  ASN A OD1   1 
ATOM   769  N  ND2   . ASN A 1 103 ? -16.621 5.636   -5.382  1.00 26.48  ? 103  ASN A ND2   1 
ATOM   770  N  N     . ARG A 1 104 ? -15.970 3.436   -0.601  1.00 32.88  ? 104  ARG A N     1 
ATOM   771  C  CA    . ARG A 1 104 ? -16.884 3.094   0.493   1.00 33.55  ? 104  ARG A CA    1 
ATOM   772  C  C     . ARG A 1 104 ? -17.976 4.150   0.637   1.00 35.90  ? 104  ARG A C     1 
ATOM   773  O  O     . ARG A 1 104 ? -18.775 4.067   1.567   1.00 38.85  ? 104  ARG A O     1 
ATOM   774  C  CB    . ARG A 1 104 ? -16.133 2.982   1.829   1.00 29.34  ? 104  ARG A CB    1 
ATOM   775  C  CG    . ARG A 1 104 ? -15.534 4.284   2.250   1.00 25.24  ? 104  ARG A CG    1 
ATOM   776  C  CD    . ARG A 1 104 ? -15.221 4.423   3.723   1.00 28.66  ? 104  ARG A CD    1 
ATOM   777  N  NE    . ARG A 1 104 ? -14.917 5.808   4.039   1.00 28.82  ? 104  ARG A NE    1 
ATOM   778  C  CZ    . ARG A 1 104 ? -15.825 6.745   4.199   1.00 36.61  ? 104  ARG A CZ    1 
ATOM   779  N  NH1   . ARG A 1 104 ? -17.113 6.478   4.017   1.00 27.14  ? 104  ARG A NH1   1 
ATOM   780  N  NH2   . ARG A 1 104 ? -15.447 7.984   4.483   1.00 31.69  ? 104  ARG A NH2   1 
ATOM   781  N  N     . GLY A 1 105 ? -17.956 5.155   -0.233  1.00 35.07  ? 105  GLY A N     1 
ATOM   782  C  CA    . GLY A 1 105 ? -18.859 6.292   -0.137  1.00 37.60  ? 105  GLY A CA    1 
ATOM   783  C  C     . GLY A 1 105 ? -19.956 6.294   -1.206  1.00 37.31  ? 105  GLY A C     1 
ATOM   784  O  O     . GLY A 1 105 ? -20.299 5.263   -1.767  1.00 37.19  ? 105  GLY A O     1 
ATOM   785  N  N     . GLN A 1 106 ? -20.513 7.467   -1.465  1.00 40.24  ? 106  GLN A N     1 
ATOM   786  C  CA    . GLN A 1 106 ? -21.728 7.562   -2.283  1.00 42.03  ? 106  GLN A CA    1 
ATOM   787  C  C     . GLN A 1 106 ? -21.416 8.198   -3.623  1.00 42.57  ? 106  GLN A C     1 
ATOM   788  O  O     . GLN A 1 106 ? -22.279 8.209   -4.503  1.00 44.09  ? 106  GLN A O     1 
ATOM   789  C  CB    . GLN A 1 106 ? -22.856 8.313   -1.517  1.00 41.91  ? 106  GLN A CB    1 
ATOM   790  C  CG    . GLN A 1 106 ? -23.449 7.495   -0.316  1.00 49.26  ? 106  GLN A CG    1 
ATOM   791  C  CD    . GLN A 1 106 ? -22.663 7.708   1.005   1.00 90.69  ? 106  GLN A CD    1 
ATOM   792  O  OE1   . GLN A 1 106 ? -22.083 8.783   1.211   1.00 57.10  ? 106  GLN A OE1   1 
ATOM   793  N  NE2   . GLN A 1 106 ? -22.621 6.679   1.874   1.00 52.30  ? 106  GLN A NE2   1 
ATOM   794  N  N     . ASP A 1 107 ? -20.179 8.674   -3.796  1.00 42.10  ? 107  ASP A N     1 
ATOM   795  C  CA    . ASP A 1 107 ? -19.777 9.377   -5.017  1.00 42.24  ? 107  ASP A CA    1 
ATOM   796  C  C     . ASP A 1 107 ? -18.725 8.671   -5.840  1.00 42.41  ? 107  ASP A C     1 
ATOM   797  O  O     . ASP A 1 107 ? -17.654 8.298   -5.323  1.00 42.64  ? 107  ASP A O     1 
ATOM   798  C  CB    . ASP A 1 107 ? -19.263 10.760  -4.674  1.00 41.76  ? 107  ASP A CB    1 
ATOM   799  C  CG    . ASP A 1 107 ? -20.308 11.599  -3.979  1.00 45.81  ? 107  ASP A CG    1 
ATOM   800  O  OD1   . ASP A 1 107 ? -19.991 12.175  -2.929  1.00 46.48  ? 107  ASP A OD1   1 
ATOM   801  O  OD2   . ASP A 1 107 ? -21.463 11.723  -4.412  1.00 69.20  ? 107  ASP A OD2   1 
ATOM   802  N  N     . SER A 1 108 ? -19.045 8.514   -7.124  1.00 41.09  ? 108  SER A N     1 
ATOM   803  C  CA    . SER A 1 108 ? -18.110 8.001   -8.121  1.00 41.76  ? 108  SER A CA    1 
ATOM   804  C  C     . SER A 1 108 ? -16.791 8.784   -8.135  1.00 38.85  ? 108  SER A C     1 
ATOM   805  O  O     . SER A 1 108 ? -16.761 9.991   -7.950  1.00 39.41  ? 108  SER A O     1 
ATOM   806  C  CB    . SER A 1 108 ? -18.752 7.977   -9.521  1.00 42.60  ? 108  SER A CB    1 
ATOM   807  O  OG    . SER A 1 108 ? -18.153 6.980   -10.359 1.00 48.67  ? 108  SER A OG    1 
ATOM   808  N  N     . PHE A 1 109 ? -15.696 8.070   -8.342  1.00 36.40  ? 109  PHE A N     1 
ATOM   809  C  CA    . PHE A 1 109 ? -14.370 8.645   -8.222  1.00 35.57  ? 109  PHE A CA    1 
ATOM   810  C  C     . PHE A 1 109 ? -13.494 8.180   -9.394  1.00 34.71  ? 109  PHE A C     1 
ATOM   811  O  O     . PHE A 1 109 ? -13.512 7.011   -9.787  1.00 36.26  ? 109  PHE A O     1 
ATOM   812  C  CB    . PHE A 1 109 ? -13.746 8.247   -6.849  1.00 34.83  ? 109  PHE A CB    1 
ATOM   813  C  CG    . PHE A 1 109 ? -12.390 8.893   -6.570  1.00 32.02  ? 109  PHE A CG    1 
ATOM   814  C  CD1   . PHE A 1 109 ? -12.307 10.130  -5.949  1.00 36.12  ? 109  PHE A CD1   1 
ATOM   815  C  CD2   . PHE A 1 109 ? -11.197 8.235   -6.917  1.00 30.21  ? 109  PHE A CD2   1 
ATOM   816  C  CE1   . PHE A 1 109 ? -11.055 10.727  -5.692  1.00 35.00  ? 109  PHE A CE1   1 
ATOM   817  C  CE2   . PHE A 1 109 ? -9.942  8.832   -6.683  1.00 33.91  ? 109  PHE A CE2   1 
ATOM   818  C  CZ    . PHE A 1 109 ? -9.885  10.074  -6.039  1.00 32.88  ? 109  PHE A CZ    1 
ATOM   819  N  N     . THR A 1 110 ? -12.731 9.112   -9.950  1.00 33.45  ? 110  THR A N     1 
ATOM   820  C  CA    . THR A 1 110 ? -11.790 8.815   -10.985 1.00 34.27  ? 110  THR A CA    1 
ATOM   821  C  C     . THR A 1 110 ? -10.403 8.637   -10.398 1.00 30.70  ? 110  THR A C     1 
ATOM   822  O  O     . THR A 1 110 ? -9.825  9.550   -9.865  1.00 27.66  ? 110  THR A O     1 
ATOM   823  C  CB    . THR A 1 110 ? -11.766 9.940   -12.043 1.00 36.94  ? 110  THR A CB    1 
ATOM   824  O  OG1   . THR A 1 110 ? -13.115 10.201  -12.477 1.00 38.57  ? 110  THR A OG1   1 
ATOM   825  C  CG2   . THR A 1 110 ? -11.034 9.476   -13.309 1.00 37.81  ? 110  THR A CG2   1 
ATOM   826  N  N     . ILE A 1 111 ? -9.885  7.429   -10.521 1.00 32.40  ? 111  ILE A N     1 
ATOM   827  C  CA    . ILE A 1 111 ? -8.496  7.152   -10.160 1.00 30.74  ? 111  ILE A CA    1 
ATOM   828  C  C     . ILE A 1 111 ? -7.679  7.480   -11.379 1.00 29.74  ? 111  ILE A C     1 
ATOM   829  O  O     . ILE A 1 111 ? -7.785  6.817   -12.435 1.00 27.73  ? 111  ILE A O     1 
ATOM   830  C  CB    . ILE A 1 111 ? -8.311  5.660   -9.789  1.00 32.26  ? 111  ILE A CB    1 
ATOM   831  C  CG1   . ILE A 1 111 ? -9.226  5.275   -8.606  1.00 33.35  ? 111  ILE A CG1   1 
ATOM   832  C  CG2   . ILE A 1 111 ? -6.853  5.392   -9.431  1.00 29.44  ? 111  ILE A CG2   1 
ATOM   833  C  CD1   . ILE A 1 111 ? -9.291  3.755   -8.405  1.00 34.03  ? 111  ILE A CD1   1 
ATOM   834  N  N     . GLN A 1 112 ? -6.872  8.521   -11.260 1.00 30.71  ? 112  GLN A N     1 
ATOM   835  C  CA    . GLN A 1 112 ? -6.005  8.944   -12.351 1.00 31.21  ? 112  GLN A CA    1 
ATOM   836  C  C     . GLN A 1 112 ? -4.713  8.134   -12.361 1.00 32.41  ? 112  GLN A C     1 
ATOM   837  O  O     . GLN A 1 112 ? -4.191  7.795   -11.296 1.00 31.32  ? 112  GLN A O     1 
ATOM   838  C  CB    . GLN A 1 112 ? -5.652  10.415  -12.162 1.00 31.75  ? 112  GLN A CB    1 
ATOM   839  C  CG    . GLN A 1 112 ? -6.833  11.361  -12.124 1.00 42.88  ? 112  GLN A CG    1 
ATOM   840  C  CD    . GLN A 1 112 ? -7.505  11.550  -13.480 1.00 43.73  ? 112  GLN A CD    1 
ATOM   841  O  OE1   . GLN A 1 112 ? -7.261  10.806  -14.450 1.00 42.85  ? 112  GLN A OE1   1 
ATOM   842  N  NE2   . GLN A 1 112 ? -8.343  12.569  -13.552 1.00 46.13  ? 112  GLN A NE2   1 
ATOM   843  N  N     . PRO A 1 113 ? -4.134  7.873   -13.534 1.00 33.49  ? 113  PRO A N     1 
ATOM   844  C  CA    . PRO A 1 113 ? -2.753  7.337   -13.554 1.00 32.80  ? 113  PRO A CA    1 
ATOM   845  C  C     . PRO A 1 113 ? -1.812  8.254   -12.809 1.00 31.09  ? 113  PRO A C     1 
ATOM   846  O  O     . PRO A 1 113 ? -1.875  9.492   -12.912 1.00 31.31  ? 113  PRO A O     1 
ATOM   847  C  CB    . PRO A 1 113 ? -2.404  7.245   -15.062 1.00 32.48  ? 113  PRO A CB    1 
ATOM   848  C  CG    . PRO A 1 113 ? -3.767  7.170   -15.750 1.00 34.55  ? 113  PRO A CG    1 
ATOM   849  C  CD    . PRO A 1 113 ? -4.688  8.027   -14.899 1.00 33.36  ? 113  PRO A CD    1 
ATOM   850  N  N     . GLY A 1 114 ? -0.948  7.656   -11.995 1.00 29.82  ? 114  GLY A N     1 
ATOM   851  C  CA    . GLY A 1 114 ? 0.015   8.421   -11.236 1.00 29.57  ? 114  GLY A CA    1 
ATOM   852  C  C     . GLY A 1 114 ? -0.483  9.004   -9.910  1.00 29.66  ? 114  GLY A C     1 
ATOM   853  O  O     . GLY A 1 114 ? 0.329   9.480   -9.124  1.00 31.16  ? 114  GLY A O     1 
ATOM   854  N  N     . GLU A 1 115 ? -1.772  8.916   -9.613  1.00 29.88  ? 115  GLU A N     1 
ATOM   855  C  CA    . GLU A 1 115 ? -2.299  9.483   -8.357  1.00 30.84  ? 115  GLU A CA    1 
ATOM   856  C  C     . GLU A 1 115 ? -1.751  8.693   -7.170  1.00 29.60  ? 115  GLU A C     1 
ATOM   857  O  O     . GLU A 1 115 ? -1.610  7.452   -7.227  1.00 29.76  ? 115  GLU A O     1 
ATOM   858  C  CB    . GLU A 1 115 ? -3.823  9.421   -8.351  1.00 30.93  ? 115  GLU A CB    1 
ATOM   859  C  CG    . GLU A 1 115 ? -4.588  10.162  -7.246  1.00 41.51  ? 115  GLU A CG    1 
ATOM   860  C  CD    . GLU A 1 115 ? -5.986  10.672  -7.685  1.00 86.51  ? 115  GLU A CD    1 
ATOM   861  O  OE1   . GLU A 1 115 ? -6.360  11.715  -7.124  1.00 77.45  ? 115  GLU A OE1   1 
ATOM   862  O  OE2   . GLU A 1 115 ? -6.727  10.067  -8.558  1.00 50.89  ? 115  GLU A OE2   1 
ATOM   863  N  N     . ARG A 1 116 ? -1.422  9.445   -6.135  1.00 30.51  ? 116  ARG A N     1 
ATOM   864  C  CA    . ARG A 1 116 ? -0.996  8.936   -4.838  1.00 30.44  ? 116  ARG A CA    1 
ATOM   865  C  C     . ARG A 1 116 ? -2.253  8.471   -4.141  1.00 30.65  ? 116  ARG A C     1 
ATOM   866  O  O     . ARG A 1 116 ? -2.950  9.265   -3.525  1.00 30.09  ? 116  ARG A O     1 
ATOM   867  C  CB    . ARG A 1 116 ? -0.284  10.038  -4.057  1.00 29.95  ? 116  ARG A CB    1 
ATOM   868  C  CG    . ARG A 1 116 ? 1.065   10.392  -4.649  1.00 28.25  ? 116  ARG A CG    1 
ATOM   869  C  CD    . ARG A 1 116 ? 1.827   11.497  -3.957  1.00 38.89  ? 116  ARG A CD    1 
ATOM   870  N  NE    . ARG A 1 116 ? 1.014   12.699  -3.826  1.00 44.00  ? 116  ARG A NE    1 
ATOM   871  C  CZ    . ARG A 1 116 ? 0.866   13.409  -2.697  1.00 70.83  ? 116  ARG A CZ    1 
ATOM   872  N  NH1   . ARG A 1 116 ? 0.083   14.481  -2.688  1.00 86.28  ? 116  ARG A NH1   1 
ATOM   873  N  NH2   . ARG A 1 116 ? 1.489   13.060  -1.573  1.00 75.76  ? 116  ARG A NH2   1 
ATOM   874  N  N     . ILE A 1 117 ? -2.578  7.189   -4.306  1.00 28.64  ? 117  ILE A N     1 
ATOM   875  C  CA    . ILE A 1 117 ? -3.894  6.703   -3.953  1.00 29.09  ? 117  ILE A CA    1 
ATOM   876  C  C     . ILE A 1 117 ? -3.926  5.987   -2.584  1.00 29.35  ? 117  ILE A C     1 
ATOM   877  O  O     . ILE A 1 117 ? -4.977  5.730   -2.063  1.00 29.16  ? 117  ILE A O     1 
ATOM   878  C  CB    . ILE A 1 117 ? -4.415  5.844   -5.117  1.00 30.32  ? 117  ILE A CB    1 
ATOM   879  C  CG1   . ILE A 1 117 ? -5.948  5.778   -5.147  1.00 33.56  ? 117  ILE A CG1   1 
ATOM   880  C  CG2   . ILE A 1 117 ? -3.780  4.476   -5.149  1.00 29.62  ? 117  ILE A CG2   1 
ATOM   881  C  CD1   . ILE A 1 117 ? -6.624  7.061   -5.622  1.00 62.32  ? 117  ILE A CD1   1 
ATOM   882  N  N     . ALA A 1 118 ? -2.763  5.664   -2.033  1.00 26.88  ? 118  ALA A N     1 
ATOM   883  C  CA    . ALA A 1 118 ? -2.643  4.966   -0.766  1.00 26.81  ? 118  ALA A CA    1 
ATOM   884  C  C     . ALA A 1 118 ? -1.276  5.251   -0.197  1.00 26.35  ? 118  ALA A C     1 
ATOM   885  O  O     . ALA A 1 118 ? -0.467  5.848   -0.835  1.00 26.78  ? 118  ALA A O     1 
ATOM   886  C  CB    . ALA A 1 118 ? -2.845  3.487   -0.960  1.00 28.11  ? 118  ALA A CB    1 
ATOM   887  N  N     . GLN A 1 119 ? -1.029  4.850   1.030   1.00 25.63  ? 119  GLN A N     1 
ATOM   888  C  CA    . GLN A 1 119 ? 0.302   4.969   1.584   1.00 25.43  ? 119  GLN A CA    1 
ATOM   889  C  C     . GLN A 1 119 ? 0.723   3.633   2.242   1.00 26.19  ? 119  GLN A C     1 
ATOM   890  O  O     . GLN A 1 119 ? -0.093  2.734   2.468   1.00 26.22  ? 119  GLN A O     1 
ATOM   891  C  CB    . GLN A 1 119 ? 0.352   6.134   2.565   1.00 24.68  ? 119  GLN A CB    1 
ATOM   892  C  CG    . GLN A 1 119 ? -0.512  5.925   3.824   1.00 24.77  ? 119  GLN A CG    1 
ATOM   893  C  CD    . GLN A 1 119 ? -0.620  7.168   4.638   1.00 32.11  ? 119  GLN A CD    1 
ATOM   894  O  OE1   . GLN A 1 119 ? 0.366   7.873   4.802   1.00 28.88  ? 119  GLN A OE1   1 
ATOM   895  N  NE2   . GLN A 1 119 ? -1.809  7.440   5.180   1.00 23.26  ? 119  GLN A NE2   1 
ATOM   896  N  N     . MET A 1 120 ? 2.013   3.509   2.526   1.00 26.58  ? 120  MET A N     1 
ATOM   897  C  CA    . MET A 1 120 ? 2.585   2.289   3.095   1.00 26.92  ? 120  MET A CA    1 
ATOM   898  C  C     . MET A 1 120 ? 3.609   2.646   4.176   1.00 23.01  ? 120  MET A C     1 
ATOM   899  O  O     . MET A 1 120 ? 4.514   3.487   3.941   1.00 24.45  ? 120  MET A O     1 
ATOM   900  C  CB    . MET A 1 120 ? 3.285   1.519   1.980   1.00 29.25  ? 120  MET A CB    1 
ATOM   901  C  CG    . MET A 1 120 ? 3.624   0.100   2.313   1.00 33.61  ? 120  MET A CG    1 
ATOM   902  S  SD    . MET A 1 120 ? 4.154   -0.875  0.878   1.00 32.75  ? 120  MET A SD    1 
ATOM   903  C  CE    . MET A 1 120 ? 5.449   -0.076  0.473   1.00 22.66  ? 120  MET A CE    1 
ATOM   904  N  N     . ILE A 1 121 ? 3.494   1.982   5.309   1.00 22.31  ? 121  ILE A N     1 
ATOM   905  C  CA    . ILE A 1 121 ? 4.439   2.125   6.427   1.00 23.43  ? 121  ILE A CA    1 
ATOM   906  C  C     . ILE A 1 121 ? 5.201   0.822   6.594   1.00 24.64  ? 121  ILE A C     1 
ATOM   907  O  O     . ILE A 1 121 ? 4.678   -0.217  6.296   1.00 25.05  ? 121  ILE A O     1 
ATOM   908  C  CB    . ILE A 1 121 ? 3.729   2.518   7.789   1.00 23.18  ? 121  ILE A CB    1 
ATOM   909  C  CG1   . ILE A 1 121 ? 2.756   1.417   8.319   1.00 26.69  ? 121  ILE A CG1   1 
ATOM   910  C  CG2   . ILE A 1 121 ? 3.033   3.848   7.617   1.00 32.59  ? 121  ILE A CG2   1 
ATOM   911  C  CD1   . ILE A 1 121 ? 2.145   1.765   9.656   1.00 35.72  ? 121  ILE A CD1   1 
ATOM   912  N  N     . PHE A 1 122 ? 6.434   0.911   7.077   1.00 26.45  ? 122  PHE A N     1 
ATOM   913  C  CA    . PHE A 1 122 ? 7.199   -0.246  7.466   1.00 25.49  ? 122  PHE A CA    1 
ATOM   914  C  C     . PHE A 1 122 ? 7.229   -0.259  8.953   1.00 25.81  ? 122  PHE A C     1 
ATOM   915  O  O     . PHE A 1 122 ? 7.554   0.741   9.559   1.00 25.96  ? 122  PHE A O     1 
ATOM   916  C  CB    . PHE A 1 122 ? 8.610   -0.198  6.877   1.00 24.49  ? 122  PHE A CB    1 
ATOM   917  C  CG    . PHE A 1 122 ? 8.617   -0.323  5.405   1.00 23.21  ? 122  PHE A CG    1 
ATOM   918  C  CD1   . PHE A 1 122 ? 8.712   -1.570  4.782   1.00 27.19  ? 122  PHE A CD1   1 
ATOM   919  C  CD2   . PHE A 1 122 ? 8.441   0.813   4.607   1.00 31.50  ? 122  PHE A CD2   1 
ATOM   920  C  CE1   . PHE A 1 122 ? 8.680   -1.670  3.375   1.00 28.15  ? 122  PHE A CE1   1 
ATOM   921  C  CE2   . PHE A 1 122 ? 8.397   0.714   3.218   1.00 32.49  ? 122  PHE A CE2   1 
ATOM   922  C  CZ    . PHE A 1 122 ? 8.511   -0.533  2.599   1.00 26.51  ? 122  PHE A CZ    1 
ATOM   923  N  N     . VAL A 1 123 ? 6.823   -1.387  9.543   1.00 26.11  ? 123  VAL A N     1 
ATOM   924  C  CA    . VAL A 1 123 ? 6.785   -1.546  10.995  1.00 26.93  ? 123  VAL A CA    1 
ATOM   925  C  C     . VAL A 1 123 ? 7.516   -2.813  11.416  1.00 26.69  ? 123  VAL A C     1 
ATOM   926  O  O     . VAL A 1 123 ? 7.401   -3.818  10.737  1.00 28.43  ? 123  VAL A O     1 
ATOM   927  C  CB    . VAL A 1 123 ? 5.323   -1.669  11.538  1.00 27.67  ? 123  VAL A CB    1 
ATOM   928  C  CG1   . VAL A 1 123 ? 4.603   -0.355  11.398  1.00 32.15  ? 123  VAL A CG1   1 
ATOM   929  C  CG2   . VAL A 1 123 ? 4.531   -2.825  10.859  1.00 32.22  ? 123  VAL A CG2   1 
ATOM   930  N  N     . PRO A 1 124 ? 8.157   -2.823  12.579  1.00 27.57  ? 124  PRO A N     1 
ATOM   931  C  CA    . PRO A 1 124 ? 8.682   -4.070  13.103  1.00 27.51  ? 124  PRO A CA    1 
ATOM   932  C  C     . PRO A 1 124 ? 7.541   -5.023  13.474  1.00 26.52  ? 124  PRO A C     1 
ATOM   933  O  O     . PRO A 1 124 ? 6.468   -4.644  13.959  1.00 25.55  ? 124  PRO A O     1 
ATOM   934  C  CB    . PRO A 1 124 ? 9.486   -3.644  14.347  1.00 28.02  ? 124  PRO A CB    1 
ATOM   935  C  CG    . PRO A 1 124 ? 9.525   -2.152  14.307  1.00 38.20  ? 124  PRO A CG    1 
ATOM   936  C  CD    . PRO A 1 124 ? 8.389   -1.699  13.502  1.00 30.08  ? 124  PRO A CD    1 
ATOM   937  N  N     . VAL A 1 125 ? 7.768   -6.288  13.218  1.00 27.46  ? 125  VAL A N     1 
ATOM   938  C  CA    . VAL A 1 125 ? 6.813   -7.286  13.639  1.00 28.41  ? 125  VAL A CA    1 
ATOM   939  C  C     . VAL A 1 125 ? 7.530   -8.350  14.424  1.00 29.21  ? 125  VAL A C     1 
ATOM   940  O  O     . VAL A 1 125 ? 8.702   -8.645  14.192  1.00 28.43  ? 125  VAL A O     1 
ATOM   941  C  CB    . VAL A 1 125 ? 6.033   -7.904  12.469  1.00 28.16  ? 125  VAL A CB    1 
ATOM   942  C  CG1   . VAL A 1 125 ? 5.137   -6.828  11.852  1.00 30.39  ? 125  VAL A CG1   1 
ATOM   943  C  CG2   . VAL A 1 125 ? 6.939   -8.541  11.450  1.00 30.86  ? 125  VAL A CG2   1 
ATOM   944  N  N     . VAL A 1 126 ? 6.781   -8.933  15.336  1.00 28.42  ? 126  VAL A N     1 
ATOM   945  C  CA    . VAL A 1 126 ? 7.293   -9.974  16.206  1.00 29.73  ? 126  VAL A CA    1 
ATOM   946  C  C     . VAL A 1 126 ? 6.645   -11.271 15.782  1.00 28.20  ? 126  VAL A C     1 
ATOM   947  O  O     . VAL A 1 126 ? 5.430   -11.337 15.643  1.00 28.92  ? 126  VAL A O     1 
ATOM   948  C  CB    . VAL A 1 126 ? 6.979   -9.649  17.658  1.00 28.15  ? 126  VAL A CB    1 
ATOM   949  C  CG1   . VAL A 1 126 ? 7.248   -10.853 18.565  1.00 34.96  ? 126  VAL A CG1   1 
ATOM   950  C  CG2   . VAL A 1 126 ? 7.779   -8.410  18.098  1.00 36.23  ? 126  VAL A CG2   1 
ATOM   951  N  N     . GLN A 1 127 ? 7.460   -12.302 15.605  1.00 30.30  ? 127  GLN A N     1 
ATOM   952  C  CA    . GLN A 1 127 ? 6.956   -13.654 15.344  1.00 34.81  ? 127  GLN A CA    1 
ATOM   953  C  C     . GLN A 1 127 ? 6.744   -14.437 16.631  1.00 32.89  ? 127  GLN A C     1 
ATOM   954  O  O     . GLN A 1 127 ? 7.654   -14.651 17.448  1.00 30.57  ? 127  GLN A O     1 
ATOM   955  C  CB    . GLN A 1 127 ? 7.807   -14.377 14.291  1.00 37.20  ? 127  GLN A CB    1 
ATOM   956  C  CG    . GLN A 1 127 ? 7.409   -13.890 12.814  1.00 48.81  ? 127  GLN A CG    1 
ATOM   957  C  CD    . GLN A 1 127 ? 8.068   -14.717 11.725  1.00 73.34  ? 127  GLN A CD    1 
ATOM   958  O  OE1   . GLN A 1 127 ? 7.429   -15.098 10.710  1.00 46.03  ? 127  GLN A OE1   1 
ATOM   959  N  NE2   . GLN A 1 127 ? 9.343   -15.024 11.941  1.00 47.25  ? 127  GLN A NE2   1 
ATOM   960  N  N     . ALA A 1 128 ? 5.482   -14.773 16.841  1.00 33.74  ? 128  ALA A N     1 
ATOM   961  C  CA    . ALA A 1 128 ? 5.047   -15.468 18.040  1.00 33.61  ? 128  ALA A CA    1 
ATOM   962  C  C     . ALA A 1 128 ? 5.223   -16.981 17.940  1.00 33.66  ? 128  ALA A C     1 
ATOM   963  O  O     . ALA A 1 128 ? 4.986   -17.593 16.896  1.00 34.53  ? 128  ALA A O     1 
ATOM   964  C  CB    . ALA A 1 128 ? 3.619   -15.167 18.312  1.00 36.17  ? 128  ALA A CB    1 
ATOM   965  N  N     . GLU A 1 129 ? 5.564   -17.559 19.080  1.00 31.59  ? 129  GLU A N     1 
ATOM   966  C  CA    . GLU A 1 129 ? 5.509   -18.972 19.280  1.00 32.22  ? 129  GLU A CA    1 
ATOM   967  C  C     . GLU A 1 129 ? 4.551   -19.205 20.409  1.00 32.36  ? 129  GLU A C     1 
ATOM   968  O  O     . GLU A 1 129 ? 4.680   -18.661 21.489  1.00 33.03  ? 129  GLU A O     1 
ATOM   969  C  CB    . GLU A 1 129 ? 6.884   -19.521 19.657  1.00 32.39  ? 129  GLU A CB    1 
ATOM   970  C  CG    . GLU A 1 129 ? 6.848   -21.034 19.799  1.00 44.24  ? 129  GLU A CG    1 
ATOM   971  C  CD    . GLU A 1 129 ? 8.142   -21.609 20.334  1.00 74.28  ? 129  GLU A CD    1 
ATOM   972  O  OE1   . GLU A 1 129 ? 8.156   -22.814 20.635  1.00 79.76  ? 129  GLU A OE1   1 
ATOM   973  O  OE2   . GLU A 1 129 ? 9.138   -20.861 20.462  1.00 58.48  ? 129  GLU A OE2   1 
ATOM   974  N  N     . PHE A 1 130 ? 3.567   -20.038 20.166  1.00 34.66  ? 130  PHE A N     1 
ATOM   975  C  CA    . PHE A 1 130 ? 2.555   -20.311 21.168  1.00 34.58  ? 130  PHE A CA    1 
ATOM   976  C  C     . PHE A 1 130 ? 3.078   -21.218 22.293  1.00 36.32  ? 130  PHE A C     1 
ATOM   977  O  O     . PHE A 1 130 ? 3.795   -22.176 22.064  1.00 37.56  ? 130  PHE A O     1 
ATOM   978  C  CB    . PHE A 1 130 ? 1.340   -20.926 20.477  1.00 35.20  ? 130  PHE A CB    1 
ATOM   979  C  CG    . PHE A 1 130 ? 0.529   -19.949 19.661  1.00 35.17  ? 130  PHE A CG    1 
ATOM   980  C  CD1   . PHE A 1 130 ? -0.184  -20.400 18.556  1.00 53.95  ? 130  PHE A CD1   1 
ATOM   981  C  CD2   . PHE A 1 130 ? 0.498   -18.589 19.969  1.00 46.51  ? 130  PHE A CD2   1 
ATOM   982  C  CE1   . PHE A 1 130 ? -0.934  -19.541 17.804  1.00 63.04  ? 130  PHE A CE1   1 
ATOM   983  C  CE2   . PHE A 1 130 ? -0.255  -17.714 19.203  1.00 59.48  ? 130  PHE A CE2   1 
ATOM   984  C  CZ    . PHE A 1 130 ? -0.978  -18.189 18.129  1.00 59.35  ? 130  PHE A CZ    1 
ATOM   985  N  N     . ASN A 1 131 ? 2.720   -20.889 23.523  1.00 34.81  ? 131  ASN A N     1 
ATOM   986  C  CA    . ASN A 1 131 ? 3.070   -21.702 24.663  1.00 33.97  ? 131  ASN A CA    1 
ATOM   987  C  C     . ASN A 1 131 ? 1.756   -22.102 25.283  1.00 32.30  ? 131  ASN A C     1 
ATOM   988  O  O     . ASN A 1 131 ? 1.073   -21.272 25.912  1.00 31.32  ? 131  ASN A O     1 
ATOM   989  C  CB    . ASN A 1 131 ? 3.933   -20.885 25.662  1.00 34.83  ? 131  ASN A CB    1 
ATOM   990  C  CG    . ASN A 1 131 ? 4.331   -21.703 26.913  1.00 38.48  ? 131  ASN A CG    1 
ATOM   991  O  OD1   . ASN A 1 131 ? 4.767   -22.834 26.784  1.00 42.65  ? 131  ASN A OD1   1 
ATOM   992  N  ND2   . ASN A 1 131 ? 4.146   -21.141 28.102  1.00 36.46  ? 131  ASN A ND2   1 
ATOM   993  N  N     . LEU A 1 132 ? 1.357   -23.345 25.059  1.00 33.04  ? 132  LEU A N     1 
ATOM   994  C  CA    . LEU A 1 132 ? 0.109   -23.861 25.614  1.00 33.52  ? 132  LEU A CA    1 
ATOM   995  C  C     . LEU A 1 132 ? 0.118   -23.943 27.144  1.00 32.15  ? 132  LEU A C     1 
ATOM   996  O  O     . LEU A 1 132 ? 0.981   -24.556 27.731  1.00 34.85  ? 132  LEU A O     1 
ATOM   997  C  CB    . LEU A 1 132 ? -0.232  -25.246 25.059  1.00 35.14  ? 132  LEU A CB    1 
ATOM   998  C  CG    A LEU A 1 132 ? -0.991  -25.322 23.736  0.70 48.20  ? 132  LEU A CG    1 
ATOM   999  C  CG    B LEU A 1 132 ? -0.932  -25.393 23.693  0.30 39.10  ? 132  LEU A CG    1 
ATOM   1000 C  CD1   A LEU A 1 132 ? -2.360  -24.652 23.858  0.70 72.86  ? 132  LEU A CD1   1 
ATOM   1001 C  CD1   B LEU A 1 132 ? -0.393  -24.395 22.680  0.30 57.61  ? 132  LEU A CD1   1 
ATOM   1002 C  CD2   A LEU A 1 132 ? -0.178  -24.718 22.612  0.70 80.50  ? 132  LEU A CD2   1 
ATOM   1003 C  CD2   B LEU A 1 132 ? -0.829  -26.842 23.133  0.30 22.46  ? 132  LEU A CD2   1 
ATOM   1004 N  N     . VAL A 1 133 ? -0.900  -23.364 27.762  1.00 32.22  ? 133  VAL A N     1 
ATOM   1005 C  CA    . VAL A 1 133 ? -1.074  -23.394 29.202  1.00 33.74  ? 133  VAL A CA    1 
ATOM   1006 C  C     . VAL A 1 133 ? -2.519  -23.694 29.531  1.00 35.32  ? 133  VAL A C     1 
ATOM   1007 O  O     . VAL A 1 133 ? -3.431  -23.434 28.724  1.00 34.50  ? 133  VAL A O     1 
ATOM   1008 C  CB    . VAL A 1 133 ? -0.661  -22.034 29.850  1.00 32.11  ? 133  VAL A CB    1 
ATOM   1009 C  CG1   . VAL A 1 133 ? 0.747   -21.690 29.459  1.00 33.06  ? 133  VAL A CG1   1 
ATOM   1010 C  CG2   . VAL A 1 133 ? -1.625  -20.914 29.476  1.00 33.68  ? 133  VAL A CG2   1 
ATOM   1011 N  N     . GLU A 1 134 ? -2.712  -24.256 30.718  1.00 36.78  ? 134  GLU A N     1 
ATOM   1012 C  CA    . GLU A 1 134 ? -4.041  -24.536 31.265  1.00 40.70  ? 134  GLU A CA    1 
ATOM   1013 C  C     . GLU A 1 134 ? -4.651  -23.265 31.867  1.00 40.28  ? 134  GLU A C     1 
ATOM   1014 O  O     . GLU A 1 134 ? -5.836  -23.048 31.779  1.00 39.80  ? 134  GLU A O     1 
ATOM   1015 C  CB    . GLU A 1 134 ? -3.954  -25.671 32.319  1.00 41.42  ? 134  GLU A CB    1 
ATOM   1016 C  CG    . GLU A 1 134 ? -4.689  -26.963 31.907  1.00 60.93  ? 134  GLU A CG    1 
ATOM   1017 C  CD    . GLU A 1 134 ? -3.862  -27.926 31.052  1.00 91.11  ? 134  GLU A CD    1 
ATOM   1018 O  OE1   . GLU A 1 134 ? -2.946  -27.484 30.313  1.00 104.64 ? 134  GLU A OE1   1 
ATOM   1019 O  OE2   . GLU A 1 134 ? -4.137  -29.146 31.114  1.00 110.93 ? 134  GLU A OE2   1 
ATOM   1020 N  N     . ASP A 1 135 ? -3.793  -22.440 32.472  1.00 41.73  ? 135  ASP A N     1 
ATOM   1021 C  CA    . ASP A 1 135 ? -4.161  -21.181 33.122  1.00 42.46  ? 135  ASP A CA    1 
ATOM   1022 C  C     . ASP A 1 135 ? -3.091  -20.117 32.916  1.00 41.05  ? 135  ASP A C     1 
ATOM   1023 O  O     . ASP A 1 135 ? -1.899  -20.436 32.837  1.00 40.66  ? 135  ASP A O     1 
ATOM   1024 C  CB    . ASP A 1 135 ? -4.326  -21.397 34.636  1.00 43.91  ? 135  ASP A CB    1 
ATOM   1025 C  CG    . ASP A 1 135 ? -5.748  -21.766 35.012  1.00 56.61  ? 135  ASP A CG    1 
ATOM   1026 O  OD1   . ASP A 1 135 ? -5.910  -22.606 35.928  1.00 100.19 ? 135  ASP A OD1   1 
ATOM   1027 O  OD2   . ASP A 1 135 ? -6.753  -21.262 34.439  1.00 95.64  ? 135  ASP A OD2   1 
ATOM   1028 N  N     . PHE A 1 136 ? -3.529  -18.854 32.867  1.00 40.92  ? 136  PHE A N     1 
ATOM   1029 C  CA    . PHE A 1 136 ? -2.644  -17.677 32.851  1.00 41.38  ? 136  PHE A CA    1 
ATOM   1030 C  C     . PHE A 1 136 ? -2.185  -17.245 34.298  1.00 43.55  ? 136  PHE A C     1 
ATOM   1031 O  O     . PHE A 1 136 ? -2.680  -17.766 35.291  1.00 44.11  ? 136  PHE A O     1 
ATOM   1032 C  CB    . PHE A 1 136 ? -3.370  -16.491 32.172  1.00 40.34  ? 136  PHE A CB    1 
ATOM   1033 C  CG    . PHE A 1 136 ? -3.760  -16.732 30.716  1.00 31.98  ? 136  PHE A CG    1 
ATOM   1034 C  CD1   . PHE A 1 136 ? -5.030  -16.396 30.273  1.00 35.95  ? 136  PHE A CD1   1 
ATOM   1035 C  CD2   . PHE A 1 136 ? -2.855  -17.281 29.812  1.00 33.98  ? 136  PHE A CD2   1 
ATOM   1036 C  CE1   . PHE A 1 136 ? -5.409  -16.604 28.949  1.00 31.83  ? 136  PHE A CE1   1 
ATOM   1037 C  CE2   . PHE A 1 136 ? -3.204  -17.496 28.468  1.00 35.82  ? 136  PHE A CE2   1 
ATOM   1038 C  CZ    . PHE A 1 136 ? -4.474  -17.132 28.027  1.00 27.38  ? 136  PHE A CZ    1 
ATOM   1039 N  N     . ASP A 1 137 ? -1.285  -16.271 34.395  0.50 44.34  ? 137  ASP A N     1 
ATOM   1040 C  CA    . ASP A 1 137 ? -0.942  -15.660 35.683  0.50 44.71  ? 137  ASP A CA    1 
ATOM   1041 C  C     . ASP A 1 137 ? -1.886  -14.482 35.944  0.50 44.37  ? 137  ASP A C     1 
ATOM   1042 O  O     . ASP A 1 137 ? -2.425  -13.880 35.004  0.50 43.18  ? 137  ASP A O     1 
ATOM   1043 C  CB    . ASP A 1 137 ? 0.511   -15.194 35.677  0.50 44.02  ? 137  ASP A CB    1 
ATOM   1044 C  CG    . ASP A 1 137 ? 1.465   -16.273 35.200  0.50 47.31  ? 137  ASP A CG    1 
ATOM   1045 O  OD1   . ASP A 1 137 ? 1.207   -17.460 35.466  0.50 53.38  ? 137  ASP A OD1   1 
ATOM   1046 O  OD2   . ASP A 1 137 ? 2.501   -16.038 34.550  0.50 50.78  ? 137  ASP A OD2   1 
HETATM 1047 MG MG    . MG  B 2 .   ? -1.781  -14.666 4.063   1.00 32.50  ? 997  MG  A MG    1 
HETATM 1048 N  N1    . DUT C 3 .   ? -0.454  -7.808  -0.870  1.00 26.59  ? 777  DUT A N1    1 
HETATM 1049 C  C2    . DUT C 3 .   ? -0.524  -6.746  -1.778  1.00 27.90  ? 777  DUT A C2    1 
HETATM 1050 N  N3    . DUT C 3 .   ? -1.366  -5.717  -1.511  1.00 33.84  ? 777  DUT A N3    1 
HETATM 1051 C  C4    . DUT C 3 .   ? -2.149  -5.691  -0.413  1.00 31.35  ? 777  DUT A C4    1 
HETATM 1052 C  C5    . DUT C 3 .   ? -2.096  -6.746  0.501   1.00 24.76  ? 777  DUT A C5    1 
HETATM 1053 C  C6    . DUT C 3 .   ? -1.243  -7.801  0.255   1.00 28.63  ? 777  DUT A C6    1 
HETATM 1054 O  O2    . DUT C 3 .   ? 0.181   -6.741  -2.803  1.00 28.48  ? 777  DUT A O2    1 
HETATM 1055 O  O4    . DUT C 3 .   ? -2.915  -4.706  -0.229  1.00 26.85  ? 777  DUT A O4    1 
HETATM 1056 C  "C1'" . DUT C 3 .   ? 0.427   -8.929  -1.127  1.00 27.57  ? 777  DUT A "C1'" 1 
HETATM 1057 C  "C2'" . DUT C 3 .   ? 1.591   -8.924  -0.145  1.00 26.77  ? 777  DUT A "C2'" 1 
HETATM 1058 C  "C3'" . DUT C 3 .   ? 1.274   -10.011 0.851   1.00 31.83  ? 777  DUT A "C3'" 1 
HETATM 1059 C  "C4'" . DUT C 3 .   ? 0.419   -10.965 0.001   1.00 26.57  ? 777  DUT A "C4'" 1 
HETATM 1060 O  "O4'" . DUT C 3 .   ? -0.346  -10.109 -0.872  1.00 27.56  ? 777  DUT A "O4'" 1 
HETATM 1061 O  "O3'" . DUT C 3 .   ? 2.459   -10.570 1.386   1.00 30.72  ? 777  DUT A "O3'" 1 
HETATM 1062 C  "C5'" . DUT C 3 .   ? -0.497  -11.835 0.816   1.00 28.24  ? 777  DUT A "C5'" 1 
HETATM 1063 O  "O5'" . DUT C 3 .   ? -1.240  -11.016 1.718   1.00 25.89  ? 777  DUT A "O5'" 1 
HETATM 1064 P  PA    . DUT C 3 .   ? -2.279  -11.687 2.740   1.00 29.83  ? 777  DUT A PA    1 
HETATM 1065 O  O1A   . DUT C 3 .   ? -1.429  -12.716 3.446   1.00 34.52  ? 777  DUT A O1A   1 
HETATM 1066 O  O2A   . DUT C 3 .   ? -2.982  -10.572 3.491   1.00 33.96  ? 777  DUT A O2A   1 
HETATM 1067 O  O3A   . DUT C 3 .   ? -3.383  -12.332 1.788   1.00 31.94  ? 777  DUT A O3A   1 
HETATM 1068 P  PB    . DUT C 3 .   ? -3.838  -13.873 1.663   1.00 31.21  ? 777  DUT A PB    1 
HETATM 1069 O  O1B   . DUT C 3 .   ? -3.542  -14.649 2.962   1.00 31.00  ? 777  DUT A O1B   1 
HETATM 1070 O  O2B   . DUT C 3 .   ? -5.250  -13.883 1.217   1.00 25.77  ? 777  DUT A O2B   1 
HETATM 1071 O  O3B   . DUT C 3 .   ? -2.963  -14.540 0.517   1.00 39.71  ? 777  DUT A O3B   1 
HETATM 1072 P  PG    . DUT C 3 .   ? -1.880  -15.702 0.853   1.00 37.58  ? 777  DUT A PG    1 
HETATM 1073 O  O1G   . DUT C 3 .   ? -2.706  -16.957 0.986   1.00 38.79  ? 777  DUT A O1G   1 
HETATM 1074 O  O2G   . DUT C 3 .   ? -1.039  -15.380 2.140   1.00 33.21  ? 777  DUT A O2G   1 
HETATM 1075 O  O3G   . DUT C 3 .   ? -0.903  -15.672 -0.290  1.00 37.44  ? 777  DUT A O3G   1 
HETATM 1076 C  C     . TRS D 4 .   ? -20.704 0.748   2.989   0.33 45.34  ? 501  TRS A C     1 
HETATM 1077 C  C3    . TRS D 4 .   ? -20.362 1.556   1.746   1.00 46.81  ? 501  TRS A C3    1 
HETATM 1078 N  N     . TRS D 4 .   ? -19.468 0.144   3.491   0.33 47.94  ? 501  TRS A N     1 
HETATM 1079 O  O3    . TRS D 4 .   ? -20.144 0.696   0.625   1.00 43.45  ? 501  TRS A O3    1 
HETATM 1080 C  C     . TRS E 4 .   ? 12.067  -2.192  18.235  0.11 22.28  ? 502  TRS A C     1 
HETATM 1081 C  C2    . TRS E 4 .   ? 12.302  -1.071  17.230  0.33 21.88  ? 502  TRS A C2    1 
HETATM 1082 N  N     . TRS E 4 .   ? 10.697  -2.683  18.092  0.11 20.49  ? 502  TRS A N     1 
HETATM 1083 O  O2    . TRS E 4 .   ? 12.681  0.097   17.923  0.33 29.16  ? 502  TRS A O2    1 
HETATM 1084 O  O     . HOH F 5 .   ? 8.473   -8.111  0.770   1.00 25.57  ? 998  HOH A O     1 
HETATM 1085 O  O     . HOH F 5 .   ? -5.795  7.091   6.439   1.00 24.29  ? 999  HOH A O     1 
HETATM 1086 O  O     . HOH F 5 .   ? 19.386  -1.515  5.846   0.50 19.13  ? 1000 HOH A O     1 
HETATM 1087 O  O     . HOH F 5 .   ? -6.751  6.158   0.216   1.00 21.91  ? 1001 HOH A O     1 
HETATM 1088 O  O     . HOH F 5 .   ? 6.427   -6.915  -3.299  1.00 30.08  ? 1002 HOH A O     1 
HETATM 1089 O  O     . HOH F 5 .   ? 6.963   -9.913  7.450   1.00 26.45  ? 1003 HOH A O     1 
HETATM 1090 O  O     . HOH F 5 .   ? -3.254  -7.979  3.426   1.00 23.29  ? 1004 HOH A O     1 
HETATM 1091 O  O     . HOH F 5 .   ? -4.715  -2.767  -0.740  1.00 26.26  ? 1005 HOH A O     1 
HETATM 1092 O  O     . HOH F 5 .   ? -7.673  -14.541 1.890   1.00 25.34  ? 1006 HOH A O     1 
HETATM 1093 O  O     . HOH F 5 .   ? 7.569   3.666   7.165   1.00 28.32  ? 1007 HOH A O     1 
HETATM 1094 O  O     . HOH F 5 .   ? 10.815  8.581   -9.212  1.00 29.93  ? 1008 HOH A O     1 
HETATM 1095 O  O     . HOH F 5 .   ? -4.730  -24.885 26.808  1.00 33.42  ? 1009 HOH A O     1 
HETATM 1096 O  O     . HOH F 5 .   ? -2.737  -14.173 5.773   1.00 26.40  ? 1010 HOH A O     1 
HETATM 1097 O  O     . HOH F 5 .   ? 7.668   -11.642 9.347   1.00 29.91  ? 1011 HOH A O     1 
HETATM 1098 O  O     . HOH F 5 .   ? -1.948  -18.641 2.743   1.00 35.12  ? 1012 HOH A O     1 
HETATM 1099 O  O     . HOH F 5 .   ? 5.358   4.703   -7.672  1.00 42.74  ? 1013 HOH A O     1 
HETATM 1100 O  O     . HOH F 5 .   ? -1.115  4.574   -21.201 1.00 31.40  ? 1014 HOH A O     1 
HETATM 1101 O  O     . HOH F 5 .   ? 14.400  -7.642  15.743  0.50 37.45  ? 1015 HOH A O     1 
HETATM 1102 O  O     . HOH F 5 .   ? 15.528  -5.623  0.963   1.00 31.07  ? 1016 HOH A O     1 
HETATM 1103 O  O     . HOH F 5 .   ? -1.116  12.569  -6.602  1.00 37.21  ? 1017 HOH A O     1 
HETATM 1104 O  O     . HOH F 5 .   ? 11.614  -13.117 4.845   1.00 32.65  ? 1018 HOH A O     1 
HETATM 1105 O  O     . HOH F 5 .   ? -8.616  15.031  9.168   1.00 46.75  ? 1019 HOH A O     1 
HETATM 1106 O  O     . HOH F 5 .   ? 3.111   -3.649  -13.493 1.00 37.31  ? 1020 HOH A O     1 
HETATM 1107 O  O     . HOH F 5 .   ? 4.131   10.540  2.706   1.00 29.49  ? 1021 HOH A O     1 
HETATM 1108 O  O     . HOH F 5 .   ? 12.502  -13.279 2.395   1.00 33.40  ? 1022 HOH A O     1 
HETATM 1109 O  O     . HOH F 5 .   ? 6.306   -13.743 -3.555  1.00 38.72  ? 1023 HOH A O     1 
HETATM 1110 O  O     . HOH F 5 .   ? 8.969   5.347   -19.200 1.00 33.95  ? 1024 HOH A O     1 
HETATM 1111 O  O     . HOH F 5 .   ? 0.729   -12.573 6.729   1.00 32.89  ? 1025 HOH A O     1 
HETATM 1112 O  O     . HOH F 5 .   ? 15.792  -10.216 11.598  1.00 53.10  ? 1026 HOH A O     1 
HETATM 1113 O  O     . HOH F 5 .   ? 9.622   -11.204 13.574  1.00 42.78  ? 1027 HOH A O     1 
HETATM 1114 O  O     . HOH F 5 .   ? -9.674  -4.905  -10.593 1.00 36.87  ? 1028 HOH A O     1 
HETATM 1115 O  O     . HOH F 5 .   ? 9.037   -17.231 17.554  1.00 52.59  ? 1029 HOH A O     1 
HETATM 1116 O  O     . HOH F 5 .   ? 4.586   11.619  -1.363  1.00 42.22  ? 1030 HOH A O     1 
HETATM 1117 O  O     . HOH F 5 .   ? 10.000  10.701  -12.072 1.00 37.17  ? 1031 HOH A O     1 
HETATM 1118 O  O     . HOH F 5 .   ? -16.644 -3.722  -3.397  1.00 32.05  ? 1032 HOH A O     1 
HETATM 1119 O  O     . HOH F 5 .   ? 0.119   -14.714 5.120   1.00 31.94  ? 1033 HOH A O     1 
HETATM 1120 O  O     . HOH F 5 .   ? -17.514 8.027   -2.349  1.00 40.02  ? 1034 HOH A O     1 
HETATM 1121 O  O     . HOH F 5 .   ? 1.858   -2.224  -15.263 1.00 45.85  ? 1035 HOH A O     1 
HETATM 1122 O  O     . HOH F 5 .   ? -16.341 -4.297  -7.046  1.00 38.69  ? 1036 HOH A O     1 
HETATM 1123 O  O     . HOH F 5 .   ? 16.294  -9.776  -2.517  1.00 41.69  ? 1037 HOH A O     1 
HETATM 1124 O  O     . HOH F 5 .   ? 0.912   -14.062 -1.041  1.00 35.93  ? 1038 HOH A O     1 
HETATM 1125 O  O     . HOH F 5 .   ? -16.819 0.743   -10.675 1.00 38.56  ? 1039 HOH A O     1 
HETATM 1126 O  O     . HOH F 5 .   ? -16.242 13.735  4.599   1.00 37.54  ? 1040 HOH A O     1 
HETATM 1127 O  O     . HOH F 5 .   ? -0.861  -0.926  -15.371 1.00 45.71  ? 1041 HOH A O     1 
HETATM 1128 O  O     . HOH F 5 .   ? 5.210   9.314   -3.010  1.00 51.25  ? 1042 HOH A O     1 
HETATM 1129 O  O     . HOH F 5 .   ? -3.578  12.631  -8.680  1.00 57.82  ? 1043 HOH A O     1 
HETATM 1130 O  O     . HOH F 5 .   ? -7.673  -0.837  -11.586 1.00 36.52  ? 1044 HOH A O     1 
HETATM 1131 O  O     . HOH F 5 .   ? 4.740   0.285   -19.503 1.00 46.36  ? 1045 HOH A O     1 
HETATM 1132 O  O     . HOH F 5 .   ? 10.637  -7.419  15.834  1.00 46.59  ? 1046 HOH A O     1 
HETATM 1133 O  O     . HOH F 5 .   ? 3.297   -21.412 17.462  1.00 36.93  ? 1047 HOH A O     1 
HETATM 1134 O  O     . HOH F 5 .   ? -20.979 4.230   3.451   1.00 39.64  ? 1048 HOH A O     1 
HETATM 1135 O  O     . HOH F 5 .   ? -21.498 9.571   -8.401  1.00 49.21  ? 1049 HOH A O     1 
HETATM 1136 O  O     . HOH F 5 .   ? -9.680  15.479  4.853   1.00 45.56  ? 1050 HOH A O     1 
HETATM 1137 O  O     . HOH F 5 .   ? -0.279  -5.689  -13.369 1.00 44.24  ? 1051 HOH A O     1 
HETATM 1138 O  O     . HOH F 5 .   ? -15.191 16.972  6.898   1.00 39.94  ? 1052 HOH A O     1 
HETATM 1139 O  O     . HOH F 5 .   ? -6.957  7.993   -19.076 1.00 46.45  ? 1053 HOH A O     1 
HETATM 1140 O  O     . HOH F 5 .   ? -1.819  11.771  -11.759 1.00 45.12  ? 1054 HOH A O     1 
HETATM 1141 O  O     . HOH F 5 .   ? -4.226  0.433   -16.699 1.00 42.96  ? 1055 HOH A O     1 
HETATM 1142 O  O     . HOH F 5 .   ? -21.481 -0.332  -10.104 1.00 52.83  ? 1056 HOH A O     1 
HETATM 1143 O  O     . HOH F 5 .   ? 3.431   3.585   -9.535  1.00 48.26  ? 1057 HOH A O     1 
HETATM 1144 O  O     . HOH F 5 .   ? 2.934   -13.136 0.830   1.00 40.21  ? 1058 HOH A O     1 
HETATM 1145 O  O     . HOH F 5 .   ? 10.812  -1.902  -16.231 1.00 53.75  ? 1059 HOH A O     1 
HETATM 1146 O  O     . HOH F 5 .   ? 3.103   -25.342 24.071  1.00 37.12  ? 1060 HOH A O     1 
HETATM 1147 O  O     . HOH F 5 .   ? -21.057 -0.967  -5.957  1.00 48.71  ? 1061 HOH A O     1 
HETATM 1148 O  O     . HOH F 5 .   ? -15.603 9.704   -4.364  1.00 36.97  ? 1062 HOH A O     1 
HETATM 1149 O  O     . HOH F 5 .   ? -16.858 10.641  2.769   1.00 40.73  ? 1063 HOH A O     1 
HETATM 1150 O  O     . HOH F 5 .   ? -13.128 11.942  -9.024  1.00 41.15  ? 1064 HOH A O     1 
HETATM 1151 O  O     . HOH F 5 .   ? 11.428  -13.615 13.428  1.00 49.55  ? 1065 HOH A O     1 
HETATM 1152 O  O     . HOH F 5 .   ? -13.217 2.865   -15.788 1.00 45.29  ? 1066 HOH A O     1 
HETATM 1153 O  O     . HOH F 5 .   ? 9.906   -17.855 20.142  1.00 55.12  ? 1067 HOH A O     1 
HETATM 1154 O  O     . HOH F 5 .   ? 6.157   -22.787 23.027  1.00 59.05  ? 1068 HOH A O     1 
HETATM 1155 O  O     . HOH F 5 .   ? 2.558   10.816  -12.490 1.00 43.26  ? 1069 HOH A O     1 
HETATM 1156 O  O     . HOH F 5 .   ? 9.512   -18.055 2.593   1.00 54.70  ? 1070 HOH A O     1 
HETATM 1157 O  O     . HOH F 5 .   ? 3.377   -10.208 -9.106  1.00 43.87  ? 1071 HOH A O     1 
HETATM 1158 O  O     . HOH F 5 .   ? 3.634   3.218   -6.802  1.00 54.43  ? 1072 HOH A O     1 
HETATM 1159 O  O     . HOH F 5 .   ? 13.660  -11.473 -8.940  1.00 49.05  ? 1073 HOH A O     1 
HETATM 1160 O  O     . HOH F 5 .   ? 8.299   -9.569  -9.013  1.00 52.95  ? 1074 HOH A O     1 
HETATM 1161 O  O     . HOH F 5 .   ? -6.015  15.521  4.089   1.00 55.37  ? 1075 HOH A O     1 
HETATM 1162 O  O     . HOH F 5 .   ? -24.467 6.181   -4.414  1.00 60.02  ? 1076 HOH A O     1 
HETATM 1163 O  O     . HOH F 5 .   ? 16.489  7.095   -19.231 1.00 66.79  ? 1077 HOH A O     1 
HETATM 1164 O  O     . HOH F 5 .   ? 4.410   -14.835 1.942   1.00 38.69  ? 1078 HOH A O     1 
HETATM 1165 O  O     . HOH F 5 .   ? -5.072  -4.719  -11.833 1.00 52.99  ? 1079 HOH A O     1 
HETATM 1166 O  O     . HOH F 5 .   ? 9.522   -9.925  -13.130 1.00 66.50  ? 1080 HOH A O     1 
HETATM 1167 O  O     . HOH F 5 .   ? 1.819   -8.837  -10.846 1.00 42.44  ? 1081 HOH A O     1 
HETATM 1168 O  O     . HOH F 5 .   ? 5.368   -3.600  -17.889 1.00 56.79  ? 1082 HOH A O     1 
HETATM 1169 O  O     . HOH F 5 .   ? -2.053  -16.690 4.594   1.00 32.44  ? 1083 HOH A O     1 
HETATM 1170 O  O     . HOH F 5 .   ? -1.239  -8.980  -4.319  1.00 60.68  ? 1084 HOH A O     1 
HETATM 1171 O  O     . HOH F 5 .   ? -11.675 -2.688  -11.881 1.00 67.79  ? 1085 HOH A O     1 
HETATM 1172 O  O     . HOH F 5 .   ? 12.002  3.353   -14.861 1.00 51.88  ? 1086 HOH A O     1 
HETATM 1173 O  O     . HOH F 5 .   ? -17.453 10.369  0.589   1.00 50.42  ? 1087 HOH A O     1 
HETATM 1174 O  O     . HOH F 5 .   ? -19.645 5.443   -11.495 1.00 56.75  ? 1088 HOH A O     1 
HETATM 1175 O  O     . HOH F 5 .   ? -15.776 10.815  -10.890 1.00 52.27  ? 1089 HOH A O     1 
HETATM 1176 O  O     . HOH F 5 .   ? 14.296  -4.717  10.859  1.00 45.11  ? 1090 HOH A O     1 
HETATM 1177 O  O     . HOH F 5 .   ? -9.802  13.581  -16.037 1.00 51.36  ? 1091 HOH A O     1 
HETATM 1178 O  O     . HOH F 5 .   ? -8.587  14.548  6.759   1.00 52.48  ? 1092 HOH A O     1 
HETATM 1179 O  O     . HOH F 5 .   ? -7.519  -1.126  -14.058 1.00 40.96  ? 1093 HOH A O     1 
HETATM 1180 O  O     . HOH F 5 .   ? 3.095   14.586  5.288   1.00 41.11  ? 1094 HOH A O     1 
HETATM 1181 O  O     . HOH F 5 .   ? 0.644   -10.619 4.166   1.00 55.33  ? 1095 HOH A O     1 
HETATM 1182 O  O     . HOH F 5 .   ? 10.016  9.423   -6.288  1.00 43.71  ? 1096 HOH A O     1 
HETATM 1183 O  O     . HOH F 5 .   ? 6.006   9.595   -5.319  1.00 44.27  ? 1097 HOH A O     1 
HETATM 1184 O  O     . HOH F 5 .   ? 12.690  -4.797  12.567  1.00 49.87  ? 1098 HOH A O     1 
HETATM 1185 O  O     . HOH F 5 .   ? -11.809 -5.604  -8.118  1.00 50.26  ? 1099 HOH A O     1 
HETATM 1186 O  O     . HOH F 5 .   ? -20.659 -0.909  -12.265 1.00 67.85  ? 1100 HOH A O     1 
HETATM 1187 O  O     . HOH F 5 .   ? -3.064  -1.595  -15.585 1.00 55.31  ? 1101 HOH A O     1 
HETATM 1188 O  O     . HOH F 5 .   ? -20.670 2.545   -1.194  1.00 55.50  ? 1102 HOH A O     1 
HETATM 1189 O  O     . HOH F 5 .   ? 0.556   -19.519 32.939  1.00 48.47  ? 1103 HOH A O     1 
HETATM 1190 O  O     . HOH F 5 .   ? 12.706  -0.270  -15.879 1.00 58.40  ? 1104 HOH A O     1 
HETATM 1191 O  O     . HOH F 5 .   ? 4.023   -13.639 -5.419  1.00 54.04  ? 1105 HOH A O     1 
HETATM 1192 O  O     . HOH F 5 .   ? -15.464 12.052  -4.377  1.00 45.82  ? 1106 HOH A O     1 
HETATM 1193 O  O     . HOH F 5 .   ? 11.593  15.082  10.914  1.00 47.76  ? 1107 HOH A O     1 
HETATM 1194 O  O     . HOH F 5 .   ? -7.389  10.948  -17.077 1.00 49.27  ? 1108 HOH A O     1 
HETATM 1195 O  O     . HOH F 5 .   ? 11.392  9.003   0.254   1.00 53.58  ? 1109 HOH A O     1 
HETATM 1196 O  O     . HOH F 5 .   ? 12.452  -0.473  14.813  1.00 67.98  ? 1110 HOH A O     1 
HETATM 1197 O  O     . HOH F 5 .   ? -3.767  -27.225 26.462  1.00 54.09  ? 1111 HOH A O     1 
HETATM 1198 O  O     . HOH F 5 .   ? 18.676  -3.638  5.164   1.00 48.45  ? 1112 HOH A O     1 
HETATM 1199 O  O     . HOH F 5 .   ? 7.964   -6.486  -15.774 1.00 56.93  ? 1113 HOH A O     1 
HETATM 1200 O  O     . HOH F 5 .   ? -0.184  -25.341 31.714  1.00 53.42  ? 1114 HOH A O     1 
HETATM 1201 O  O     . HOH F 5 .   ? 13.680  11.617  9.073   1.00 48.83  ? 1115 HOH A O     1 
HETATM 1202 O  O     . HOH F 5 .   ? 13.840  -3.950  -12.744 1.00 52.46  ? 1116 HOH A O     1 
HETATM 1203 O  O     . HOH F 5 .   ? 3.519   -20.364 15.512  1.00 49.51  ? 1117 HOH A O     1 
HETATM 1204 O  O     . HOH F 5 .   ? -5.534  13.611  -1.628  1.00 48.43  ? 1118 HOH A O     1 
HETATM 1205 O  O     . HOH F 5 .   ? -10.863 5.878   -18.308 1.00 56.12  ? 1119 HOH A O     1 
HETATM 1206 O  O     . HOH F 5 .   ? -7.891  14.156  -0.934  1.00 58.49  ? 1120 HOH A O     1 
HETATM 1207 O  O     . HOH F 5 .   ? 12.240  -15.846 0.147   1.00 53.28  ? 1121 HOH A O     1 
HETATM 1208 O  O     . HOH F 5 .   ? 1.583   -25.050 20.117  1.00 53.63  ? 1122 HOH A O     1 
HETATM 1209 O  O     . HOH F 5 .   ? 4.413   14.087  -1.752  1.00 56.45  ? 1123 HOH A O     1 
HETATM 1210 O  O     . HOH F 5 .   ? 7.385   7.190   -22.001 1.00 49.21  ? 1124 HOH A O     1 
HETATM 1211 O  O     . HOH F 5 .   ? 17.713  -1.317  10.204  0.50 58.44  ? 1125 HOH A O     1 
HETATM 1212 O  O     . HOH F 5 .   ? -18.864 12.073  -8.153  1.00 54.00  ? 1126 HOH A O     1 
HETATM 1213 O  O     . HOH F 5 .   ? -22.323 1.486   -7.931  1.00 48.19  ? 1127 HOH A O     1 
HETATM 1214 O  O     . HOH F 5 .   ? 10.221  17.682  4.868   1.00 52.29  ? 1128 HOH A O     1 
HETATM 1215 O  O     . HOH F 5 .   ? 6.168   -10.337 -10.339 1.00 53.72  ? 1129 HOH A O     1 
HETATM 1216 O  O     . HOH F 5 .   ? -6.642  1.089   -16.491 1.00 64.52  ? 1130 HOH A O     1 
HETATM 1217 O  O     . HOH F 5 .   ? -10.073 12.110  -9.355  1.00 52.14  ? 1131 HOH A O     1 
HETATM 1218 O  O     . HOH F 5 .   ? -19.549 9.644   0.355   1.00 48.95  ? 1132 HOH A O     1 
HETATM 1219 O  O     . HOH F 5 .   ? -0.714  -12.841 -2.878  1.00 59.51  ? 1133 HOH A O     1 
HETATM 1220 O  O     . HOH F 5 .   ? 2.530   16.442  2.995   1.00 64.61  ? 1134 HOH A O     1 
HETATM 1221 O  O     . HOH F 5 .   ? -14.000 0.726   -13.973 1.00 63.57  ? 1135 HOH A O     1 
HETATM 1222 O  O     . HOH F 5 .   ? -16.525 14.292  -2.670  1.00 62.28  ? 1136 HOH A O     1 
HETATM 1223 O  O     . HOH F 5 .   ? -11.315 1.080   -16.238 1.00 61.51  ? 1137 HOH A O     1 
HETATM 1224 O  O     . HOH F 5 .   ? 7.250   14.118  -1.929  1.00 75.52  ? 1138 HOH A O     1 
HETATM 1225 O  O     . HOH F 5 .   ? 7.749   -18.310 14.977  1.00 60.95  ? 1139 HOH A O     1 
HETATM 1226 O  O     . HOH F 5 .   ? 12.510  -5.676  15.238  1.00 62.62  ? 1140 HOH A O     1 
HETATM 1227 O  O     . HOH F 5 .   ? 20.358  -7.120  -1.606  1.00 57.39  ? 1141 HOH A O     1 
HETATM 1228 O  O     . HOH F 5 .   ? 11.779  6.796   -2.566  1.00 58.59  ? 1142 HOH A O     1 
HETATM 1229 O  O     . HOH F 5 .   ? 4.137   -5.901  -14.549 1.00 48.62  ? 1143 HOH A O     1 
HETATM 1230 O  O     . HOH F 5 .   ? 18.886  -3.515  0.300   1.00 44.61  ? 1144 HOH A O     1 
HETATM 1231 O  O     . HOH F 5 .   ? 13.471  7.580   -10.027 1.00 59.69  ? 1145 HOH A O     1 
HETATM 1232 O  O     . HOH F 5 .   ? 14.679  6.927   -12.966 1.00 64.91  ? 1146 HOH A O     1 
HETATM 1233 O  O     . HOH F 5 .   ? -7.035  7.107   -21.160 1.00 58.86  ? 1147 HOH A O     1 
HETATM 1234 O  O     . HOH F 5 .   ? 4.495   -8.670  -12.380 1.00 63.30  ? 1148 HOH A O     1 
HETATM 1235 O  O     . HOH F 5 .   ? 7.516   -17.706 11.838  1.00 57.96  ? 1149 HOH A O     1 
HETATM 1236 O  O     . HOH F 5 .   ? 12.285  11.486  3.888   1.00 60.87  ? 1150 HOH A O     1 
HETATM 1237 O  O     . HOH F 5 .   ? -9.869  10.348  -17.920 1.00 53.23  ? 1151 HOH A O     1 
HETATM 1238 O  O     . HOH F 5 .   ? 10.351  -15.177 -1.218  1.00 47.39  ? 1152 HOH A O     1 
HETATM 1239 O  O     . HOH F 5 .   ? -0.832  -23.411 33.218  1.00 55.45  ? 1153 HOH A O     1 
HETATM 1240 O  O     . HOH F 5 .   ? -6.583  14.092  8.637   1.00 43.09  ? 1154 HOH A O     1 
HETATM 1241 O  O     . HOH F 5 .   ? -23.285 4.280   0.914   1.00 71.09  ? 1155 HOH A O     1 
HETATM 1242 O  O     . HOH F 5 .   ? 5.705   -22.024 30.544  1.00 64.70  ? 1156 HOH A O     1 
HETATM 1243 O  O     . HOH F 5 .   ? 10.729  13.224  2.356   1.00 48.13  ? 1157 HOH A O     1 
HETATM 1244 O  O     . HOH F 5 .   ? -22.311 11.061  -6.722  1.00 66.47  ? 1158 HOH A O     1 
HETATM 1245 O  O     . HOH F 5 .   ? 13.855  4.651   -13.148 1.00 72.12  ? 1159 HOH A O     1 
HETATM 1246 O  O     . HOH F 5 .   ? 6.116   -13.448 -7.887  1.00 58.48  ? 1160 HOH A O     1 
HETATM 1247 O  O     . HOH F 5 .   ? -21.587 1.574   -12.044 1.00 64.33  ? 1161 HOH A O     1 
HETATM 1248 O  O     . HOH F 5 .   ? 1.123   0.258   -21.582 1.00 57.10  ? 1162 HOH A O     1 
HETATM 1249 O  O     . HOH F 5 .   ? 4.032   -23.185 18.873  1.00 60.69  ? 1163 HOH A O     1 
HETATM 1250 O  O     . HOH F 5 .   ? 14.348  0.991   -13.765 1.00 72.91  ? 1164 HOH A O     1 
# 
loop_
_pdbx_poly_seq_scheme.asym_id 
_pdbx_poly_seq_scheme.entity_id 
_pdbx_poly_seq_scheme.seq_id 
_pdbx_poly_seq_scheme.mon_id 
_pdbx_poly_seq_scheme.ndb_seq_num 
_pdbx_poly_seq_scheme.pdb_seq_num 
_pdbx_poly_seq_scheme.auth_seq_num 
_pdbx_poly_seq_scheme.pdb_mon_id 
_pdbx_poly_seq_scheme.auth_mon_id 
_pdbx_poly_seq_scheme.pdb_strand_id 
_pdbx_poly_seq_scheme.pdb_ins_code 
_pdbx_poly_seq_scheme.hetero 
A 1 1   MET 1   1   1   MET MET A . n 
A 1 2   MET 2   2   2   MET MET A . n 
A 1 3   LYS 3   3   3   LYS LYS A . n 
A 1 4   LYS 4   4   4   LYS LYS A . n 
A 1 5   ILE 5   5   5   ILE ILE A . n 
A 1 6   ASP 6   6   6   ASP ASP A . n 
A 1 7   VAL 7   7   7   VAL VAL A . n 
A 1 8   LYS 8   8   8   LYS LYS A . n 
A 1 9   ILE 9   9   9   ILE ILE A . n 
A 1 10  LEU 10  10  10  LEU LEU A . n 
A 1 11  ASP 11  11  11  ASP ASP A . n 
A 1 12  PRO 12  12  12  PRO PRO A . n 
A 1 13  ARG 13  13  13  ARG ARG A . n 
A 1 14  VAL 14  14  14  VAL VAL A . n 
A 1 15  GLY 15  15  15  GLY GLY A . n 
A 1 16  LYS 16  16  16  LYS LYS A . n 
A 1 17  GLU 17  17  17  GLU GLU A . n 
A 1 18  PHE 18  18  18  PHE PHE A . n 
A 1 19  PRO 19  19  19  PRO PRO A . n 
A 1 20  LEU 20  20  20  LEU LEU A . n 
A 1 21  PRO 21  21  21  PRO PRO A . n 
A 1 22  THR 22  22  22  THR THR A . n 
A 1 23  TYR 23  23  23  TYR TYR A . n 
A 1 24  ALA 24  24  24  ALA ALA A . n 
A 1 25  THR 25  25  25  THR THR A . n 
A 1 26  SER 26  26  26  SER SER A . n 
A 1 27  GLY 27  27  27  GLY GLY A . n 
A 1 28  SER 28  28  28  SER SER A . n 
A 1 29  ALA 29  29  29  ALA ALA A . n 
A 1 30  GLY 30  30  30  GLY GLY A . n 
A 1 31  LEU 31  31  31  LEU LEU A . n 
A 1 32  ASP 32  32  32  ASP ASP A . n 
A 1 33  LEU 33  33  33  LEU LEU A . n 
A 1 34  ARG 34  34  34  ARG ARG A . n 
A 1 35  ALA 35  35  35  ALA ALA A . n 
A 1 36  CYS 36  36  36  CYS CYS A . n 
A 1 37  LEU 37  37  37  LEU LEU A . n 
A 1 38  ASN 38  38  38  ASN ASN A . n 
A 1 39  ASP 39  39  39  ASP ASP A . n 
A 1 40  ALA 40  40  40  ALA ALA A . n 
A 1 41  VAL 41  41  41  VAL VAL A . n 
A 1 42  GLU 42  42  42  GLU GLU A . n 
A 1 43  LEU 43  43  43  LEU LEU A . n 
A 1 44  ALA 44  44  44  ALA ALA A . n 
A 1 45  PRO 45  45  45  PRO PRO A . n 
A 1 46  GLY 46  46  46  GLY GLY A . n 
A 1 47  ASP 47  47  47  ASP ASP A . n 
A 1 48  THR 48  48  48  THR THR A . n 
A 1 49  THR 49  49  49  THR THR A . n 
A 1 50  LEU 50  50  50  LEU LEU A . n 
A 1 51  VAL 51  51  51  VAL VAL A . n 
A 1 52  PRO 52  52  52  PRO PRO A . n 
A 1 53  THR 53  53  53  THR THR A . n 
A 1 54  GLY 54  54  54  GLY GLY A . n 
A 1 55  LEU 55  55  55  LEU LEU A . n 
A 1 56  ALA 56  56  56  ALA ALA A . n 
A 1 57  ILE 57  57  57  ILE ILE A . n 
A 1 58  HIS 58  58  58  HIS HIS A . n 
A 1 59  ILE 59  59  59  ILE ILE A . n 
A 1 60  ALA 60  60  60  ALA ALA A . n 
A 1 61  ASP 61  61  61  ASP ASP A . n 
A 1 62  PRO 62  62  62  PRO PRO A . n 
A 1 63  SER 63  63  63  SER SER A . n 
A 1 64  LEU 64  64  64  LEU LEU A . n 
A 1 65  ALA 65  65  65  ALA ALA A . n 
A 1 66  ALA 66  66  66  ALA ALA A . n 
A 1 67  MET 67  67  67  MET MET A . n 
A 1 68  MET 68  68  68  MET MET A . n 
A 1 69  LEU 69  69  69  LEU LEU A . n 
A 1 70  PRO 70  70  70  PRO PRO A . n 
A 1 71  ARG 71  71  71  ARG ARG A . n 
A 1 72  SER 72  72  72  SER SER A . n 
A 1 73  GLY 73  73  73  GLY GLY A . n 
A 1 74  LEU 74  74  74  LEU LEU A . n 
A 1 75  GLY 75  75  75  GLY GLY A . n 
A 1 76  HIS 76  76  76  HIS HIS A . n 
A 1 77  LYS 77  77  77  LYS LYS A . n 
A 1 78  HIS 78  78  78  HIS HIS A . n 
A 1 79  GLY 79  79  79  GLY GLY A . n 
A 1 80  ILE 80  80  80  ILE ILE A . n 
A 1 81  VAL 81  81  81  VAL VAL A . n 
A 1 82  LEU 82  82  82  LEU LEU A . n 
A 1 83  GLY 83  83  83  GLY GLY A . n 
A 1 84  ASN 84  84  84  ASN ASN A . n 
A 1 85  LEU 85  85  85  LEU LEU A . n 
A 1 86  VAL 86  86  86  VAL VAL A . n 
A 1 87  GLY 87  87  87  GLY GLY A . n 
A 1 88  LEU 88  88  88  LEU LEU A . n 
A 1 89  ILE 89  89  89  ILE ILE A . n 
A 1 90  ASN 90  90  90  ASN ASN A . n 
A 1 91  SER 91  91  91  SER SER A . n 
A 1 92  ASP 92  92  92  ASP ASP A . n 
A 1 93  TYR 93  93  93  TYR TYR A . n 
A 1 94  GLN 94  94  94  GLN GLN A . n 
A 1 95  GLY 95  95  95  GLY GLY A . n 
A 1 96  GLN 96  96  96  GLN GLN A . n 
A 1 97  LEU 97  97  97  LEU LEU A . n 
A 1 98  MET 98  98  98  MET MET A . n 
A 1 99  ILE 99  99  99  ILE ILE A . n 
A 1 100 SER 100 100 100 SER SER A . n 
A 1 101 VAL 101 101 101 VAL VAL A . n 
A 1 102 TRP 102 102 102 TRP TRP A . n 
A 1 103 ASN 103 103 103 ASN ASN A . n 
A 1 104 ARG 104 104 104 ARG ARG A . n 
A 1 105 GLY 105 105 105 GLY GLY A . n 
A 1 106 GLN 106 106 106 GLN GLN A . n 
A 1 107 ASP 107 107 107 ASP ASP A . n 
A 1 108 SER 108 108 108 SER SER A . n 
A 1 109 PHE 109 109 109 PHE PHE A . n 
A 1 110 THR 110 110 110 THR THR A . n 
A 1 111 ILE 111 111 111 ILE ILE A . n 
A 1 112 GLN 112 112 112 GLN GLN A . n 
A 1 113 PRO 113 113 113 PRO PRO A . n 
A 1 114 GLY 114 114 114 GLY GLY A . n 
A 1 115 GLU 115 115 115 GLU GLU A . n 
A 1 116 ARG 116 116 116 ARG ARG A . n 
A 1 117 ILE 117 117 117 ILE ILE A . n 
A 1 118 ALA 118 118 118 ALA ALA A . n 
A 1 119 GLN 119 119 119 GLN GLN A . n 
A 1 120 MET 120 120 120 MET MET A . n 
A 1 121 ILE 121 121 121 ILE ILE A . n 
A 1 122 PHE 122 122 122 PHE PHE A . n 
A 1 123 VAL 123 123 123 VAL VAL A . n 
A 1 124 PRO 124 124 124 PRO PRO A . n 
A 1 125 VAL 125 125 125 VAL VAL A . n 
A 1 126 VAL 126 126 126 VAL VAL A . n 
A 1 127 GLN 127 127 127 GLN GLN A . n 
A 1 128 ALA 128 128 128 ALA ALA A . n 
A 1 129 GLU 129 129 129 GLU GLU A . n 
A 1 130 PHE 130 130 130 PHE PHE A . n 
A 1 131 ASN 131 131 131 ASN ASN A . n 
A 1 132 LEU 132 132 132 LEU LEU A . n 
A 1 133 VAL 133 133 133 VAL VAL A . n 
A 1 134 GLU 134 134 134 GLU GLU A . n 
A 1 135 ASP 135 135 135 ASP ASP A . n 
A 1 136 PHE 136 136 136 PHE PHE A . n 
A 1 137 ASP 137 137 137 ASP ASP A . n 
A 1 138 ALA 138 138 ?   ?   ?   A . n 
A 1 139 THR 139 139 ?   ?   ?   A . n 
A 1 140 ASP 140 140 ?   ?   ?   A . n 
A 1 141 ARG 141 141 ?   ?   ?   A . n 
A 1 142 GLY 142 142 ?   ?   ?   A . n 
A 1 143 GLU 143 143 ?   ?   ?   A . n 
A 1 144 GLY 144 144 ?   ?   ?   A . n 
A 1 145 GLY 145 145 ?   ?   ?   A . n 
A 1 146 PHE 146 146 ?   ?   ?   A . n 
A 1 147 GLY 147 147 ?   ?   ?   A . n 
A 1 148 HIS 148 148 ?   ?   ?   A . n 
A 1 149 SER 149 149 ?   ?   ?   A . n 
A 1 150 GLY 150 150 ?   ?   ?   A . n 
A 1 151 ARG 151 151 ?   ?   ?   A . n 
A 1 152 GLN 152 152 ?   ?   ?   A . n 
# 
loop_
_pdbx_nonpoly_scheme.asym_id 
_pdbx_nonpoly_scheme.entity_id 
_pdbx_nonpoly_scheme.mon_id 
_pdbx_nonpoly_scheme.ndb_seq_num 
_pdbx_nonpoly_scheme.pdb_seq_num 
_pdbx_nonpoly_scheme.auth_seq_num 
_pdbx_nonpoly_scheme.pdb_mon_id 
_pdbx_nonpoly_scheme.auth_mon_id 
_pdbx_nonpoly_scheme.pdb_strand_id 
_pdbx_nonpoly_scheme.pdb_ins_code 
B 2 MG  1   997  997 MG  MG  A . 
C 3 DUT 1   777  777 DUT DUT A . 
D 4 TRS 1   501  501 TRS TRS A . 
E 4 TRS 1   502  502 TRS TRS A . 
F 5 HOH 1   998  1   HOH HOH A . 
F 5 HOH 2   999  2   HOH HOH A . 
F 5 HOH 3   1000 3   HOH HOH A . 
F 5 HOH 4   1001 4   HOH HOH A . 
F 5 HOH 5   1002 5   HOH HOH A . 
F 5 HOH 6   1003 6   HOH HOH A . 
F 5 HOH 7   1004 7   HOH HOH A . 
F 5 HOH 8   1005 8   HOH HOH A . 
F 5 HOH 9   1006 9   HOH HOH A . 
F 5 HOH 10  1007 10  HOH HOH A . 
F 5 HOH 11  1008 11  HOH HOH A . 
F 5 HOH 12  1009 12  HOH HOH A . 
F 5 HOH 13  1010 13  HOH HOH A . 
F 5 HOH 14  1011 14  HOH HOH A . 
F 5 HOH 15  1012 15  HOH HOH A . 
F 5 HOH 16  1013 16  HOH HOH A . 
F 5 HOH 17  1014 17  HOH HOH A . 
F 5 HOH 18  1015 18  HOH HOH A . 
F 5 HOH 19  1016 19  HOH HOH A . 
F 5 HOH 20  1017 20  HOH HOH A . 
F 5 HOH 21  1018 21  HOH HOH A . 
F 5 HOH 22  1019 22  HOH HOH A . 
F 5 HOH 23  1020 23  HOH HOH A . 
F 5 HOH 24  1021 24  HOH HOH A . 
F 5 HOH 25  1022 25  HOH HOH A . 
F 5 HOH 26  1023 26  HOH HOH A . 
F 5 HOH 27  1024 28  HOH HOH A . 
F 5 HOH 28  1025 29  HOH HOH A . 
F 5 HOH 29  1026 30  HOH HOH A . 
F 5 HOH 30  1027 31  HOH HOH A . 
F 5 HOH 31  1028 32  HOH HOH A . 
F 5 HOH 32  1029 33  HOH HOH A . 
F 5 HOH 33  1030 34  HOH HOH A . 
F 5 HOH 34  1031 35  HOH HOH A . 
F 5 HOH 35  1032 36  HOH HOH A . 
F 5 HOH 36  1033 37  HOH HOH A . 
F 5 HOH 37  1034 38  HOH HOH A . 
F 5 HOH 38  1035 39  HOH HOH A . 
F 5 HOH 39  1036 40  HOH HOH A . 
F 5 HOH 40  1037 41  HOH HOH A . 
F 5 HOH 41  1038 42  HOH HOH A . 
F 5 HOH 42  1039 43  HOH HOH A . 
F 5 HOH 43  1040 44  HOH HOH A . 
F 5 HOH 44  1041 45  HOH HOH A . 
F 5 HOH 45  1042 46  HOH HOH A . 
F 5 HOH 46  1043 47  HOH HOH A . 
F 5 HOH 47  1044 48  HOH HOH A . 
F 5 HOH 48  1045 49  HOH HOH A . 
F 5 HOH 49  1046 50  HOH HOH A . 
F 5 HOH 50  1047 51  HOH HOH A . 
F 5 HOH 51  1048 52  HOH HOH A . 
F 5 HOH 52  1049 53  HOH HOH A . 
F 5 HOH 53  1050 54  HOH HOH A . 
F 5 HOH 54  1051 55  HOH HOH A . 
F 5 HOH 55  1052 56  HOH HOH A . 
F 5 HOH 56  1053 57  HOH HOH A . 
F 5 HOH 57  1054 58  HOH HOH A . 
F 5 HOH 58  1055 59  HOH HOH A . 
F 5 HOH 59  1056 60  HOH HOH A . 
F 5 HOH 60  1057 61  HOH HOH A . 
F 5 HOH 61  1058 62  HOH HOH A . 
F 5 HOH 62  1059 63  HOH HOH A . 
F 5 HOH 63  1060 64  HOH HOH A . 
F 5 HOH 64  1061 65  HOH HOH A . 
F 5 HOH 65  1062 66  HOH HOH A . 
F 5 HOH 66  1063 67  HOH HOH A . 
F 5 HOH 67  1064 68  HOH HOH A . 
F 5 HOH 68  1065 69  HOH HOH A . 
F 5 HOH 69  1066 70  HOH HOH A . 
F 5 HOH 70  1067 71  HOH HOH A . 
F 5 HOH 71  1068 72  HOH HOH A . 
F 5 HOH 72  1069 74  HOH HOH A . 
F 5 HOH 73  1070 76  HOH HOH A . 
F 5 HOH 74  1071 77  HOH HOH A . 
F 5 HOH 75  1072 78  HOH HOH A . 
F 5 HOH 76  1073 80  HOH HOH A . 
F 5 HOH 77  1074 81  HOH HOH A . 
F 5 HOH 78  1075 82  HOH HOH A . 
F 5 HOH 79  1076 83  HOH HOH A . 
F 5 HOH 80  1077 84  HOH HOH A . 
F 5 HOH 81  1078 87  HOH HOH A . 
F 5 HOH 82  1079 89  HOH HOH A . 
F 5 HOH 83  1080 90  HOH HOH A . 
F 5 HOH 84  1081 91  HOH HOH A . 
F 5 HOH 85  1082 92  HOH HOH A . 
F 5 HOH 86  1083 94  HOH HOH A . 
F 5 HOH 87  1084 95  HOH HOH A . 
F 5 HOH 88  1085 96  HOH HOH A . 
F 5 HOH 89  1086 97  HOH HOH A . 
F 5 HOH 90  1087 98  HOH HOH A . 
F 5 HOH 91  1088 99  HOH HOH A . 
F 5 HOH 92  1089 100 HOH HOH A . 
F 5 HOH 93  1090 101 HOH HOH A . 
F 5 HOH 94  1091 102 HOH HOH A . 
F 5 HOH 95  1092 103 HOH HOH A . 
F 5 HOH 96  1093 105 HOH HOH A . 
F 5 HOH 97  1094 106 HOH HOH A . 
F 5 HOH 98  1095 107 HOH HOH A . 
F 5 HOH 99  1096 108 HOH HOH A . 
F 5 HOH 100 1097 109 HOH HOH A . 
F 5 HOH 101 1098 111 HOH HOH A . 
F 5 HOH 102 1099 112 HOH HOH A . 
F 5 HOH 103 1100 113 HOH HOH A . 
F 5 HOH 104 1101 114 HOH HOH A . 
F 5 HOH 105 1102 115 HOH HOH A . 
F 5 HOH 106 1103 116 HOH HOH A . 
F 5 HOH 107 1104 117 HOH HOH A . 
F 5 HOH 108 1105 119 HOH HOH A . 
F 5 HOH 109 1106 120 HOH HOH A . 
F 5 HOH 110 1107 122 HOH HOH A . 
F 5 HOH 111 1108 123 HOH HOH A . 
F 5 HOH 112 1109 124 HOH HOH A . 
F 5 HOH 113 1110 125 HOH HOH A . 
F 5 HOH 114 1111 127 HOH HOH A . 
F 5 HOH 115 1112 128 HOH HOH A . 
F 5 HOH 116 1113 129 HOH HOH A . 
F 5 HOH 117 1114 130 HOH HOH A . 
F 5 HOH 118 1115 133 HOH HOH A . 
F 5 HOH 119 1116 134 HOH HOH A . 
F 5 HOH 120 1117 135 HOH HOH A . 
F 5 HOH 121 1118 136 HOH HOH A . 
F 5 HOH 122 1119 137 HOH HOH A . 
F 5 HOH 123 1120 138 HOH HOH A . 
F 5 HOH 124 1121 139 HOH HOH A . 
F 5 HOH 125 1122 140 HOH HOH A . 
F 5 HOH 126 1123 141 HOH HOH A . 
F 5 HOH 127 1124 142 HOH HOH A . 
F 5 HOH 128 1125 143 HOH HOH A . 
F 5 HOH 129 1126 144 HOH HOH A . 
F 5 HOH 130 1127 145 HOH HOH A . 
F 5 HOH 131 1128 146 HOH HOH A . 
F 5 HOH 132 1129 147 HOH HOH A . 
F 5 HOH 133 1130 148 HOH HOH A . 
F 5 HOH 134 1131 149 HOH HOH A . 
F 5 HOH 135 1132 150 HOH HOH A . 
F 5 HOH 136 1133 151 HOH HOH A . 
F 5 HOH 137 1134 152 HOH HOH A . 
F 5 HOH 138 1135 153 HOH HOH A . 
F 5 HOH 139 1136 154 HOH HOH A . 
F 5 HOH 140 1137 155 HOH HOH A . 
F 5 HOH 141 1138 158 HOH HOH A . 
F 5 HOH 142 1139 160 HOH HOH A . 
F 5 HOH 143 1140 162 HOH HOH A . 
F 5 HOH 144 1141 163 HOH HOH A . 
F 5 HOH 145 1142 164 HOH HOH A . 
F 5 HOH 146 1143 166 HOH HOH A . 
F 5 HOH 147 1144 167 HOH HOH A . 
F 5 HOH 148 1145 168 HOH HOH A . 
F 5 HOH 149 1146 169 HOH HOH A . 
F 5 HOH 150 1147 170 HOH HOH A . 
F 5 HOH 151 1148 171 HOH HOH A . 
F 5 HOH 152 1149 172 HOH HOH A . 
F 5 HOH 153 1150 173 HOH HOH A . 
F 5 HOH 154 1151 174 HOH HOH A . 
F 5 HOH 155 1152 175 HOH HOH A . 
F 5 HOH 156 1153 176 HOH HOH A . 
F 5 HOH 157 1154 179 HOH HOH A . 
F 5 HOH 158 1155 181 HOH HOH A . 
F 5 HOH 159 1156 182 HOH HOH A . 
F 5 HOH 160 1157 183 HOH HOH A . 
F 5 HOH 161 1158 184 HOH HOH A . 
F 5 HOH 162 1159 185 HOH HOH A . 
F 5 HOH 163 1160 186 HOH HOH A . 
F 5 HOH 164 1161 187 HOH HOH A . 
F 5 HOH 165 1162 196 HOH HOH A . 
F 5 HOH 166 1163 199 HOH HOH A . 
F 5 HOH 167 1164 206 HOH HOH A . 
# 
_pdbx_struct_assembly.id                   1 
_pdbx_struct_assembly.details              author_and_software_defined_assembly 
_pdbx_struct_assembly.method_details       PISA,PQS 
_pdbx_struct_assembly.oligomeric_details   trimeric 
_pdbx_struct_assembly.oligomeric_count     3 
# 
_pdbx_struct_assembly_gen.assembly_id       1 
_pdbx_struct_assembly_gen.oper_expression   1,2,3 
_pdbx_struct_assembly_gen.asym_id_list      A,B,C,D,E,F 
# 
loop_
_pdbx_struct_assembly_prop.biol_id 
_pdbx_struct_assembly_prop.type 
_pdbx_struct_assembly_prop.value 
_pdbx_struct_assembly_prop.details 
1 'ABSA (A^2)' 13240 ? 
1 MORE         -87   ? 
1 'SSA (A^2)'  15420 ? 
# 
loop_
_pdbx_struct_oper_list.id 
_pdbx_struct_oper_list.type 
_pdbx_struct_oper_list.name 
_pdbx_struct_oper_list.symmetry_operation 
_pdbx_struct_oper_list.matrix[1][1] 
_pdbx_struct_oper_list.matrix[1][2] 
_pdbx_struct_oper_list.matrix[1][3] 
_pdbx_struct_oper_list.vector[1] 
_pdbx_struct_oper_list.matrix[2][1] 
_pdbx_struct_oper_list.matrix[2][2] 
_pdbx_struct_oper_list.matrix[2][3] 
_pdbx_struct_oper_list.vector[2] 
_pdbx_struct_oper_list.matrix[3][1] 
_pdbx_struct_oper_list.matrix[3][2] 
_pdbx_struct_oper_list.matrix[3][3] 
_pdbx_struct_oper_list.vector[3] 
1 'identity operation'         1_555 x,y,z         1.0000000000 0.0000000000  0.0000000000 0.0000000000  0.0000000000  1.0000000000  0.0000000000  0.0000000000   0.0000000000 0.0000000000  1.0000000000  0.0000000000  
2 'crystal symmetry operation' 2_655 -y+1,x-y,z    0.7278242211 0.2845548905  0.6239394342 -7.5570017691 -0.4460169529 -0.4946918302 0.7458879747  -11.3732733054 0.5209038116 -0.8211628994 -0.2331323908 14.6054820326 
3 'crystal symmetry operation' 3_665 -x+y+1,-x+1,z 0.7278242211 -0.4460169529 0.5209038116 -7.1805550389 0.2845548905  -0.4946918302 -0.8211628994 8.5175963972   0.6239394342 0.7458879747  -0.2331323908 16.6033101436 
# 
loop_
_pdbx_struct_special_symmetry.id 
_pdbx_struct_special_symmetry.PDB_model_num 
_pdbx_struct_special_symmetry.auth_asym_id 
_pdbx_struct_special_symmetry.auth_comp_id 
_pdbx_struct_special_symmetry.auth_seq_id 
_pdbx_struct_special_symmetry.PDB_ins_code 
_pdbx_struct_special_symmetry.label_asym_id 
_pdbx_struct_special_symmetry.label_comp_id 
_pdbx_struct_special_symmetry.label_seq_id 
1 1 A TRS 501  ? D TRS . 
2 1 A TRS 502  ? E TRS . 
3 1 A HOH 1015 ? F HOH . 
# 
loop_
_pdbx_struct_conn_angle.id 
_pdbx_struct_conn_angle.ptnr1_label_atom_id 
_pdbx_struct_conn_angle.ptnr1_label_alt_id 
_pdbx_struct_conn_angle.ptnr1_label_asym_id 
_pdbx_struct_conn_angle.ptnr1_label_comp_id 
_pdbx_struct_conn_angle.ptnr1_label_seq_id 
_pdbx_struct_conn_angle.ptnr1_auth_atom_id 
_pdbx_struct_conn_angle.ptnr1_auth_asym_id 
_pdbx_struct_conn_angle.ptnr1_auth_comp_id 
_pdbx_struct_conn_angle.ptnr1_auth_seq_id 
_pdbx_struct_conn_angle.ptnr1_PDB_ins_code 
_pdbx_struct_conn_angle.ptnr1_symmetry 
_pdbx_struct_conn_angle.ptnr2_label_atom_id 
_pdbx_struct_conn_angle.ptnr2_label_alt_id 
_pdbx_struct_conn_angle.ptnr2_label_asym_id 
_pdbx_struct_conn_angle.ptnr2_label_comp_id 
_pdbx_struct_conn_angle.ptnr2_label_seq_id 
_pdbx_struct_conn_angle.ptnr2_auth_atom_id 
_pdbx_struct_conn_angle.ptnr2_auth_asym_id 
_pdbx_struct_conn_angle.ptnr2_auth_comp_id 
_pdbx_struct_conn_angle.ptnr2_auth_seq_id 
_pdbx_struct_conn_angle.ptnr2_PDB_ins_code 
_pdbx_struct_conn_angle.ptnr2_symmetry 
_pdbx_struct_conn_angle.ptnr3_label_atom_id 
_pdbx_struct_conn_angle.ptnr3_label_alt_id 
_pdbx_struct_conn_angle.ptnr3_label_asym_id 
_pdbx_struct_conn_angle.ptnr3_label_comp_id 
_pdbx_struct_conn_angle.ptnr3_label_seq_id 
_pdbx_struct_conn_angle.ptnr3_auth_atom_id 
_pdbx_struct_conn_angle.ptnr3_auth_asym_id 
_pdbx_struct_conn_angle.ptnr3_auth_comp_id 
_pdbx_struct_conn_angle.ptnr3_auth_seq_id 
_pdbx_struct_conn_angle.ptnr3_PDB_ins_code 
_pdbx_struct_conn_angle.ptnr3_symmetry 
_pdbx_struct_conn_angle.value 
_pdbx_struct_conn_angle.value_esd 
1  O1A ? C DUT . ? A DUT 777  ? 1_555 MG ? B MG . ? A MG 997 ? 1_555 O1B ? C DUT . ? A DUT 777  ? 1_555 88.8  ? 
2  O1A ? C DUT . ? A DUT 777  ? 1_555 MG ? B MG . ? A MG 997 ? 1_555 O2G ? C DUT . ? A DUT 777  ? 1_555 89.3  ? 
3  O1B ? C DUT . ? A DUT 777  ? 1_555 MG ? B MG . ? A MG 997 ? 1_555 O2G ? C DUT . ? A DUT 777  ? 1_555 79.8  ? 
4  O1A ? C DUT . ? A DUT 777  ? 1_555 MG ? B MG . ? A MG 997 ? 1_555 O   ? F HOH . ? A HOH 1010 ? 1_555 95.9  ? 
5  O1B ? C DUT . ? A DUT 777  ? 1_555 MG ? B MG . ? A MG 997 ? 1_555 O   ? F HOH . ? A HOH 1010 ? 1_555 92.6  ? 
6  O2G ? C DUT . ? A DUT 777  ? 1_555 MG ? B MG . ? A MG 997 ? 1_555 O   ? F HOH . ? A HOH 1010 ? 1_555 170.7 ? 
7  O1A ? C DUT . ? A DUT 777  ? 1_555 MG ? B MG . ? A MG 997 ? 1_555 O   ? F HOH . ? A HOH 1033 ? 1_555 91.0  ? 
8  O1B ? C DUT . ? A DUT 777  ? 1_555 MG ? B MG . ? A MG 997 ? 1_555 O   ? F HOH . ? A HOH 1033 ? 1_555 177.0 ? 
9  O2G ? C DUT . ? A DUT 777  ? 1_555 MG ? B MG . ? A MG 997 ? 1_555 O   ? F HOH . ? A HOH 1033 ? 1_555 97.1  ? 
10 O   ? F HOH . ? A HOH 1010 ? 1_555 MG ? B MG . ? A MG 997 ? 1_555 O   ? F HOH . ? A HOH 1033 ? 1_555 90.4  ? 
11 O1A ? C DUT . ? A DUT 777  ? 1_555 MG ? B MG . ? A MG 997 ? 1_555 O   ? F HOH . ? A HOH 1083 ? 1_555 176.3 ? 
12 O1B ? C DUT . ? A DUT 777  ? 1_555 MG ? B MG . ? A MG 997 ? 1_555 O   ? F HOH . ? A HOH 1083 ? 1_555 91.8  ? 
13 O2G ? C DUT . ? A DUT 777  ? 1_555 MG ? B MG . ? A MG 997 ? 1_555 O   ? F HOH . ? A HOH 1083 ? 1_555 87.2  ? 
14 O   ? F HOH . ? A HOH 1010 ? 1_555 MG ? B MG . ? A MG 997 ? 1_555 O   ? F HOH . ? A HOH 1083 ? 1_555 87.7  ? 
15 O   ? F HOH . ? A HOH 1033 ? 1_555 MG ? B MG . ? A MG 997 ? 1_555 O   ? F HOH . ? A HOH 1083 ? 1_555 88.2  ? 
# 
loop_
_pdbx_audit_revision_history.ordinal 
_pdbx_audit_revision_history.data_content_type 
_pdbx_audit_revision_history.major_revision 
_pdbx_audit_revision_history.minor_revision 
_pdbx_audit_revision_history.revision_date 
1 'Structure model' 1 0 2004-09-07 
2 'Structure model' 1 1 2008-04-30 
3 'Structure model' 1 2 2011-07-13 
4 'Structure model' 1 3 2017-10-11 
5 'Structure model' 1 4 2021-11-10 
6 'Structure model' 1 5 2023-10-25 
# 
_pdbx_audit_revision_details.ordinal             1 
_pdbx_audit_revision_details.revision_ordinal    1 
_pdbx_audit_revision_details.data_content_type   'Structure model' 
_pdbx_audit_revision_details.provider            repository 
_pdbx_audit_revision_details.type                'Initial release' 
_pdbx_audit_revision_details.description         ? 
_pdbx_audit_revision_details.details             ? 
# 
loop_
_pdbx_audit_revision_group.ordinal 
_pdbx_audit_revision_group.revision_ordinal 
_pdbx_audit_revision_group.data_content_type 
_pdbx_audit_revision_group.group 
1 2 'Structure model' 'Version format compliance' 
2 3 'Structure model' 'Derived calculations'      
3 3 'Structure model' 'Version format compliance' 
4 4 'Structure model' 'Refinement description'    
5 5 'Structure model' 'Data collection'           
6 5 'Structure model' 'Database references'       
7 5 'Structure model' 'Derived calculations'      
8 6 'Structure model' 'Data collection'           
9 6 'Structure model' 'Refinement description'    
# 
loop_
_pdbx_audit_revision_category.ordinal 
_pdbx_audit_revision_category.revision_ordinal 
_pdbx_audit_revision_category.data_content_type 
_pdbx_audit_revision_category.category 
1  4 'Structure model' software                      
2  5 'Structure model' database_2                    
3  5 'Structure model' diffrn_source                 
4  5 'Structure model' pdbx_struct_conn_angle        
5  5 'Structure model' pdbx_struct_special_symmetry  
6  5 'Structure model' struct_conn                   
7  5 'Structure model' struct_ref_seq_dif            
8  5 'Structure model' struct_site                   
9  6 'Structure model' chem_comp_atom                
10 6 'Structure model' chem_comp_bond                
11 6 'Structure model' pdbx_initial_refinement_model 
# 
loop_
_pdbx_audit_revision_item.ordinal 
_pdbx_audit_revision_item.revision_ordinal 
_pdbx_audit_revision_item.data_content_type 
_pdbx_audit_revision_item.item 
1  4 'Structure model' '_software.classification'                    
2  4 'Structure model' '_software.name'                              
3  5 'Structure model' '_database_2.pdbx_DOI'                        
4  5 'Structure model' '_database_2.pdbx_database_accession'         
5  5 'Structure model' '_diffrn_source.pdbx_synchrotron_site'        
6  5 'Structure model' '_pdbx_struct_conn_angle.ptnr1_auth_comp_id'  
7  5 'Structure model' '_pdbx_struct_conn_angle.ptnr1_auth_seq_id'   
8  5 'Structure model' '_pdbx_struct_conn_angle.ptnr1_label_asym_id' 
9  5 'Structure model' '_pdbx_struct_conn_angle.ptnr1_label_atom_id' 
10 5 'Structure model' '_pdbx_struct_conn_angle.ptnr1_label_comp_id' 
11 5 'Structure model' '_pdbx_struct_conn_angle.ptnr3_auth_comp_id'  
12 5 'Structure model' '_pdbx_struct_conn_angle.ptnr3_auth_seq_id'   
13 5 'Structure model' '_pdbx_struct_conn_angle.ptnr3_label_asym_id' 
14 5 'Structure model' '_pdbx_struct_conn_angle.ptnr3_label_atom_id' 
15 5 'Structure model' '_pdbx_struct_conn_angle.ptnr3_label_comp_id' 
16 5 'Structure model' '_pdbx_struct_conn_angle.value'               
17 5 'Structure model' '_struct_conn.pdbx_dist_value'                
18 5 'Structure model' '_struct_conn.ptnr1_auth_comp_id'             
19 5 'Structure model' '_struct_conn.ptnr1_auth_seq_id'              
20 5 'Structure model' '_struct_conn.ptnr1_label_asym_id'            
21 5 'Structure model' '_struct_conn.ptnr1_label_atom_id'            
22 5 'Structure model' '_struct_conn.ptnr1_label_comp_id'            
23 5 'Structure model' '_struct_conn.ptnr2_auth_comp_id'             
24 5 'Structure model' '_struct_conn.ptnr2_auth_seq_id'              
25 5 'Structure model' '_struct_conn.ptnr2_label_asym_id'            
26 5 'Structure model' '_struct_conn.ptnr2_label_atom_id'            
27 5 'Structure model' '_struct_conn.ptnr2_label_comp_id'            
28 5 'Structure model' '_struct_ref_seq_dif.details'                 
29 5 'Structure model' '_struct_site.pdbx_auth_asym_id'              
30 5 'Structure model' '_struct_site.pdbx_auth_comp_id'              
31 5 'Structure model' '_struct_site.pdbx_auth_seq_id'               
# 
loop_
_software.name 
_software.classification 
_software.version 
_software.citation_id 
_software.pdbx_ordinal 
REFMAC refinement        5.1.24 ? 1 
MAR345 'data collection' .      ? 2 
XDS    'data scaling'    .      ? 3 
MOLREP phasing           .      ? 4 
# 
_pdbx_validate_close_contact.id               1 
_pdbx_validate_close_contact.PDB_model_num    1 
_pdbx_validate_close_contact.auth_atom_id_1   NZ 
_pdbx_validate_close_contact.auth_asym_id_1   A 
_pdbx_validate_close_contact.auth_comp_id_1   LYS 
_pdbx_validate_close_contact.auth_seq_id_1    8 
_pdbx_validate_close_contact.PDB_ins_code_1   ? 
_pdbx_validate_close_contact.label_alt_id_1   B 
_pdbx_validate_close_contact.auth_atom_id_2   O 
_pdbx_validate_close_contact.auth_asym_id_2   A 
_pdbx_validate_close_contact.auth_comp_id_2   HOH 
_pdbx_validate_close_contact.auth_seq_id_2    1073 
_pdbx_validate_close_contact.PDB_ins_code_2   ? 
_pdbx_validate_close_contact.label_alt_id_2   ? 
_pdbx_validate_close_contact.dist             2.18 
# 
loop_
_pdbx_validate_symm_contact.id 
_pdbx_validate_symm_contact.PDB_model_num 
_pdbx_validate_symm_contact.auth_atom_id_1 
_pdbx_validate_symm_contact.auth_asym_id_1 
_pdbx_validate_symm_contact.auth_comp_id_1 
_pdbx_validate_symm_contact.auth_seq_id_1 
_pdbx_validate_symm_contact.PDB_ins_code_1 
_pdbx_validate_symm_contact.label_alt_id_1 
_pdbx_validate_symm_contact.site_symmetry_1 
_pdbx_validate_symm_contact.auth_atom_id_2 
_pdbx_validate_symm_contact.auth_asym_id_2 
_pdbx_validate_symm_contact.auth_comp_id_2 
_pdbx_validate_symm_contact.auth_seq_id_2 
_pdbx_validate_symm_contact.PDB_ins_code_2 
_pdbx_validate_symm_contact.label_alt_id_2 
_pdbx_validate_symm_contact.site_symmetry_2 
_pdbx_validate_symm_contact.dist 
1 1 C A TRS 501 ? ? 1_555 C3 A TRS 501 ? ? 3_665 2.00 
2 1 C A TRS 501 ? ? 1_555 O3 A TRS 501 ? ? 3_665 2.16 
# 
_pdbx_validate_rmsd_angle.id                         1 
_pdbx_validate_rmsd_angle.PDB_model_num              1 
_pdbx_validate_rmsd_angle.auth_atom_id_1             CB 
_pdbx_validate_rmsd_angle.auth_asym_id_1             A 
_pdbx_validate_rmsd_angle.auth_comp_id_1             ASP 
_pdbx_validate_rmsd_angle.auth_seq_id_1              32 
_pdbx_validate_rmsd_angle.PDB_ins_code_1             ? 
_pdbx_validate_rmsd_angle.label_alt_id_1             ? 
_pdbx_validate_rmsd_angle.auth_atom_id_2             CG 
_pdbx_validate_rmsd_angle.auth_asym_id_2             A 
_pdbx_validate_rmsd_angle.auth_comp_id_2             ASP 
_pdbx_validate_rmsd_angle.auth_seq_id_2              32 
_pdbx_validate_rmsd_angle.PDB_ins_code_2             ? 
_pdbx_validate_rmsd_angle.label_alt_id_2             ? 
_pdbx_validate_rmsd_angle.auth_atom_id_3             OD2 
_pdbx_validate_rmsd_angle.auth_asym_id_3             A 
_pdbx_validate_rmsd_angle.auth_comp_id_3             ASP 
_pdbx_validate_rmsd_angle.auth_seq_id_3              32 
_pdbx_validate_rmsd_angle.PDB_ins_code_3             ? 
_pdbx_validate_rmsd_angle.label_alt_id_3             ? 
_pdbx_validate_rmsd_angle.angle_value                124.50 
_pdbx_validate_rmsd_angle.angle_target_value         118.30 
_pdbx_validate_rmsd_angle.angle_deviation            6.20 
_pdbx_validate_rmsd_angle.angle_standard_deviation   0.90 
_pdbx_validate_rmsd_angle.linker_flag                N 
# 
loop_
_pdbx_validate_torsion.id 
_pdbx_validate_torsion.PDB_model_num 
_pdbx_validate_torsion.auth_comp_id 
_pdbx_validate_torsion.auth_asym_id 
_pdbx_validate_torsion.auth_seq_id 
_pdbx_validate_torsion.PDB_ins_code 
_pdbx_validate_torsion.label_alt_id 
_pdbx_validate_torsion.phi 
_pdbx_validate_torsion.psi 
1 1 LYS A 16 ? ? -124.49 -96.47 
2 1 ALA A 60 ? ? 79.56   -35.37 
3 1 LEU A 85 ? ? 73.57   -57.51 
# 
loop_
_pdbx_unobs_or_zero_occ_atoms.id 
_pdbx_unobs_or_zero_occ_atoms.PDB_model_num 
_pdbx_unobs_or_zero_occ_atoms.polymer_flag 
_pdbx_unobs_or_zero_occ_atoms.occupancy_flag 
_pdbx_unobs_or_zero_occ_atoms.auth_asym_id 
_pdbx_unobs_or_zero_occ_atoms.auth_comp_id 
_pdbx_unobs_or_zero_occ_atoms.auth_seq_id 
_pdbx_unobs_or_zero_occ_atoms.PDB_ins_code 
_pdbx_unobs_or_zero_occ_atoms.auth_atom_id 
_pdbx_unobs_or_zero_occ_atoms.label_alt_id 
_pdbx_unobs_or_zero_occ_atoms.label_asym_id 
_pdbx_unobs_or_zero_occ_atoms.label_comp_id 
_pdbx_unobs_or_zero_occ_atoms.label_seq_id 
_pdbx_unobs_or_zero_occ_atoms.label_atom_id 
1 1 N 1 A TRS 501 ? C1 ? D TRS 1 C1 
2 1 N 1 A TRS 501 ? C2 ? D TRS 1 C2 
3 1 N 1 A TRS 501 ? O1 ? D TRS 1 O1 
4 1 N 1 A TRS 501 ? O2 ? D TRS 1 O2 
5 1 N 1 A TRS 502 ? C1 ? E TRS 1 C1 
6 1 N 1 A TRS 502 ? C3 ? E TRS 1 C3 
7 1 N 1 A TRS 502 ? O1 ? E TRS 1 O1 
8 1 N 1 A TRS 502 ? O3 ? E TRS 1 O3 
# 
loop_
_pdbx_unobs_or_zero_occ_residues.id 
_pdbx_unobs_or_zero_occ_residues.PDB_model_num 
_pdbx_unobs_or_zero_occ_residues.polymer_flag 
_pdbx_unobs_or_zero_occ_residues.occupancy_flag 
_pdbx_unobs_or_zero_occ_residues.auth_asym_id 
_pdbx_unobs_or_zero_occ_residues.auth_comp_id 
_pdbx_unobs_or_zero_occ_residues.auth_seq_id 
_pdbx_unobs_or_zero_occ_residues.PDB_ins_code 
_pdbx_unobs_or_zero_occ_residues.label_asym_id 
_pdbx_unobs_or_zero_occ_residues.label_comp_id 
_pdbx_unobs_or_zero_occ_residues.label_seq_id 
1  1 Y 1 A ALA 138 ? A ALA 138 
2  1 Y 1 A THR 139 ? A THR 139 
3  1 Y 1 A ASP 140 ? A ASP 140 
4  1 Y 1 A ARG 141 ? A ARG 141 
5  1 Y 1 A GLY 142 ? A GLY 142 
6  1 Y 1 A GLU 143 ? A GLU 143 
7  1 Y 1 A GLY 144 ? A GLY 144 
8  1 Y 1 A GLY 145 ? A GLY 145 
9  1 Y 1 A PHE 146 ? A PHE 146 
10 1 Y 1 A GLY 147 ? A GLY 147 
11 1 Y 1 A HIS 148 ? A HIS 148 
12 1 Y 1 A SER 149 ? A SER 149 
13 1 Y 1 A GLY 150 ? A GLY 150 
14 1 Y 1 A ARG 151 ? A ARG 151 
15 1 Y 1 A GLN 152 ? A GLN 152 
# 
loop_
_chem_comp_atom.comp_id 
_chem_comp_atom.atom_id 
_chem_comp_atom.type_symbol 
_chem_comp_atom.pdbx_aromatic_flag 
_chem_comp_atom.pdbx_stereo_config 
_chem_comp_atom.pdbx_ordinal 
ALA N      N  N N 1   
ALA CA     C  N S 2   
ALA C      C  N N 3   
ALA O      O  N N 4   
ALA CB     C  N N 5   
ALA OXT    O  N N 6   
ALA H      H  N N 7   
ALA H2     H  N N 8   
ALA HA     H  N N 9   
ALA HB1    H  N N 10  
ALA HB2    H  N N 11  
ALA HB3    H  N N 12  
ALA HXT    H  N N 13  
ARG N      N  N N 14  
ARG CA     C  N S 15  
ARG C      C  N N 16  
ARG O      O  N N 17  
ARG CB     C  N N 18  
ARG CG     C  N N 19  
ARG CD     C  N N 20  
ARG NE     N  N N 21  
ARG CZ     C  N N 22  
ARG NH1    N  N N 23  
ARG NH2    N  N N 24  
ARG OXT    O  N N 25  
ARG H      H  N N 26  
ARG H2     H  N N 27  
ARG HA     H  N N 28  
ARG HB2    H  N N 29  
ARG HB3    H  N N 30  
ARG HG2    H  N N 31  
ARG HG3    H  N N 32  
ARG HD2    H  N N 33  
ARG HD3    H  N N 34  
ARG HE     H  N N 35  
ARG HH11   H  N N 36  
ARG HH12   H  N N 37  
ARG HH21   H  N N 38  
ARG HH22   H  N N 39  
ARG HXT    H  N N 40  
ASN N      N  N N 41  
ASN CA     C  N S 42  
ASN C      C  N N 43  
ASN O      O  N N 44  
ASN CB     C  N N 45  
ASN CG     C  N N 46  
ASN OD1    O  N N 47  
ASN ND2    N  N N 48  
ASN OXT    O  N N 49  
ASN H      H  N N 50  
ASN H2     H  N N 51  
ASN HA     H  N N 52  
ASN HB2    H  N N 53  
ASN HB3    H  N N 54  
ASN HD21   H  N N 55  
ASN HD22   H  N N 56  
ASN HXT    H  N N 57  
ASP N      N  N N 58  
ASP CA     C  N S 59  
ASP C      C  N N 60  
ASP O      O  N N 61  
ASP CB     C  N N 62  
ASP CG     C  N N 63  
ASP OD1    O  N N 64  
ASP OD2    O  N N 65  
ASP OXT    O  N N 66  
ASP H      H  N N 67  
ASP H2     H  N N 68  
ASP HA     H  N N 69  
ASP HB2    H  N N 70  
ASP HB3    H  N N 71  
ASP HD2    H  N N 72  
ASP HXT    H  N N 73  
CYS N      N  N N 74  
CYS CA     C  N R 75  
CYS C      C  N N 76  
CYS O      O  N N 77  
CYS CB     C  N N 78  
CYS SG     S  N N 79  
CYS OXT    O  N N 80  
CYS H      H  N N 81  
CYS H2     H  N N 82  
CYS HA     H  N N 83  
CYS HB2    H  N N 84  
CYS HB3    H  N N 85  
CYS HG     H  N N 86  
CYS HXT    H  N N 87  
DUT N1     N  N N 88  
DUT C2     C  N N 89  
DUT N3     N  N N 90  
DUT C4     C  N N 91  
DUT C5     C  N N 92  
DUT C6     C  N N 93  
DUT O2     O  N N 94  
DUT O4     O  N N 95  
DUT "C1'"  C  N R 96  
DUT "C2'"  C  N N 97  
DUT "C3'"  C  N S 98  
DUT "C4'"  C  N R 99  
DUT "O4'"  O  N N 100 
DUT "O3'"  O  N N 101 
DUT "C5'"  C  N N 102 
DUT "O5'"  O  N N 103 
DUT PA     P  N R 104 
DUT O1A    O  N N 105 
DUT O2A    O  N N 106 
DUT O3A    O  N N 107 
DUT PB     P  N R 108 
DUT O1B    O  N N 109 
DUT O2B    O  N N 110 
DUT O3B    O  N N 111 
DUT PG     P  N N 112 
DUT O1G    O  N N 113 
DUT O2G    O  N N 114 
DUT O3G    O  N N 115 
DUT HN3    H  N N 116 
DUT H5     H  N N 117 
DUT H6     H  N N 118 
DUT "H1'"  H  N N 119 
DUT "H2'1" H  N N 120 
DUT "H2'2" H  N N 121 
DUT "H3'"  H  N N 122 
DUT "H4'"  H  N N 123 
DUT "HO3'" H  N N 124 
DUT "H5'1" H  N N 125 
DUT "H5'2" H  N N 126 
DUT HOA2   H  N N 127 
DUT HOB2   H  N N 128 
DUT HOG2   H  N N 129 
DUT HOG3   H  N N 130 
GLN N      N  N N 131 
GLN CA     C  N S 132 
GLN C      C  N N 133 
GLN O      O  N N 134 
GLN CB     C  N N 135 
GLN CG     C  N N 136 
GLN CD     C  N N 137 
GLN OE1    O  N N 138 
GLN NE2    N  N N 139 
GLN OXT    O  N N 140 
GLN H      H  N N 141 
GLN H2     H  N N 142 
GLN HA     H  N N 143 
GLN HB2    H  N N 144 
GLN HB3    H  N N 145 
GLN HG2    H  N N 146 
GLN HG3    H  N N 147 
GLN HE21   H  N N 148 
GLN HE22   H  N N 149 
GLN HXT    H  N N 150 
GLU N      N  N N 151 
GLU CA     C  N S 152 
GLU C      C  N N 153 
GLU O      O  N N 154 
GLU CB     C  N N 155 
GLU CG     C  N N 156 
GLU CD     C  N N 157 
GLU OE1    O  N N 158 
GLU OE2    O  N N 159 
GLU OXT    O  N N 160 
GLU H      H  N N 161 
GLU H2     H  N N 162 
GLU HA     H  N N 163 
GLU HB2    H  N N 164 
GLU HB3    H  N N 165 
GLU HG2    H  N N 166 
GLU HG3    H  N N 167 
GLU HE2    H  N N 168 
GLU HXT    H  N N 169 
GLY N      N  N N 170 
GLY CA     C  N N 171 
GLY C      C  N N 172 
GLY O      O  N N 173 
GLY OXT    O  N N 174 
GLY H      H  N N 175 
GLY H2     H  N N 176 
GLY HA2    H  N N 177 
GLY HA3    H  N N 178 
GLY HXT    H  N N 179 
HIS N      N  N N 180 
HIS CA     C  N S 181 
HIS C      C  N N 182 
HIS O      O  N N 183 
HIS CB     C  N N 184 
HIS CG     C  Y N 185 
HIS ND1    N  Y N 186 
HIS CD2    C  Y N 187 
HIS CE1    C  Y N 188 
HIS NE2    N  Y N 189 
HIS OXT    O  N N 190 
HIS H      H  N N 191 
HIS H2     H  N N 192 
HIS HA     H  N N 193 
HIS HB2    H  N N 194 
HIS HB3    H  N N 195 
HIS HD1    H  N N 196 
HIS HD2    H  N N 197 
HIS HE1    H  N N 198 
HIS HE2    H  N N 199 
HIS HXT    H  N N 200 
HOH O      O  N N 201 
HOH H1     H  N N 202 
HOH H2     H  N N 203 
ILE N      N  N N 204 
ILE CA     C  N S 205 
ILE C      C  N N 206 
ILE O      O  N N 207 
ILE CB     C  N S 208 
ILE CG1    C  N N 209 
ILE CG2    C  N N 210 
ILE CD1    C  N N 211 
ILE OXT    O  N N 212 
ILE H      H  N N 213 
ILE H2     H  N N 214 
ILE HA     H  N N 215 
ILE HB     H  N N 216 
ILE HG12   H  N N 217 
ILE HG13   H  N N 218 
ILE HG21   H  N N 219 
ILE HG22   H  N N 220 
ILE HG23   H  N N 221 
ILE HD11   H  N N 222 
ILE HD12   H  N N 223 
ILE HD13   H  N N 224 
ILE HXT    H  N N 225 
LEU N      N  N N 226 
LEU CA     C  N S 227 
LEU C      C  N N 228 
LEU O      O  N N 229 
LEU CB     C  N N 230 
LEU CG     C  N N 231 
LEU CD1    C  N N 232 
LEU CD2    C  N N 233 
LEU OXT    O  N N 234 
LEU H      H  N N 235 
LEU H2     H  N N 236 
LEU HA     H  N N 237 
LEU HB2    H  N N 238 
LEU HB3    H  N N 239 
LEU HG     H  N N 240 
LEU HD11   H  N N 241 
LEU HD12   H  N N 242 
LEU HD13   H  N N 243 
LEU HD21   H  N N 244 
LEU HD22   H  N N 245 
LEU HD23   H  N N 246 
LEU HXT    H  N N 247 
LYS N      N  N N 248 
LYS CA     C  N S 249 
LYS C      C  N N 250 
LYS O      O  N N 251 
LYS CB     C  N N 252 
LYS CG     C  N N 253 
LYS CD     C  N N 254 
LYS CE     C  N N 255 
LYS NZ     N  N N 256 
LYS OXT    O  N N 257 
LYS H      H  N N 258 
LYS H2     H  N N 259 
LYS HA     H  N N 260 
LYS HB2    H  N N 261 
LYS HB3    H  N N 262 
LYS HG2    H  N N 263 
LYS HG3    H  N N 264 
LYS HD2    H  N N 265 
LYS HD3    H  N N 266 
LYS HE2    H  N N 267 
LYS HE3    H  N N 268 
LYS HZ1    H  N N 269 
LYS HZ2    H  N N 270 
LYS HZ3    H  N N 271 
LYS HXT    H  N N 272 
MET N      N  N N 273 
MET CA     C  N S 274 
MET C      C  N N 275 
MET O      O  N N 276 
MET CB     C  N N 277 
MET CG     C  N N 278 
MET SD     S  N N 279 
MET CE     C  N N 280 
MET OXT    O  N N 281 
MET H      H  N N 282 
MET H2     H  N N 283 
MET HA     H  N N 284 
MET HB2    H  N N 285 
MET HB3    H  N N 286 
MET HG2    H  N N 287 
MET HG3    H  N N 288 
MET HE1    H  N N 289 
MET HE2    H  N N 290 
MET HE3    H  N N 291 
MET HXT    H  N N 292 
MG  MG     MG N N 293 
PHE N      N  N N 294 
PHE CA     C  N S 295 
PHE C      C  N N 296 
PHE O      O  N N 297 
PHE CB     C  N N 298 
PHE CG     C  Y N 299 
PHE CD1    C  Y N 300 
PHE CD2    C  Y N 301 
PHE CE1    C  Y N 302 
PHE CE2    C  Y N 303 
PHE CZ     C  Y N 304 
PHE OXT    O  N N 305 
PHE H      H  N N 306 
PHE H2     H  N N 307 
PHE HA     H  N N 308 
PHE HB2    H  N N 309 
PHE HB3    H  N N 310 
PHE HD1    H  N N 311 
PHE HD2    H  N N 312 
PHE HE1    H  N N 313 
PHE HE2    H  N N 314 
PHE HZ     H  N N 315 
PHE HXT    H  N N 316 
PRO N      N  N N 317 
PRO CA     C  N S 318 
PRO C      C  N N 319 
PRO O      O  N N 320 
PRO CB     C  N N 321 
PRO CG     C  N N 322 
PRO CD     C  N N 323 
PRO OXT    O  N N 324 
PRO H      H  N N 325 
PRO HA     H  N N 326 
PRO HB2    H  N N 327 
PRO HB3    H  N N 328 
PRO HG2    H  N N 329 
PRO HG3    H  N N 330 
PRO HD2    H  N N 331 
PRO HD3    H  N N 332 
PRO HXT    H  N N 333 
SER N      N  N N 334 
SER CA     C  N S 335 
SER C      C  N N 336 
SER O      O  N N 337 
SER CB     C  N N 338 
SER OG     O  N N 339 
SER OXT    O  N N 340 
SER H      H  N N 341 
SER H2     H  N N 342 
SER HA     H  N N 343 
SER HB2    H  N N 344 
SER HB3    H  N N 345 
SER HG     H  N N 346 
SER HXT    H  N N 347 
THR N      N  N N 348 
THR CA     C  N S 349 
THR C      C  N N 350 
THR O      O  N N 351 
THR CB     C  N R 352 
THR OG1    O  N N 353 
THR CG2    C  N N 354 
THR OXT    O  N N 355 
THR H      H  N N 356 
THR H2     H  N N 357 
THR HA     H  N N 358 
THR HB     H  N N 359 
THR HG1    H  N N 360 
THR HG21   H  N N 361 
THR HG22   H  N N 362 
THR HG23   H  N N 363 
THR HXT    H  N N 364 
TRP N      N  N N 365 
TRP CA     C  N S 366 
TRP C      C  N N 367 
TRP O      O  N N 368 
TRP CB     C  N N 369 
TRP CG     C  Y N 370 
TRP CD1    C  Y N 371 
TRP CD2    C  Y N 372 
TRP NE1    N  Y N 373 
TRP CE2    C  Y N 374 
TRP CE3    C  Y N 375 
TRP CZ2    C  Y N 376 
TRP CZ3    C  Y N 377 
TRP CH2    C  Y N 378 
TRP OXT    O  N N 379 
TRP H      H  N N 380 
TRP H2     H  N N 381 
TRP HA     H  N N 382 
TRP HB2    H  N N 383 
TRP HB3    H  N N 384 
TRP HD1    H  N N 385 
TRP HE1    H  N N 386 
TRP HE3    H  N N 387 
TRP HZ2    H  N N 388 
TRP HZ3    H  N N 389 
TRP HH2    H  N N 390 
TRP HXT    H  N N 391 
TRS C      C  N N 392 
TRS C1     C  N N 393 
TRS C2     C  N N 394 
TRS C3     C  N N 395 
TRS N      N  N N 396 
TRS O1     O  N N 397 
TRS O2     O  N N 398 
TRS O3     O  N N 399 
TRS H11    H  N N 400 
TRS H12    H  N N 401 
TRS H21    H  N N 402 
TRS H22    H  N N 403 
TRS H31    H  N N 404 
TRS H32    H  N N 405 
TRS HN1    H  N N 406 
TRS HN2    H  N N 407 
TRS HN3    H  N N 408 
TRS HO1    H  N N 409 
TRS HO2    H  N N 410 
TRS HO3    H  N N 411 
TYR N      N  N N 412 
TYR CA     C  N S 413 
TYR C      C  N N 414 
TYR O      O  N N 415 
TYR CB     C  N N 416 
TYR CG     C  Y N 417 
TYR CD1    C  Y N 418 
TYR CD2    C  Y N 419 
TYR CE1    C  Y N 420 
TYR CE2    C  Y N 421 
TYR CZ     C  Y N 422 
TYR OH     O  N N 423 
TYR OXT    O  N N 424 
TYR H      H  N N 425 
TYR H2     H  N N 426 
TYR HA     H  N N 427 
TYR HB2    H  N N 428 
TYR HB3    H  N N 429 
TYR HD1    H  N N 430 
TYR HD2    H  N N 431 
TYR HE1    H  N N 432 
TYR HE2    H  N N 433 
TYR HH     H  N N 434 
TYR HXT    H  N N 435 
VAL N      N  N N 436 
VAL CA     C  N S 437 
VAL C      C  N N 438 
VAL O      O  N N 439 
VAL CB     C  N N 440 
VAL CG1    C  N N 441 
VAL CG2    C  N N 442 
VAL OXT    O  N N 443 
VAL H      H  N N 444 
VAL H2     H  N N 445 
VAL HA     H  N N 446 
VAL HB     H  N N 447 
VAL HG11   H  N N 448 
VAL HG12   H  N N 449 
VAL HG13   H  N N 450 
VAL HG21   H  N N 451 
VAL HG22   H  N N 452 
VAL HG23   H  N N 453 
VAL HXT    H  N N 454 
# 
loop_
_chem_comp_bond.comp_id 
_chem_comp_bond.atom_id_1 
_chem_comp_bond.atom_id_2 
_chem_comp_bond.value_order 
_chem_comp_bond.pdbx_aromatic_flag 
_chem_comp_bond.pdbx_stereo_config 
_chem_comp_bond.pdbx_ordinal 
ALA N     CA     sing N N 1   
ALA N     H      sing N N 2   
ALA N     H2     sing N N 3   
ALA CA    C      sing N N 4   
ALA CA    CB     sing N N 5   
ALA CA    HA     sing N N 6   
ALA C     O      doub N N 7   
ALA C     OXT    sing N N 8   
ALA CB    HB1    sing N N 9   
ALA CB    HB2    sing N N 10  
ALA CB    HB3    sing N N 11  
ALA OXT   HXT    sing N N 12  
ARG N     CA     sing N N 13  
ARG N     H      sing N N 14  
ARG N     H2     sing N N 15  
ARG CA    C      sing N N 16  
ARG CA    CB     sing N N 17  
ARG CA    HA     sing N N 18  
ARG C     O      doub N N 19  
ARG C     OXT    sing N N 20  
ARG CB    CG     sing N N 21  
ARG CB    HB2    sing N N 22  
ARG CB    HB3    sing N N 23  
ARG CG    CD     sing N N 24  
ARG CG    HG2    sing N N 25  
ARG CG    HG3    sing N N 26  
ARG CD    NE     sing N N 27  
ARG CD    HD2    sing N N 28  
ARG CD    HD3    sing N N 29  
ARG NE    CZ     sing N N 30  
ARG NE    HE     sing N N 31  
ARG CZ    NH1    sing N N 32  
ARG CZ    NH2    doub N N 33  
ARG NH1   HH11   sing N N 34  
ARG NH1   HH12   sing N N 35  
ARG NH2   HH21   sing N N 36  
ARG NH2   HH22   sing N N 37  
ARG OXT   HXT    sing N N 38  
ASN N     CA     sing N N 39  
ASN N     H      sing N N 40  
ASN N     H2     sing N N 41  
ASN CA    C      sing N N 42  
ASN CA    CB     sing N N 43  
ASN CA    HA     sing N N 44  
ASN C     O      doub N N 45  
ASN C     OXT    sing N N 46  
ASN CB    CG     sing N N 47  
ASN CB    HB2    sing N N 48  
ASN CB    HB3    sing N N 49  
ASN CG    OD1    doub N N 50  
ASN CG    ND2    sing N N 51  
ASN ND2   HD21   sing N N 52  
ASN ND2   HD22   sing N N 53  
ASN OXT   HXT    sing N N 54  
ASP N     CA     sing N N 55  
ASP N     H      sing N N 56  
ASP N     H2     sing N N 57  
ASP CA    C      sing N N 58  
ASP CA    CB     sing N N 59  
ASP CA    HA     sing N N 60  
ASP C     O      doub N N 61  
ASP C     OXT    sing N N 62  
ASP CB    CG     sing N N 63  
ASP CB    HB2    sing N N 64  
ASP CB    HB3    sing N N 65  
ASP CG    OD1    doub N N 66  
ASP CG    OD2    sing N N 67  
ASP OD2   HD2    sing N N 68  
ASP OXT   HXT    sing N N 69  
CYS N     CA     sing N N 70  
CYS N     H      sing N N 71  
CYS N     H2     sing N N 72  
CYS CA    C      sing N N 73  
CYS CA    CB     sing N N 74  
CYS CA    HA     sing N N 75  
CYS C     O      doub N N 76  
CYS C     OXT    sing N N 77  
CYS CB    SG     sing N N 78  
CYS CB    HB2    sing N N 79  
CYS CB    HB3    sing N N 80  
CYS SG    HG     sing N N 81  
CYS OXT   HXT    sing N N 82  
DUT N1    C2     sing N N 83  
DUT N1    C6     sing N N 84  
DUT N1    "C1'"  sing N N 85  
DUT C2    N3     sing N N 86  
DUT C2    O2     doub N N 87  
DUT N3    C4     sing N N 88  
DUT N3    HN3    sing N N 89  
DUT C4    C5     sing N N 90  
DUT C4    O4     doub N N 91  
DUT C5    C6     doub N N 92  
DUT C5    H5     sing N N 93  
DUT C6    H6     sing N N 94  
DUT "C1'" "C2'"  sing N N 95  
DUT "C1'" "O4'"  sing N N 96  
DUT "C1'" "H1'"  sing N N 97  
DUT "C2'" "C3'"  sing N N 98  
DUT "C2'" "H2'1" sing N N 99  
DUT "C2'" "H2'2" sing N N 100 
DUT "C3'" "C4'"  sing N N 101 
DUT "C3'" "O3'"  sing N N 102 
DUT "C3'" "H3'"  sing N N 103 
DUT "C4'" "O4'"  sing N N 104 
DUT "C4'" "C5'"  sing N N 105 
DUT "C4'" "H4'"  sing N N 106 
DUT "O3'" "HO3'" sing N N 107 
DUT "C5'" "O5'"  sing N N 108 
DUT "C5'" "H5'1" sing N N 109 
DUT "C5'" "H5'2" sing N N 110 
DUT "O5'" PA     sing N N 111 
DUT PA    O1A    doub N N 112 
DUT PA    O2A    sing N N 113 
DUT PA    O3A    sing N N 114 
DUT O2A   HOA2   sing N N 115 
DUT O3A   PB     sing N N 116 
DUT PB    O1B    doub N N 117 
DUT PB    O2B    sing N N 118 
DUT PB    O3B    sing N N 119 
DUT O2B   HOB2   sing N N 120 
DUT O3B   PG     sing N N 121 
DUT PG    O1G    doub N N 122 
DUT PG    O2G    sing N N 123 
DUT PG    O3G    sing N N 124 
DUT O2G   HOG2   sing N N 125 
DUT O3G   HOG3   sing N N 126 
GLN N     CA     sing N N 127 
GLN N     H      sing N N 128 
GLN N     H2     sing N N 129 
GLN CA    C      sing N N 130 
GLN CA    CB     sing N N 131 
GLN CA    HA     sing N N 132 
GLN C     O      doub N N 133 
GLN C     OXT    sing N N 134 
GLN CB    CG     sing N N 135 
GLN CB    HB2    sing N N 136 
GLN CB    HB3    sing N N 137 
GLN CG    CD     sing N N 138 
GLN CG    HG2    sing N N 139 
GLN CG    HG3    sing N N 140 
GLN CD    OE1    doub N N 141 
GLN CD    NE2    sing N N 142 
GLN NE2   HE21   sing N N 143 
GLN NE2   HE22   sing N N 144 
GLN OXT   HXT    sing N N 145 
GLU N     CA     sing N N 146 
GLU N     H      sing N N 147 
GLU N     H2     sing N N 148 
GLU CA    C      sing N N 149 
GLU CA    CB     sing N N 150 
GLU CA    HA     sing N N 151 
GLU C     O      doub N N 152 
GLU C     OXT    sing N N 153 
GLU CB    CG     sing N N 154 
GLU CB    HB2    sing N N 155 
GLU CB    HB3    sing N N 156 
GLU CG    CD     sing N N 157 
GLU CG    HG2    sing N N 158 
GLU CG    HG3    sing N N 159 
GLU CD    OE1    doub N N 160 
GLU CD    OE2    sing N N 161 
GLU OE2   HE2    sing N N 162 
GLU OXT   HXT    sing N N 163 
GLY N     CA     sing N N 164 
GLY N     H      sing N N 165 
GLY N     H2     sing N N 166 
GLY CA    C      sing N N 167 
GLY CA    HA2    sing N N 168 
GLY CA    HA3    sing N N 169 
GLY C     O      doub N N 170 
GLY C     OXT    sing N N 171 
GLY OXT   HXT    sing N N 172 
HIS N     CA     sing N N 173 
HIS N     H      sing N N 174 
HIS N     H2     sing N N 175 
HIS CA    C      sing N N 176 
HIS CA    CB     sing N N 177 
HIS CA    HA     sing N N 178 
HIS C     O      doub N N 179 
HIS C     OXT    sing N N 180 
HIS CB    CG     sing N N 181 
HIS CB    HB2    sing N N 182 
HIS CB    HB3    sing N N 183 
HIS CG    ND1    sing Y N 184 
HIS CG    CD2    doub Y N 185 
HIS ND1   CE1    doub Y N 186 
HIS ND1   HD1    sing N N 187 
HIS CD2   NE2    sing Y N 188 
HIS CD2   HD2    sing N N 189 
HIS CE1   NE2    sing Y N 190 
HIS CE1   HE1    sing N N 191 
HIS NE2   HE2    sing N N 192 
HIS OXT   HXT    sing N N 193 
HOH O     H1     sing N N 194 
HOH O     H2     sing N N 195 
ILE N     CA     sing N N 196 
ILE N     H      sing N N 197 
ILE N     H2     sing N N 198 
ILE CA    C      sing N N 199 
ILE CA    CB     sing N N 200 
ILE CA    HA     sing N N 201 
ILE C     O      doub N N 202 
ILE C     OXT    sing N N 203 
ILE CB    CG1    sing N N 204 
ILE CB    CG2    sing N N 205 
ILE CB    HB     sing N N 206 
ILE CG1   CD1    sing N N 207 
ILE CG1   HG12   sing N N 208 
ILE CG1   HG13   sing N N 209 
ILE CG2   HG21   sing N N 210 
ILE CG2   HG22   sing N N 211 
ILE CG2   HG23   sing N N 212 
ILE CD1   HD11   sing N N 213 
ILE CD1   HD12   sing N N 214 
ILE CD1   HD13   sing N N 215 
ILE OXT   HXT    sing N N 216 
LEU N     CA     sing N N 217 
LEU N     H      sing N N 218 
LEU N     H2     sing N N 219 
LEU CA    C      sing N N 220 
LEU CA    CB     sing N N 221 
LEU CA    HA     sing N N 222 
LEU C     O      doub N N 223 
LEU C     OXT    sing N N 224 
LEU CB    CG     sing N N 225 
LEU CB    HB2    sing N N 226 
LEU CB    HB3    sing N N 227 
LEU CG    CD1    sing N N 228 
LEU CG    CD2    sing N N 229 
LEU CG    HG     sing N N 230 
LEU CD1   HD11   sing N N 231 
LEU CD1   HD12   sing N N 232 
LEU CD1   HD13   sing N N 233 
LEU CD2   HD21   sing N N 234 
LEU CD2   HD22   sing N N 235 
LEU CD2   HD23   sing N N 236 
LEU OXT   HXT    sing N N 237 
LYS N     CA     sing N N 238 
LYS N     H      sing N N 239 
LYS N     H2     sing N N 240 
LYS CA    C      sing N N 241 
LYS CA    CB     sing N N 242 
LYS CA    HA     sing N N 243 
LYS C     O      doub N N 244 
LYS C     OXT    sing N N 245 
LYS CB    CG     sing N N 246 
LYS CB    HB2    sing N N 247 
LYS CB    HB3    sing N N 248 
LYS CG    CD     sing N N 249 
LYS CG    HG2    sing N N 250 
LYS CG    HG3    sing N N 251 
LYS CD    CE     sing N N 252 
LYS CD    HD2    sing N N 253 
LYS CD    HD3    sing N N 254 
LYS CE    NZ     sing N N 255 
LYS CE    HE2    sing N N 256 
LYS CE    HE3    sing N N 257 
LYS NZ    HZ1    sing N N 258 
LYS NZ    HZ2    sing N N 259 
LYS NZ    HZ3    sing N N 260 
LYS OXT   HXT    sing N N 261 
MET N     CA     sing N N 262 
MET N     H      sing N N 263 
MET N     H2     sing N N 264 
MET CA    C      sing N N 265 
MET CA    CB     sing N N 266 
MET CA    HA     sing N N 267 
MET C     O      doub N N 268 
MET C     OXT    sing N N 269 
MET CB    CG     sing N N 270 
MET CB    HB2    sing N N 271 
MET CB    HB3    sing N N 272 
MET CG    SD     sing N N 273 
MET CG    HG2    sing N N 274 
MET CG    HG3    sing N N 275 
MET SD    CE     sing N N 276 
MET CE    HE1    sing N N 277 
MET CE    HE2    sing N N 278 
MET CE    HE3    sing N N 279 
MET OXT   HXT    sing N N 280 
PHE N     CA     sing N N 281 
PHE N     H      sing N N 282 
PHE N     H2     sing N N 283 
PHE CA    C      sing N N 284 
PHE CA    CB     sing N N 285 
PHE CA    HA     sing N N 286 
PHE C     O      doub N N 287 
PHE C     OXT    sing N N 288 
PHE CB    CG     sing N N 289 
PHE CB    HB2    sing N N 290 
PHE CB    HB3    sing N N 291 
PHE CG    CD1    doub Y N 292 
PHE CG    CD2    sing Y N 293 
PHE CD1   CE1    sing Y N 294 
PHE CD1   HD1    sing N N 295 
PHE CD2   CE2    doub Y N 296 
PHE CD2   HD2    sing N N 297 
PHE CE1   CZ     doub Y N 298 
PHE CE1   HE1    sing N N 299 
PHE CE2   CZ     sing Y N 300 
PHE CE2   HE2    sing N N 301 
PHE CZ    HZ     sing N N 302 
PHE OXT   HXT    sing N N 303 
PRO N     CA     sing N N 304 
PRO N     CD     sing N N 305 
PRO N     H      sing N N 306 
PRO CA    C      sing N N 307 
PRO CA    CB     sing N N 308 
PRO CA    HA     sing N N 309 
PRO C     O      doub N N 310 
PRO C     OXT    sing N N 311 
PRO CB    CG     sing N N 312 
PRO CB    HB2    sing N N 313 
PRO CB    HB3    sing N N 314 
PRO CG    CD     sing N N 315 
PRO CG    HG2    sing N N 316 
PRO CG    HG3    sing N N 317 
PRO CD    HD2    sing N N 318 
PRO CD    HD3    sing N N 319 
PRO OXT   HXT    sing N N 320 
SER N     CA     sing N N 321 
SER N     H      sing N N 322 
SER N     H2     sing N N 323 
SER CA    C      sing N N 324 
SER CA    CB     sing N N 325 
SER CA    HA     sing N N 326 
SER C     O      doub N N 327 
SER C     OXT    sing N N 328 
SER CB    OG     sing N N 329 
SER CB    HB2    sing N N 330 
SER CB    HB3    sing N N 331 
SER OG    HG     sing N N 332 
SER OXT   HXT    sing N N 333 
THR N     CA     sing N N 334 
THR N     H      sing N N 335 
THR N     H2     sing N N 336 
THR CA    C      sing N N 337 
THR CA    CB     sing N N 338 
THR CA    HA     sing N N 339 
THR C     O      doub N N 340 
THR C     OXT    sing N N 341 
THR CB    OG1    sing N N 342 
THR CB    CG2    sing N N 343 
THR CB    HB     sing N N 344 
THR OG1   HG1    sing N N 345 
THR CG2   HG21   sing N N 346 
THR CG2   HG22   sing N N 347 
THR CG2   HG23   sing N N 348 
THR OXT   HXT    sing N N 349 
TRP N     CA     sing N N 350 
TRP N     H      sing N N 351 
TRP N     H2     sing N N 352 
TRP CA    C      sing N N 353 
TRP CA    CB     sing N N 354 
TRP CA    HA     sing N N 355 
TRP C     O      doub N N 356 
TRP C     OXT    sing N N 357 
TRP CB    CG     sing N N 358 
TRP CB    HB2    sing N N 359 
TRP CB    HB3    sing N N 360 
TRP CG    CD1    doub Y N 361 
TRP CG    CD2    sing Y N 362 
TRP CD1   NE1    sing Y N 363 
TRP CD1   HD1    sing N N 364 
TRP CD2   CE2    doub Y N 365 
TRP CD2   CE3    sing Y N 366 
TRP NE1   CE2    sing Y N 367 
TRP NE1   HE1    sing N N 368 
TRP CE2   CZ2    sing Y N 369 
TRP CE3   CZ3    doub Y N 370 
TRP CE3   HE3    sing N N 371 
TRP CZ2   CH2    doub Y N 372 
TRP CZ2   HZ2    sing N N 373 
TRP CZ3   CH2    sing Y N 374 
TRP CZ3   HZ3    sing N N 375 
TRP CH2   HH2    sing N N 376 
TRP OXT   HXT    sing N N 377 
TRS C     C1     sing N N 378 
TRS C     C2     sing N N 379 
TRS C     C3     sing N N 380 
TRS C     N      sing N N 381 
TRS C1    O1     sing N N 382 
TRS C1    H11    sing N N 383 
TRS C1    H12    sing N N 384 
TRS C2    O2     sing N N 385 
TRS C2    H21    sing N N 386 
TRS C2    H22    sing N N 387 
TRS C3    O3     sing N N 388 
TRS C3    H31    sing N N 389 
TRS C3    H32    sing N N 390 
TRS N     HN1    sing N N 391 
TRS N     HN2    sing N N 392 
TRS N     HN3    sing N N 393 
TRS O1    HO1    sing N N 394 
TRS O2    HO2    sing N N 395 
TRS O3    HO3    sing N N 396 
TYR N     CA     sing N N 397 
TYR N     H      sing N N 398 
TYR N     H2     sing N N 399 
TYR CA    C      sing N N 400 
TYR CA    CB     sing N N 401 
TYR CA    HA     sing N N 402 
TYR C     O      doub N N 403 
TYR C     OXT    sing N N 404 
TYR CB    CG     sing N N 405 
TYR CB    HB2    sing N N 406 
TYR CB    HB3    sing N N 407 
TYR CG    CD1    doub Y N 408 
TYR CG    CD2    sing Y N 409 
TYR CD1   CE1    sing Y N 410 
TYR CD1   HD1    sing N N 411 
TYR CD2   CE2    doub Y N 412 
TYR CD2   HD2    sing N N 413 
TYR CE1   CZ     doub Y N 414 
TYR CE1   HE1    sing N N 415 
TYR CE2   CZ     sing Y N 416 
TYR CE2   HE2    sing N N 417 
TYR CZ    OH     sing N N 418 
TYR OH    HH     sing N N 419 
TYR OXT   HXT    sing N N 420 
VAL N     CA     sing N N 421 
VAL N     H      sing N N 422 
VAL N     H2     sing N N 423 
VAL CA    C      sing N N 424 
VAL CA    CB     sing N N 425 
VAL CA    HA     sing N N 426 
VAL C     O      doub N N 427 
VAL C     OXT    sing N N 428 
VAL CB    CG1    sing N N 429 
VAL CB    CG2    sing N N 430 
VAL CB    HB     sing N N 431 
VAL CG1   HG11   sing N N 432 
VAL CG1   HG12   sing N N 433 
VAL CG1   HG13   sing N N 434 
VAL CG2   HG21   sing N N 435 
VAL CG2   HG22   sing N N 436 
VAL CG2   HG23   sing N N 437 
VAL OXT   HXT    sing N N 438 
# 
loop_
_pdbx_entity_nonpoly.entity_id 
_pdbx_entity_nonpoly.name 
_pdbx_entity_nonpoly.comp_id 
2 'MAGNESIUM ION'                          MG  
3 "DEOXYURIDINE-5'-TRIPHOSPHATE"           DUT 
4 2-AMINO-2-HYDROXYMETHYL-PROPANE-1,3-DIOL TRS 
5 water                                    HOH 
# 
_pdbx_initial_refinement_model.id               1 
_pdbx_initial_refinement_model.entity_id_list   ? 
_pdbx_initial_refinement_model.type             'experimental model' 
_pdbx_initial_refinement_model.source_name      PDB 
_pdbx_initial_refinement_model.accession_code   1EUW 
_pdbx_initial_refinement_model.details          'PDB ENTRY 1EUW' 
# 
